data_8JAE
# 
_entry.id   8JAE 
# 
_audit_conform.dict_name       mmcif_pdbx.dic 
_audit_conform.dict_version    5.395 
_audit_conform.dict_location   http://mmcif.pdb.org/dictionaries/ascii/mmcif_pdbx.dic 
# 
loop_
_database_2.database_id 
_database_2.database_code 
_database_2.pdbx_database_accession 
_database_2.pdbx_DOI 
PDB   8JAE         pdb_00008jae 10.2210/pdb8jae/pdb 
WWPDB D_1300037501 ?            ?                   
# 
loop_
_pdbx_audit_revision_history.ordinal 
_pdbx_audit_revision_history.data_content_type 
_pdbx_audit_revision_history.major_revision 
_pdbx_audit_revision_history.minor_revision 
_pdbx_audit_revision_history.revision_date 
1 'Structure model' 1 0 2024-05-08 
2 'Structure model' 1 1 2024-07-17 
# 
_pdbx_audit_revision_details.ordinal             1 
_pdbx_audit_revision_details.revision_ordinal    1 
_pdbx_audit_revision_details.data_content_type   'Structure model' 
_pdbx_audit_revision_details.provider            repository 
_pdbx_audit_revision_details.type                'Initial release' 
_pdbx_audit_revision_details.description         ? 
_pdbx_audit_revision_details.details             ? 
# 
_pdbx_audit_revision_group.ordinal             1 
_pdbx_audit_revision_group.revision_ordinal    2 
_pdbx_audit_revision_group.data_content_type   'Structure model' 
_pdbx_audit_revision_group.group               'Source and taxonomy' 
# 
_pdbx_audit_revision_category.ordinal             1 
_pdbx_audit_revision_category.revision_ordinal    2 
_pdbx_audit_revision_category.data_content_type   'Structure model' 
_pdbx_audit_revision_category.category            entity_src_gen 
# 
_pdbx_audit_revision_item.ordinal             1 
_pdbx_audit_revision_item.revision_ordinal    2 
_pdbx_audit_revision_item.data_content_type   'Structure model' 
_pdbx_audit_revision_item.item                '_entity_src_gen.gene_src_details' 
# 
_pdbx_database_status.status_code                     REL 
_pdbx_database_status.status_code_sf                  REL 
_pdbx_database_status.status_code_mr                  ? 
_pdbx_database_status.entry_id                        8JAE 
_pdbx_database_status.recvd_initial_deposition_date   2023-05-05 
_pdbx_database_status.SG_entry                        N 
_pdbx_database_status.deposit_site                    PDBJ 
_pdbx_database_status.process_site                    PDBJ 
_pdbx_database_status.status_code_cs                  ? 
_pdbx_database_status.status_code_nmr_data            ? 
_pdbx_database_status.methods_development_category    ? 
_pdbx_database_status.pdb_format_compatible           Y 
# 
_pdbx_contact_author.id                 2 
_pdbx_contact_author.email              tueno@bio.titech.ac.jp 
_pdbx_contact_author.name_first         Takafumi 
_pdbx_contact_author.name_last          Ueno 
_pdbx_contact_author.name_mi            ? 
_pdbx_contact_author.role               'principal investigator/group leader' 
_pdbx_contact_author.identifier_ORCID   0000-0001-9219-0726 
# 
loop_
_audit_author.name 
_audit_author.pdbx_ordinal 
_audit_author.identifier_ORCID 
'Kojima, M.' 1 0000-0002-9853-323X 
'Ueno, T.'   2 0000-0001-9219-0726 
'Abe, S.'    3 0000-0002-9403-4089 
'Hirata, K.' 4 ?                   
# 
_citation.abstract                  ? 
_citation.abstract_id_CAS           ? 
_citation.book_id_ISBN              ? 
_citation.book_publisher            ? 
_citation.book_publisher_city       ? 
_citation.book_title                ? 
_citation.coordinate_linkage        ? 
_citation.country                   ? 
_citation.database_id_Medline       ? 
_citation.details                   ? 
_citation.id                        primary 
_citation.journal_abbrev            'To Be Published' 
_citation.journal_id_ASTM           ? 
_citation.journal_id_CSD            0353 
_citation.journal_id_ISSN           ? 
_citation.journal_full              ? 
_citation.journal_issue             ? 
_citation.journal_volume            ? 
_citation.language                  ? 
_citation.page_first                ? 
_citation.page_last                 ? 
_citation.title                     'Cell-free protein crystallization for rapid structure determination of multiple substrates' 
_citation.year                      ? 
_citation.database_id_CSD           ? 
_citation.pdbx_database_id_DOI      ? 
_citation.pdbx_database_id_PubMed   ? 
_citation.pdbx_database_id_patent   ? 
_citation.unpublished_flag          ? 
# 
loop_
_citation_author.citation_id 
_citation_author.name 
_citation_author.ordinal 
_citation_author.identifier_ORCID 
primary 'Kojima, M.' 1 0000-0002-9853-323X 
primary 'Abe, S.'    2 ?                   
primary 'Hirata, K.' 3 ?                   
primary 'Ueno, T.'   4 ?                   
# 
loop_
_entity.id 
_entity.type 
_entity.src_method 
_entity.pdbx_description 
_entity.formula_weight 
_entity.pdbx_number_of_molecules 
_entity.pdbx_ec 
_entity.pdbx_mutation 
_entity.pdbx_fragment 
_entity.details 
1 polymer  man Galectin-10                                                                      16413.797 1   ? E33A ? ? 
2 branched syn 'alpha-D-glucopyranose-(1-2)-[alpha-D-glucopyranose-(1-3)]beta-D-fructofuranose' 504.438   1   ? ?    ? ? 
3 water    nat water                                                                            18.015    156 ? ?    ? ? 
# 
_entity_name_com.entity_id   1 
_entity_name_com.name        'Gal-10,Charcot-Leyden crystal protein,CLC,Eosinophil lysophospholipase,Lysolecithin acylhydrolase' 
# 
_entity_poly.entity_id                      1 
_entity_poly.type                           'polypeptide(L)' 
_entity_poly.nstd_linkage                   no 
_entity_poly.nstd_monomer                   no 
_entity_poly.pdbx_seq_one_letter_code       
;MSLLPVPYTEAASLSTGSTVTIKGRPLACFLNAPYLQVDFHTEMKEESDIVFHFQVCFGRRVVMNSREYGAWKQQVESKN
MPFQDGQEFELSISVLPDKYQVMVNGQSSYTFDHRIKPEAVKMVQVWRDISLTKFNVSYLKR
;
_entity_poly.pdbx_seq_one_letter_code_can   
;MSLLPVPYTEAASLSTGSTVTIKGRPLACFLNAPYLQVDFHTEMKEESDIVFHFQVCFGRRVVMNSREYGAWKQQVESKN
MPFQDGQEFELSISVLPDKYQVMVNGQSSYTFDHRIKPEAVKMVQVWRDISLTKFNVSYLKR
;
_entity_poly.pdbx_strand_id                 A 
_entity_poly.pdbx_target_identifier         ? 
# 
_pdbx_entity_nonpoly.entity_id   3 
_pdbx_entity_nonpoly.name        water 
_pdbx_entity_nonpoly.comp_id     HOH 
# 
loop_
_entity_poly_seq.entity_id 
_entity_poly_seq.num 
_entity_poly_seq.mon_id 
_entity_poly_seq.hetero 
1 1   MET n 
1 2   SER n 
1 3   LEU n 
1 4   LEU n 
1 5   PRO n 
1 6   VAL n 
1 7   PRO n 
1 8   TYR n 
1 9   THR n 
1 10  GLU n 
1 11  ALA n 
1 12  ALA n 
1 13  SER n 
1 14  LEU n 
1 15  SER n 
1 16  THR n 
1 17  GLY n 
1 18  SER n 
1 19  THR n 
1 20  VAL n 
1 21  THR n 
1 22  ILE n 
1 23  LYS n 
1 24  GLY n 
1 25  ARG n 
1 26  PRO n 
1 27  LEU n 
1 28  ALA n 
1 29  CYS n 
1 30  PHE n 
1 31  LEU n 
1 32  ASN n 
1 33  ALA n 
1 34  PRO n 
1 35  TYR n 
1 36  LEU n 
1 37  GLN n 
1 38  VAL n 
1 39  ASP n 
1 40  PHE n 
1 41  HIS n 
1 42  THR n 
1 43  GLU n 
1 44  MET n 
1 45  LYS n 
1 46  GLU n 
1 47  GLU n 
1 48  SER n 
1 49  ASP n 
1 50  ILE n 
1 51  VAL n 
1 52  PHE n 
1 53  HIS n 
1 54  PHE n 
1 55  GLN n 
1 56  VAL n 
1 57  CYS n 
1 58  PHE n 
1 59  GLY n 
1 60  ARG n 
1 61  ARG n 
1 62  VAL n 
1 63  VAL n 
1 64  MET n 
1 65  ASN n 
1 66  SER n 
1 67  ARG n 
1 68  GLU n 
1 69  TYR n 
1 70  GLY n 
1 71  ALA n 
1 72  TRP n 
1 73  LYS n 
1 74  GLN n 
1 75  GLN n 
1 76  VAL n 
1 77  GLU n 
1 78  SER n 
1 79  LYS n 
1 80  ASN n 
1 81  MET n 
1 82  PRO n 
1 83  PHE n 
1 84  GLN n 
1 85  ASP n 
1 86  GLY n 
1 87  GLN n 
1 88  GLU n 
1 89  PHE n 
1 90  GLU n 
1 91  LEU n 
1 92  SER n 
1 93  ILE n 
1 94  SER n 
1 95  VAL n 
1 96  LEU n 
1 97  PRO n 
1 98  ASP n 
1 99  LYS n 
1 100 TYR n 
1 101 GLN n 
1 102 VAL n 
1 103 MET n 
1 104 VAL n 
1 105 ASN n 
1 106 GLY n 
1 107 GLN n 
1 108 SER n 
1 109 SER n 
1 110 TYR n 
1 111 THR n 
1 112 PHE n 
1 113 ASP n 
1 114 HIS n 
1 115 ARG n 
1 116 ILE n 
1 117 LYS n 
1 118 PRO n 
1 119 GLU n 
1 120 ALA n 
1 121 VAL n 
1 122 LYS n 
1 123 MET n 
1 124 VAL n 
1 125 GLN n 
1 126 VAL n 
1 127 TRP n 
1 128 ARG n 
1 129 ASP n 
1 130 ILE n 
1 131 SER n 
1 132 LEU n 
1 133 THR n 
1 134 LYS n 
1 135 PHE n 
1 136 ASN n 
1 137 VAL n 
1 138 SER n 
1 139 TYR n 
1 140 LEU n 
1 141 LYS n 
1 142 ARG n 
# 
_entity_src_gen.entity_id                          1 
_entity_src_gen.pdbx_src_id                        1 
_entity_src_gen.pdbx_alt_source_flag               sample 
_entity_src_gen.pdbx_seq_type                      'Biological sequence' 
_entity_src_gen.pdbx_beg_seq_num                   1 
_entity_src_gen.pdbx_end_seq_num                   142 
_entity_src_gen.gene_src_common_name               human 
_entity_src_gen.gene_src_genus                     ? 
_entity_src_gen.pdbx_gene_src_gene                 'CLC, LGALS10, LGALS10A' 
_entity_src_gen.gene_src_species                   ? 
_entity_src_gen.gene_src_strain                    ? 
_entity_src_gen.gene_src_tissue                    ? 
_entity_src_gen.gene_src_tissue_fraction           ? 
_entity_src_gen.gene_src_details                   ? 
_entity_src_gen.pdbx_gene_src_fragment             ? 
_entity_src_gen.pdbx_gene_src_scientific_name      'Homo sapiens' 
_entity_src_gen.pdbx_gene_src_ncbi_taxonomy_id     9606 
_entity_src_gen.pdbx_gene_src_variant              ? 
_entity_src_gen.pdbx_gene_src_cell_line            ? 
_entity_src_gen.pdbx_gene_src_atcc                 ? 
_entity_src_gen.pdbx_gene_src_organ                ? 
_entity_src_gen.pdbx_gene_src_organelle            ? 
_entity_src_gen.pdbx_gene_src_cell                 ? 
_entity_src_gen.pdbx_gene_src_cellular_location    ? 
_entity_src_gen.host_org_common_name               ? 
_entity_src_gen.pdbx_host_org_scientific_name      'Triticum aestivum' 
_entity_src_gen.pdbx_host_org_ncbi_taxonomy_id     4565 
_entity_src_gen.host_org_genus                     ? 
_entity_src_gen.pdbx_host_org_gene                 ? 
_entity_src_gen.pdbx_host_org_organ                ? 
_entity_src_gen.host_org_species                   ? 
_entity_src_gen.pdbx_host_org_tissue               ? 
_entity_src_gen.pdbx_host_org_tissue_fraction      ? 
_entity_src_gen.pdbx_host_org_strain               ? 
_entity_src_gen.pdbx_host_org_variant              ? 
_entity_src_gen.pdbx_host_org_cell_line            ? 
_entity_src_gen.pdbx_host_org_atcc                 ? 
_entity_src_gen.pdbx_host_org_culture_collection   ? 
_entity_src_gen.pdbx_host_org_cell                 ? 
_entity_src_gen.pdbx_host_org_organelle            ? 
_entity_src_gen.pdbx_host_org_cellular_location    ? 
_entity_src_gen.pdbx_host_org_vector_type          ? 
_entity_src_gen.pdbx_host_org_vector               ? 
_entity_src_gen.host_org_details                   ? 
_entity_src_gen.expression_system_id               ? 
_entity_src_gen.plasmid_name                       ? 
_entity_src_gen.plasmid_details                    ? 
_entity_src_gen.pdbx_description                   'cell-free synthesis' 
# 
_pdbx_entity_branch.entity_id   2 
_pdbx_entity_branch.type        oligosaccharide 
# 
loop_
_pdbx_entity_branch_descriptor.ordinal 
_pdbx_entity_branch_descriptor.entity_id 
_pdbx_entity_branch_descriptor.descriptor 
_pdbx_entity_branch_descriptor.type 
_pdbx_entity_branch_descriptor.program 
_pdbx_entity_branch_descriptor.program_version 
1 2 'DGlcpa1-2[DGlcpa1-3]DFrufb'                                       'Glycam Condensed Sequence' GMML       1.0   
2 2 'WURCS=2.0/2,3,2/[a2122h-1a_1-5][ha122h-2b_2-5]/1-2-1/a1-b2_b3-c1' WURCS                       PDB2Glycan 1.1.0 
3 2 '[][b-D-Fruf]{[(2+1)][a-D-Glcp]{}[(3+1)][a-D-Glcp]{}}'             LINUCS                      PDB-CARE   ?     
# 
loop_
_pdbx_entity_branch_link.link_id 
_pdbx_entity_branch_link.entity_id 
_pdbx_entity_branch_link.entity_branch_list_num_1 
_pdbx_entity_branch_link.comp_id_1 
_pdbx_entity_branch_link.atom_id_1 
_pdbx_entity_branch_link.leaving_atom_id_1 
_pdbx_entity_branch_link.entity_branch_list_num_2 
_pdbx_entity_branch_link.comp_id_2 
_pdbx_entity_branch_link.atom_id_2 
_pdbx_entity_branch_link.leaving_atom_id_2 
_pdbx_entity_branch_link.value_order 
_pdbx_entity_branch_link.details 
1 2 2 GLC C1 O1 1 FRU O2 HO2 sing ? 
2 2 3 GLC C1 O1 1 FRU O3 HO3 sing ? 
# 
loop_
_chem_comp.id 
_chem_comp.type 
_chem_comp.mon_nstd_flag 
_chem_comp.name 
_chem_comp.pdbx_synonyms 
_chem_comp.formula 
_chem_comp.formula_weight 
ALA 'L-peptide linking'           y ALANINE               ?                                       'C3 H7 N O2'     89.093  
ARG 'L-peptide linking'           y ARGININE              ?                                       'C6 H15 N4 O2 1' 175.209 
ASN 'L-peptide linking'           y ASPARAGINE            ?                                       'C4 H8 N2 O3'    132.118 
ASP 'L-peptide linking'           y 'ASPARTIC ACID'       ?                                       'C4 H7 N O4'     133.103 
CYS 'L-peptide linking'           y CYSTEINE              ?                                       'C3 H7 N O2 S'   121.158 
FRU 'D-saccharide, beta linking'  . beta-D-fructofuranose 'beta-D-fructose; D-fructose; fructose' 'C6 H12 O6'      180.156 
GLC 'D-saccharide, alpha linking' . alpha-D-glucopyranose 'alpha-D-glucose; D-glucose; glucose'   'C6 H12 O6'      180.156 
GLN 'L-peptide linking'           y GLUTAMINE             ?                                       'C5 H10 N2 O3'   146.144 
GLU 'L-peptide linking'           y 'GLUTAMIC ACID'       ?                                       'C5 H9 N O4'     147.129 
GLY 'peptide linking'             y GLYCINE               ?                                       'C2 H5 N O2'     75.067  
HIS 'L-peptide linking'           y HISTIDINE             ?                                       'C6 H10 N3 O2 1' 156.162 
HOH non-polymer                   . WATER                 ?                                       'H2 O'           18.015  
ILE 'L-peptide linking'           y ISOLEUCINE            ?                                       'C6 H13 N O2'    131.173 
LEU 'L-peptide linking'           y LEUCINE               ?                                       'C6 H13 N O2'    131.173 
LYS 'L-peptide linking'           y LYSINE                ?                                       'C6 H15 N2 O2 1' 147.195 
MET 'L-peptide linking'           y METHIONINE            ?                                       'C5 H11 N O2 S'  149.211 
PHE 'L-peptide linking'           y PHENYLALANINE         ?                                       'C9 H11 N O2'    165.189 
PRO 'L-peptide linking'           y PROLINE               ?                                       'C5 H9 N O2'     115.130 
SER 'L-peptide linking'           y SERINE                ?                                       'C3 H7 N O3'     105.093 
THR 'L-peptide linking'           y THREONINE             ?                                       'C4 H9 N O3'     119.119 
TRP 'L-peptide linking'           y TRYPTOPHAN            ?                                       'C11 H12 N2 O2'  204.225 
TYR 'L-peptide linking'           y TYROSINE              ?                                       'C9 H11 N O3'    181.189 
VAL 'L-peptide linking'           y VALINE                ?                                       'C5 H11 N O2'    117.146 
# 
loop_
_pdbx_chem_comp_identifier.comp_id 
_pdbx_chem_comp_identifier.type 
_pdbx_chem_comp_identifier.program 
_pdbx_chem_comp_identifier.program_version 
_pdbx_chem_comp_identifier.identifier 
FRU 'CONDENSED IUPAC CARBOHYDRATE SYMBOL' GMML     1.0 DFrufb             
FRU 'COMMON NAME'                         GMML     1.0 b-D-fructofuranose 
FRU 'IUPAC CARBOHYDRATE SYMBOL'           PDB-CARE 1.0 b-D-Fruf           
FRU 'SNFG CARBOHYDRATE SYMBOL'            GMML     1.0 Fru                
GLC 'CONDENSED IUPAC CARBOHYDRATE SYMBOL' GMML     1.0 DGlcpa             
GLC 'COMMON NAME'                         GMML     1.0 a-D-glucopyranose  
GLC 'IUPAC CARBOHYDRATE SYMBOL'           PDB-CARE 1.0 a-D-Glcp           
GLC 'SNFG CARBOHYDRATE SYMBOL'            GMML     1.0 Glc                
# 
loop_
_pdbx_poly_seq_scheme.asym_id 
_pdbx_poly_seq_scheme.entity_id 
_pdbx_poly_seq_scheme.seq_id 
_pdbx_poly_seq_scheme.mon_id 
_pdbx_poly_seq_scheme.ndb_seq_num 
_pdbx_poly_seq_scheme.pdb_seq_num 
_pdbx_poly_seq_scheme.auth_seq_num 
_pdbx_poly_seq_scheme.pdb_mon_id 
_pdbx_poly_seq_scheme.auth_mon_id 
_pdbx_poly_seq_scheme.pdb_strand_id 
_pdbx_poly_seq_scheme.pdb_ins_code 
_pdbx_poly_seq_scheme.hetero 
A 1 1   MET 1   1   ?   ?   ?   A . n 
A 1 2   SER 2   2   ?   ?   ?   A . n 
A 1 3   LEU 3   3   3   LEU LEU A . n 
A 1 4   LEU 4   4   4   LEU LEU A . n 
A 1 5   PRO 5   5   5   PRO PRO A . n 
A 1 6   VAL 6   6   6   VAL VAL A . n 
A 1 7   PRO 7   7   7   PRO PRO A . n 
A 1 8   TYR 8   8   8   TYR TYR A . n 
A 1 9   THR 9   9   9   THR THR A . n 
A 1 10  GLU 10  10  10  GLU GLU A . n 
A 1 11  ALA 11  11  11  ALA ALA A . n 
A 1 12  ALA 12  12  12  ALA ALA A . n 
A 1 13  SER 13  13  13  SER SER A . n 
A 1 14  LEU 14  14  14  LEU LEU A . n 
A 1 15  SER 15  15  15  SER SER A . n 
A 1 16  THR 16  16  16  THR THR A . n 
A 1 17  GLY 17  17  17  GLY GLY A . n 
A 1 18  SER 18  18  18  SER SER A . n 
A 1 19  THR 19  19  19  THR THR A . n 
A 1 20  VAL 20  20  20  VAL VAL A . n 
A 1 21  THR 21  21  21  THR THR A . n 
A 1 22  ILE 22  22  22  ILE ILE A . n 
A 1 23  LYS 23  23  23  LYS LYS A . n 
A 1 24  GLY 24  24  24  GLY GLY A . n 
A 1 25  ARG 25  25  25  ARG ARG A . n 
A 1 26  PRO 26  26  26  PRO PRO A . n 
A 1 27  LEU 27  27  27  LEU LEU A . n 
A 1 28  ALA 28  28  28  ALA ALA A . n 
A 1 29  CYS 29  29  29  CYS CYS A . n 
A 1 30  PHE 30  30  30  PHE PHE A . n 
A 1 31  LEU 31  31  31  LEU LEU A . n 
A 1 32  ASN 32  32  32  ASN ASN A . n 
A 1 33  ALA 33  33  33  ALA ALA A . n 
A 1 34  PRO 34  34  34  PRO PRO A . n 
A 1 35  TYR 35  35  35  TYR TYR A . n 
A 1 36  LEU 36  36  36  LEU LEU A . n 
A 1 37  GLN 37  37  37  GLN GLN A . n 
A 1 38  VAL 38  38  38  VAL VAL A . n 
A 1 39  ASP 39  39  39  ASP ASP A . n 
A 1 40  PHE 40  40  40  PHE PHE A . n 
A 1 41  HIS 41  41  41  HIS HIS A . n 
A 1 42  THR 42  42  42  THR THR A . n 
A 1 43  GLU 43  43  43  GLU GLU A . n 
A 1 44  MET 44  44  44  MET MET A . n 
A 1 45  LYS 45  45  45  LYS LYS A . n 
A 1 46  GLU 46  46  46  GLU GLU A . n 
A 1 47  GLU 47  47  47  GLU GLU A . n 
A 1 48  SER 48  48  48  SER SER A . n 
A 1 49  ASP 49  49  49  ASP ASP A . n 
A 1 50  ILE 50  50  50  ILE ILE A . n 
A 1 51  VAL 51  51  51  VAL VAL A . n 
A 1 52  PHE 52  52  52  PHE PHE A . n 
A 1 53  HIS 53  53  53  HIS HIS A . n 
A 1 54  PHE 54  54  54  PHE PHE A . n 
A 1 55  GLN 55  55  55  GLN GLN A . n 
A 1 56  VAL 56  56  56  VAL VAL A . n 
A 1 57  CYS 57  57  57  CYS CYS A . n 
A 1 58  PHE 58  58  58  PHE PHE A . n 
A 1 59  GLY 59  59  59  GLY GLY A . n 
A 1 60  ARG 60  60  60  ARG ARG A . n 
A 1 61  ARG 61  61  61  ARG ARG A . n 
A 1 62  VAL 62  62  62  VAL VAL A . n 
A 1 63  VAL 63  63  63  VAL VAL A . n 
A 1 64  MET 64  64  64  MET MET A . n 
A 1 65  ASN 65  65  65  ASN ASN A . n 
A 1 66  SER 66  66  66  SER SER A . n 
A 1 67  ARG 67  67  67  ARG ARG A . n 
A 1 68  GLU 68  68  68  GLU GLU A . n 
A 1 69  TYR 69  69  69  TYR TYR A . n 
A 1 70  GLY 70  70  70  GLY GLY A . n 
A 1 71  ALA 71  71  71  ALA ALA A . n 
A 1 72  TRP 72  72  72  TRP TRP A . n 
A 1 73  LYS 73  73  73  LYS LYS A . n 
A 1 74  GLN 74  74  74  GLN GLN A . n 
A 1 75  GLN 75  75  75  GLN GLN A . n 
A 1 76  VAL 76  76  76  VAL VAL A . n 
A 1 77  GLU 77  77  77  GLU GLU A . n 
A 1 78  SER 78  78  78  SER SER A . n 
A 1 79  LYS 79  79  79  LYS LYS A . n 
A 1 80  ASN 80  80  80  ASN ASN A . n 
A 1 81  MET 81  81  81  MET MET A . n 
A 1 82  PRO 82  82  82  PRO PRO A . n 
A 1 83  PHE 83  83  83  PHE PHE A . n 
A 1 84  GLN 84  84  84  GLN GLN A . n 
A 1 85  ASP 85  85  85  ASP ASP A . n 
A 1 86  GLY 86  86  86  GLY GLY A . n 
A 1 87  GLN 87  87  87  GLN GLN A . n 
A 1 88  GLU 88  88  88  GLU GLU A . n 
A 1 89  PHE 89  89  89  PHE PHE A . n 
A 1 90  GLU 90  90  90  GLU GLU A . n 
A 1 91  LEU 91  91  91  LEU LEU A . n 
A 1 92  SER 92  92  92  SER SER A . n 
A 1 93  ILE 93  93  93  ILE ILE A . n 
A 1 94  SER 94  94  94  SER SER A . n 
A 1 95  VAL 95  95  95  VAL VAL A . n 
A 1 96  LEU 96  96  96  LEU LEU A . n 
A 1 97  PRO 97  97  97  PRO PRO A . n 
A 1 98  ASP 98  98  98  ASP ASP A . n 
A 1 99  LYS 99  99  99  LYS LYS A . n 
A 1 100 TYR 100 100 100 TYR TYR A . n 
A 1 101 GLN 101 101 101 GLN GLN A . n 
A 1 102 VAL 102 102 102 VAL VAL A . n 
A 1 103 MET 103 103 103 MET MET A . n 
A 1 104 VAL 104 104 104 VAL VAL A . n 
A 1 105 ASN 105 105 105 ASN ASN A . n 
A 1 106 GLY 106 106 106 GLY GLY A . n 
A 1 107 GLN 107 107 107 GLN GLN A . n 
A 1 108 SER 108 108 108 SER SER A . n 
A 1 109 SER 109 109 109 SER SER A . n 
A 1 110 TYR 110 110 110 TYR TYR A . n 
A 1 111 THR 111 111 111 THR THR A . n 
A 1 112 PHE 112 112 112 PHE PHE A . n 
A 1 113 ASP 113 113 113 ASP ASP A . n 
A 1 114 HIS 114 114 114 HIS HIS A . n 
A 1 115 ARG 115 115 115 ARG ARG A . n 
A 1 116 ILE 116 116 116 ILE ILE A . n 
A 1 117 LYS 117 117 117 LYS LYS A . n 
A 1 118 PRO 118 118 118 PRO PRO A . n 
A 1 119 GLU 119 119 119 GLU GLU A . n 
A 1 120 ALA 120 120 120 ALA ALA A . n 
A 1 121 VAL 121 121 121 VAL VAL A . n 
A 1 122 LYS 122 122 122 LYS LYS A . n 
A 1 123 MET 123 123 123 MET MET A . n 
A 1 124 VAL 124 124 124 VAL VAL A . n 
A 1 125 GLN 125 125 125 GLN GLN A . n 
A 1 126 VAL 126 126 126 VAL VAL A . n 
A 1 127 TRP 127 127 127 TRP TRP A . n 
A 1 128 ARG 128 128 128 ARG ARG A . n 
A 1 129 ASP 129 129 129 ASP ASP A . n 
A 1 130 ILE 130 130 130 ILE ILE A . n 
A 1 131 SER 131 131 131 SER SER A . n 
A 1 132 LEU 132 132 132 LEU LEU A . n 
A 1 133 THR 133 133 133 THR THR A . n 
A 1 134 LYS 134 134 134 LYS LYS A . n 
A 1 135 PHE 135 135 135 PHE PHE A . n 
A 1 136 ASN 136 136 136 ASN ASN A . n 
A 1 137 VAL 137 137 137 VAL VAL A . n 
A 1 138 SER 138 138 138 SER SER A . n 
A 1 139 TYR 139 139 139 TYR TYR A . n 
A 1 140 LEU 140 140 140 LEU LEU A . n 
A 1 141 LYS 141 141 141 LYS LYS A . n 
A 1 142 ARG 142 142 142 ARG ARG A . n 
# 
loop_
_pdbx_branch_scheme.asym_id 
_pdbx_branch_scheme.entity_id 
_pdbx_branch_scheme.mon_id 
_pdbx_branch_scheme.num 
_pdbx_branch_scheme.pdb_asym_id 
_pdbx_branch_scheme.pdb_mon_id 
_pdbx_branch_scheme.pdb_seq_num 
_pdbx_branch_scheme.auth_asym_id 
_pdbx_branch_scheme.auth_mon_id 
_pdbx_branch_scheme.auth_seq_num 
_pdbx_branch_scheme.hetero 
B 2 FRU 1 B FRU 1 A MEL 201 n 
B 2 GLC 2 B GLC 2 A MEL 201 n 
B 2 GLC 3 B GLC 3 A MEL 201 n 
# 
loop_
_pdbx_nonpoly_scheme.asym_id 
_pdbx_nonpoly_scheme.entity_id 
_pdbx_nonpoly_scheme.mon_id 
_pdbx_nonpoly_scheme.ndb_seq_num 
_pdbx_nonpoly_scheme.pdb_seq_num 
_pdbx_nonpoly_scheme.auth_seq_num 
_pdbx_nonpoly_scheme.pdb_mon_id 
_pdbx_nonpoly_scheme.auth_mon_id 
_pdbx_nonpoly_scheme.pdb_strand_id 
_pdbx_nonpoly_scheme.pdb_ins_code 
C 3 HOH 1   201 150 HOH HOH A . 
C 3 HOH 2   202 153 HOH HOH A . 
C 3 HOH 3   203 116 HOH HOH A . 
C 3 HOH 4   204 65  HOH HOH A . 
C 3 HOH 5   205 159 HOH HOH A . 
C 3 HOH 6   206 71  HOH HOH A . 
C 3 HOH 7   207 183 HOH HOH A . 
C 3 HOH 8   208 23  HOH HOH A . 
C 3 HOH 9   209 83  HOH HOH A . 
C 3 HOH 10  210 114 HOH HOH A . 
C 3 HOH 11  211 60  HOH HOH A . 
C 3 HOH 12  212 22  HOH HOH A . 
C 3 HOH 13  213 182 HOH HOH A . 
C 3 HOH 14  214 120 HOH HOH A . 
C 3 HOH 15  215 55  HOH HOH A . 
C 3 HOH 16  216 184 HOH HOH A . 
C 3 HOH 17  217 44  HOH HOH A . 
C 3 HOH 18  218 20  HOH HOH A . 
C 3 HOH 19  219 115 HOH HOH A . 
C 3 HOH 20  220 36  HOH HOH A . 
C 3 HOH 21  221 40  HOH HOH A . 
C 3 HOH 22  222 126 HOH HOH A . 
C 3 HOH 23  223 149 HOH HOH A . 
C 3 HOH 24  224 119 HOH HOH A . 
C 3 HOH 25  225 4   HOH HOH A . 
C 3 HOH 26  226 166 HOH HOH A . 
C 3 HOH 27  227 96  HOH HOH A . 
C 3 HOH 28  228 113 HOH HOH A . 
C 3 HOH 29  229 1   HOH HOH A . 
C 3 HOH 30  230 46  HOH HOH A . 
C 3 HOH 31  231 16  HOH HOH A . 
C 3 HOH 32  232 86  HOH HOH A . 
C 3 HOH 33  233 61  HOH HOH A . 
C 3 HOH 34  234 41  HOH HOH A . 
C 3 HOH 35  235 64  HOH HOH A . 
C 3 HOH 36  236 49  HOH HOH A . 
C 3 HOH 37  237 105 HOH HOH A . 
C 3 HOH 38  238 10  HOH HOH A . 
C 3 HOH 39  239 110 HOH HOH A . 
C 3 HOH 40  240 29  HOH HOH A . 
C 3 HOH 41  241 117 HOH HOH A . 
C 3 HOH 42  242 109 HOH HOH A . 
C 3 HOH 43  243 99  HOH HOH A . 
C 3 HOH 44  244 19  HOH HOH A . 
C 3 HOH 45  245 38  HOH HOH A . 
C 3 HOH 46  246 13  HOH HOH A . 
C 3 HOH 47  247 21  HOH HOH A . 
C 3 HOH 48  248 100 HOH HOH A . 
C 3 HOH 49  249 118 HOH HOH A . 
C 3 HOH 50  250 91  HOH HOH A . 
C 3 HOH 51  251 33  HOH HOH A . 
C 3 HOH 52  252 14  HOH HOH A . 
C 3 HOH 53  253 2   HOH HOH A . 
C 3 HOH 54  254 52  HOH HOH A . 
C 3 HOH 55  255 62  HOH HOH A . 
C 3 HOH 56  256 107 HOH HOH A . 
C 3 HOH 57  257 9   HOH HOH A . 
C 3 HOH 58  258 72  HOH HOH A . 
C 3 HOH 59  259 102 HOH HOH A . 
C 3 HOH 60  260 73  HOH HOH A . 
C 3 HOH 61  261 34  HOH HOH A . 
C 3 HOH 62  262 75  HOH HOH A . 
C 3 HOH 63  263 108 HOH HOH A . 
C 3 HOH 64  264 42  HOH HOH A . 
C 3 HOH 65  265 12  HOH HOH A . 
C 3 HOH 66  266 30  HOH HOH A . 
C 3 HOH 67  267 162 HOH HOH A . 
C 3 HOH 68  268 51  HOH HOH A . 
C 3 HOH 69  269 11  HOH HOH A . 
C 3 HOH 70  270 84  HOH HOH A . 
C 3 HOH 71  271 70  HOH HOH A . 
C 3 HOH 72  272 28  HOH HOH A . 
C 3 HOH 73  273 15  HOH HOH A . 
C 3 HOH 74  274 3   HOH HOH A . 
C 3 HOH 75  275 6   HOH HOH A . 
C 3 HOH 76  276 8   HOH HOH A . 
C 3 HOH 77  277 122 HOH HOH A . 
C 3 HOH 78  278 25  HOH HOH A . 
C 3 HOH 79  279 66  HOH HOH A . 
C 3 HOH 80  280 89  HOH HOH A . 
C 3 HOH 81  281 7   HOH HOH A . 
C 3 HOH 82  282 47  HOH HOH A . 
C 3 HOH 83  283 39  HOH HOH A . 
C 3 HOH 84  284 43  HOH HOH A . 
C 3 HOH 85  285 98  HOH HOH A . 
C 3 HOH 86  286 5   HOH HOH A . 
C 3 HOH 87  287 81  HOH HOH A . 
C 3 HOH 88  288 53  HOH HOH A . 
C 3 HOH 89  289 124 HOH HOH A . 
C 3 HOH 90  290 88  HOH HOH A . 
C 3 HOH 91  291 48  HOH HOH A . 
C 3 HOH 92  292 37  HOH HOH A . 
C 3 HOH 93  293 127 HOH HOH A . 
C 3 HOH 94  294 58  HOH HOH A . 
C 3 HOH 95  295 24  HOH HOH A . 
C 3 HOH 96  296 54  HOH HOH A . 
C 3 HOH 97  297 18  HOH HOH A . 
C 3 HOH 98  298 82  HOH HOH A . 
C 3 HOH 99  299 123 HOH HOH A . 
C 3 HOH 100 300 63  HOH HOH A . 
C 3 HOH 101 301 67  HOH HOH A . 
C 3 HOH 102 302 17  HOH HOH A . 
C 3 HOH 103 303 146 HOH HOH A . 
C 3 HOH 104 304 26  HOH HOH A . 
C 3 HOH 105 305 104 HOH HOH A . 
C 3 HOH 106 306 59  HOH HOH A . 
C 3 HOH 107 307 74  HOH HOH A . 
C 3 HOH 108 308 57  HOH HOH A . 
C 3 HOH 109 309 68  HOH HOH A . 
C 3 HOH 110 310 31  HOH HOH A . 
C 3 HOH 111 311 106 HOH HOH A . 
C 3 HOH 112 312 35  HOH HOH A . 
C 3 HOH 113 313 94  HOH HOH A . 
C 3 HOH 114 314 27  HOH HOH A . 
C 3 HOH 115 315 69  HOH HOH A . 
C 3 HOH 116 316 87  HOH HOH A . 
C 3 HOH 117 317 85  HOH HOH A . 
C 3 HOH 118 318 97  HOH HOH A . 
C 3 HOH 119 319 45  HOH HOH A . 
C 3 HOH 120 320 138 HOH HOH A . 
C 3 HOH 121 321 32  HOH HOH A . 
C 3 HOH 122 322 173 HOH HOH A . 
C 3 HOH 123 323 95  HOH HOH A . 
C 3 HOH 124 324 130 HOH HOH A . 
C 3 HOH 125 325 151 HOH HOH A . 
C 3 HOH 126 326 78  HOH HOH A . 
C 3 HOH 127 327 77  HOH HOH A . 
C 3 HOH 128 328 152 HOH HOH A . 
C 3 HOH 129 329 101 HOH HOH A . 
C 3 HOH 130 330 134 HOH HOH A . 
C 3 HOH 131 331 137 HOH HOH A . 
C 3 HOH 132 332 167 HOH HOH A . 
C 3 HOH 133 333 131 HOH HOH A . 
C 3 HOH 134 334 181 HOH HOH A . 
C 3 HOH 135 335 136 HOH HOH A . 
C 3 HOH 136 336 144 HOH HOH A . 
C 3 HOH 137 337 50  HOH HOH A . 
C 3 HOH 138 338 141 HOH HOH A . 
C 3 HOH 139 339 148 HOH HOH A . 
C 3 HOH 140 340 135 HOH HOH A . 
C 3 HOH 141 341 171 HOH HOH A . 
C 3 HOH 142 342 79  HOH HOH A . 
C 3 HOH 143 343 172 HOH HOH A . 
C 3 HOH 144 344 133 HOH HOH A . 
C 3 HOH 145 345 145 HOH HOH A . 
C 3 HOH 146 346 76  HOH HOH A . 
C 3 HOH 147 347 112 HOH HOH A . 
C 3 HOH 148 348 56  HOH HOH A . 
C 3 HOH 149 349 139 HOH HOH A . 
C 3 HOH 150 350 147 HOH HOH A . 
C 3 HOH 151 351 176 HOH HOH A . 
C 3 HOH 152 352 140 HOH HOH A . 
C 3 HOH 153 353 178 HOH HOH A . 
C 3 HOH 154 354 177 HOH HOH A . 
C 3 HOH 155 355 132 HOH HOH A . 
C 3 HOH 156 356 129 HOH HOH A . 
# 
loop_
_software.citation_id 
_software.classification 
_software.compiler_name 
_software.compiler_version 
_software.contact_author 
_software.contact_author_email 
_software.date 
_software.description 
_software.dependencies 
_software.hardware 
_software.language 
_software.location 
_software.mods 
_software.name 
_software.os 
_software.os_version 
_software.type 
_software.version 
_software.pdbx_ordinal 
? refinement       ? ? ? ? ? ? ? ? ? ? ? PHENIX ? ? ? 1.19.2_4158  1 
? 'data reduction' ? ? ? ? ? ? ? ? ? ? ? XDS    ? ? ? .            2 
? 'data scaling'   ? ? ? ? ? ? ? ? ? ? ? XSCALE ? ? ? .            3 
? phasing          ? ? ? ? ? ? ? ? ? ? ? MOLREP ? ? ? .            4 
? 'model building' ? ? ? ? ? ? ? ? ? ? ? Coot   ? ? ? '0.8.9.2 EL' 5 
# 
_cell.angle_alpha                  90.000 
_cell.angle_alpha_esd              ? 
_cell.angle_beta                   90.000 
_cell.angle_beta_esd               ? 
_cell.angle_gamma                  120.000 
_cell.angle_gamma_esd              ? 
_cell.entry_id                     8JAE 
_cell.details                      ? 
_cell.formula_units_Z              ? 
_cell.length_a                     49.160 
_cell.length_a_esd                 ? 
_cell.length_b                     49.160 
_cell.length_b_esd                 ? 
_cell.length_c                     262.560 
_cell.length_c_esd                 ? 
_cell.volume                       549519.292 
_cell.volume_esd                   ? 
_cell.Z_PDB                        12 
_cell.reciprocal_angle_alpha       ? 
_cell.reciprocal_angle_beta        ? 
_cell.reciprocal_angle_gamma       ? 
_cell.reciprocal_angle_alpha_esd   ? 
_cell.reciprocal_angle_beta_esd    ? 
_cell.reciprocal_angle_gamma_esd   ? 
_cell.reciprocal_length_a          ? 
_cell.reciprocal_length_b          ? 
_cell.reciprocal_length_c          ? 
_cell.reciprocal_length_a_esd      ? 
_cell.reciprocal_length_b_esd      ? 
_cell.reciprocal_length_c_esd      ? 
_cell.pdbx_unique_axis             ? 
_cell.pdbx_esd_method              ? 
# 
_symmetry.entry_id                         8JAE 
_symmetry.cell_setting                     ? 
_symmetry.Int_Tables_number                179 
_symmetry.space_group_name_Hall            'P 65 2 (x,y,z+1/12)' 
_symmetry.space_group_name_H-M             'P 65 2 2' 
_symmetry.pdbx_full_space_group_name_H-M   ? 
# 
_exptl.absorpt_coefficient_mu     ? 
_exptl.absorpt_correction_T_max   ? 
_exptl.absorpt_correction_T_min   ? 
_exptl.absorpt_correction_type    ? 
_exptl.absorpt_process_details    ? 
_exptl.entry_id                   8JAE 
_exptl.crystals_number            1 
_exptl.details                    ? 
_exptl.method                     'X-RAY DIFFRACTION' 
_exptl.method_details             ? 
# 
_exptl_crystal.colour                       ? 
_exptl_crystal.density_diffrn               ? 
_exptl_crystal.density_Matthews             2.79 
_exptl_crystal.density_method               ? 
_exptl_crystal.density_percent_sol          55.91 
_exptl_crystal.description                  ? 
_exptl_crystal.F_000                        ? 
_exptl_crystal.id                           1 
_exptl_crystal.preparation                  ? 
_exptl_crystal.size_max                     ? 
_exptl_crystal.size_mid                     ? 
_exptl_crystal.size_min                     ? 
_exptl_crystal.size_rad                     ? 
_exptl_crystal.colour_lustre                ? 
_exptl_crystal.colour_modifier              ? 
_exptl_crystal.colour_primary               ? 
_exptl_crystal.density_meas                 ? 
_exptl_crystal.density_meas_esd             ? 
_exptl_crystal.density_meas_gt              ? 
_exptl_crystal.density_meas_lt              ? 
_exptl_crystal.density_meas_temp            ? 
_exptl_crystal.density_meas_temp_esd        ? 
_exptl_crystal.density_meas_temp_gt         ? 
_exptl_crystal.density_meas_temp_lt         ? 
_exptl_crystal.pdbx_crystal_image_url       ? 
_exptl_crystal.pdbx_crystal_image_format    ? 
_exptl_crystal.pdbx_mosaicity               ? 
_exptl_crystal.pdbx_mosaicity_esd           ? 
_exptl_crystal.pdbx_mosaic_method           ? 
_exptl_crystal.pdbx_mosaic_block_size       ? 
_exptl_crystal.pdbx_mosaic_block_size_esd   ? 
# 
_exptl_crystal_grow.apparatus       ? 
_exptl_crystal_grow.atmosphere      ? 
_exptl_crystal_grow.crystal_id      1 
_exptl_crystal_grow.details         ? 
_exptl_crystal_grow.method          'SMALL TUBES' 
_exptl_crystal_grow.method_ref      ? 
_exptl_crystal_grow.pH              ? 
_exptl_crystal_grow.pressure        ? 
_exptl_crystal_grow.pressure_esd    ? 
_exptl_crystal_grow.seeding         ? 
_exptl_crystal_grow.seeding_ref     ? 
_exptl_crystal_grow.temp_details    ? 
_exptl_crystal_grow.temp_esd        ? 
_exptl_crystal_grow.time            ? 
_exptl_crystal_grow.pdbx_details    'cell-free crystallization' 
_exptl_crystal_grow.pdbx_pH_range   ? 
_exptl_crystal_grow.temp            293 
# 
_diffrn.ambient_environment              ? 
_diffrn.ambient_temp                     100 
_diffrn.ambient_temp_details             ? 
_diffrn.ambient_temp_esd                 ? 
_diffrn.crystal_id                       1 
_diffrn.crystal_support                  ? 
_diffrn.crystal_treatment                ? 
_diffrn.details                          ? 
_diffrn.id                               1 
_diffrn.ambient_pressure                 ? 
_diffrn.ambient_pressure_esd             ? 
_diffrn.ambient_pressure_gt              ? 
_diffrn.ambient_pressure_lt              ? 
_diffrn.ambient_temp_gt                  ? 
_diffrn.ambient_temp_lt                  ? 
_diffrn.pdbx_serial_crystal_experiment   N 
# 
_diffrn_detector.details                      ? 
_diffrn_detector.detector                     PIXEL 
_diffrn_detector.diffrn_id                    1 
_diffrn_detector.type                         'DECTRIS PILATUS3 6M' 
_diffrn_detector.area_resol_mean              ? 
_diffrn_detector.dtime                        ? 
_diffrn_detector.pdbx_frames_total            ? 
_diffrn_detector.pdbx_collection_time_total   ? 
_diffrn_detector.pdbx_collection_date         2023-04-24 
_diffrn_detector.pdbx_frequency               ? 
_diffrn_detector.id                           ? 
_diffrn_detector.number_of_axes               ? 
# 
_diffrn_radiation.collimation                      ? 
_diffrn_radiation.diffrn_id                        1 
_diffrn_radiation.filter_edge                      ? 
_diffrn_radiation.inhomogeneity                    ? 
_diffrn_radiation.monochromator                    ? 
_diffrn_radiation.polarisn_norm                    ? 
_diffrn_radiation.polarisn_ratio                   ? 
_diffrn_radiation.probe                            ? 
_diffrn_radiation.type                             ? 
_diffrn_radiation.xray_symbol                      ? 
_diffrn_radiation.wavelength_id                    1 
_diffrn_radiation.pdbx_monochromatic_or_laue_m_l   M 
_diffrn_radiation.pdbx_wavelength_list             ? 
_diffrn_radiation.pdbx_wavelength                  ? 
_diffrn_radiation.pdbx_diffrn_protocol             'SINGLE WAVELENGTH' 
_diffrn_radiation.pdbx_analyzer                    ? 
_diffrn_radiation.pdbx_scattering_type             x-ray 
# 
_diffrn_radiation_wavelength.id           1 
_diffrn_radiation_wavelength.wavelength   1 
_diffrn_radiation_wavelength.wt           1.0 
# 
_diffrn_source.current                     ? 
_diffrn_source.details                     ? 
_diffrn_source.diffrn_id                   1 
_diffrn_source.power                       ? 
_diffrn_source.size                        ? 
_diffrn_source.source                      SYNCHROTRON 
_diffrn_source.target                      ? 
_diffrn_source.type                        'SPRING-8 BEAMLINE BL32XU' 
_diffrn_source.voltage                     ? 
_diffrn_source.take-off_angle              ? 
_diffrn_source.pdbx_wavelength_list        1 
_diffrn_source.pdbx_wavelength             ? 
_diffrn_source.pdbx_synchrotron_beamline   BL32XU 
_diffrn_source.pdbx_synchrotron_site       SPring-8 
# 
_reflns.B_iso_Wilson_estimate                          15.68 
_reflns.entry_id                                       8JAE 
_reflns.data_reduction_details                         ? 
_reflns.data_reduction_method                          ? 
_reflns.d_resolution_high                              1.62 
_reflns.d_resolution_low                               50 
_reflns.details                                        ? 
_reflns.limit_h_max                                    ? 
_reflns.limit_h_min                                    ? 
_reflns.limit_k_max                                    ? 
_reflns.limit_k_min                                    ? 
_reflns.limit_l_max                                    ? 
_reflns.limit_l_min                                    ? 
_reflns.number_all                                     ? 
_reflns.number_obs                                     25346 
_reflns.observed_criterion                             ? 
_reflns.observed_criterion_F_max                       ? 
_reflns.observed_criterion_F_min                       ? 
_reflns.observed_criterion_I_max                       ? 
_reflns.observed_criterion_I_min                       ? 
_reflns.observed_criterion_sigma_F                     ? 
_reflns.observed_criterion_sigma_I                     ? 
_reflns.percent_possible_obs                           99.8 
_reflns.R_free_details                                 ? 
_reflns.Rmerge_F_all                                   ? 
_reflns.Rmerge_F_obs                                   ? 
_reflns.Friedel_coverage                               ? 
_reflns.number_gt                                      ? 
_reflns.threshold_expression                           ? 
_reflns.pdbx_redundancy                                14.47 
_reflns.pdbx_netI_over_av_sigmaI                       ? 
_reflns.pdbx_netI_over_sigmaI                          10.52 
_reflns.pdbx_res_netI_over_av_sigmaI_2                 ? 
_reflns.pdbx_res_netI_over_sigmaI_2                    ? 
_reflns.pdbx_chi_squared                               ? 
_reflns.pdbx_scaling_rejects                           ? 
_reflns.pdbx_d_res_high_opt                            ? 
_reflns.pdbx_d_res_low_opt                             ? 
_reflns.pdbx_d_res_opt_method                          ? 
_reflns.phase_calculation_details                      ? 
_reflns.pdbx_Rrim_I_all                                ? 
_reflns.pdbx_Rpim_I_all                                ? 
_reflns.pdbx_d_opt                                     ? 
_reflns.pdbx_number_measured_all                       ? 
_reflns.pdbx_diffrn_id                                 1 
_reflns.pdbx_ordinal                                   1 
_reflns.pdbx_CC_half                                   0.988 
_reflns.pdbx_CC_star                                   ? 
_reflns.pdbx_R_split                                   ? 
_reflns.pdbx_Rmerge_I_obs                              ? 
_reflns.pdbx_Rmerge_I_all                              ? 
_reflns.pdbx_Rsym_value                                ? 
_reflns.pdbx_CC_split_method                           ? 
_reflns.pdbx_aniso_diffraction_limit_axis_1_ortho[1]   ? 
_reflns.pdbx_aniso_diffraction_limit_axis_1_ortho[2]   ? 
_reflns.pdbx_aniso_diffraction_limit_axis_1_ortho[3]   ? 
_reflns.pdbx_aniso_diffraction_limit_axis_2_ortho[1]   ? 
_reflns.pdbx_aniso_diffraction_limit_axis_2_ortho[2]   ? 
_reflns.pdbx_aniso_diffraction_limit_axis_2_ortho[3]   ? 
_reflns.pdbx_aniso_diffraction_limit_axis_3_ortho[1]   ? 
_reflns.pdbx_aniso_diffraction_limit_axis_3_ortho[2]   ? 
_reflns.pdbx_aniso_diffraction_limit_axis_3_ortho[3]   ? 
_reflns.pdbx_aniso_diffraction_limit_1                 ? 
_reflns.pdbx_aniso_diffraction_limit_2                 ? 
_reflns.pdbx_aniso_diffraction_limit_3                 ? 
_reflns.pdbx_aniso_B_tensor_eigenvector_1_ortho[1]     ? 
_reflns.pdbx_aniso_B_tensor_eigenvector_1_ortho[2]     ? 
_reflns.pdbx_aniso_B_tensor_eigenvector_1_ortho[3]     ? 
_reflns.pdbx_aniso_B_tensor_eigenvector_2_ortho[1]     ? 
_reflns.pdbx_aniso_B_tensor_eigenvector_2_ortho[2]     ? 
_reflns.pdbx_aniso_B_tensor_eigenvector_2_ortho[3]     ? 
_reflns.pdbx_aniso_B_tensor_eigenvector_3_ortho[1]     ? 
_reflns.pdbx_aniso_B_tensor_eigenvector_3_ortho[2]     ? 
_reflns.pdbx_aniso_B_tensor_eigenvector_3_ortho[3]     ? 
_reflns.pdbx_aniso_B_tensor_eigenvalue_1               ? 
_reflns.pdbx_aniso_B_tensor_eigenvalue_2               ? 
_reflns.pdbx_aniso_B_tensor_eigenvalue_3               ? 
_reflns.pdbx_orthogonalization_convention              ? 
_reflns.pdbx_percent_possible_ellipsoidal              ? 
_reflns.pdbx_percent_possible_spherical                ? 
_reflns.pdbx_percent_possible_ellipsoidal_anomalous    ? 
_reflns.pdbx_percent_possible_spherical_anomalous      ? 
_reflns.pdbx_redundancy_anomalous                      ? 
_reflns.pdbx_CC_half_anomalous                         ? 
_reflns.pdbx_absDiff_over_sigma_anomalous              ? 
_reflns.pdbx_percent_possible_anomalous                ? 
_reflns.pdbx_observed_signal_threshold                 ? 
_reflns.pdbx_signal_type                               ? 
_reflns.pdbx_signal_details                            ? 
_reflns.pdbx_signal_software_id                        ? 
# 
_reflns_shell.d_res_high                                    1.62 
_reflns_shell.d_res_low                                     1.72 
_reflns_shell.meanI_over_sigI_all                           ? 
_reflns_shell.meanI_over_sigI_obs                           ? 
_reflns_shell.number_measured_all                           ? 
_reflns_shell.number_measured_obs                           ? 
_reflns_shell.number_possible                               ? 
_reflns_shell.number_unique_all                             ? 
_reflns_shell.number_unique_obs                             4028 
_reflns_shell.percent_possible_obs                          ? 
_reflns_shell.Rmerge_F_all                                  ? 
_reflns_shell.Rmerge_F_obs                                  ? 
_reflns_shell.meanI_over_sigI_gt                            ? 
_reflns_shell.meanI_over_uI_all                             ? 
_reflns_shell.meanI_over_uI_gt                              ? 
_reflns_shell.number_measured_gt                            ? 
_reflns_shell.number_unique_gt                              ? 
_reflns_shell.percent_possible_gt                           ? 
_reflns_shell.Rmerge_F_gt                                   ? 
_reflns_shell.Rmerge_I_gt                                   ? 
_reflns_shell.pdbx_redundancy                               ? 
_reflns_shell.pdbx_chi_squared                              ? 
_reflns_shell.pdbx_netI_over_sigmaI_all                     ? 
_reflns_shell.pdbx_netI_over_sigmaI_obs                     ? 
_reflns_shell.pdbx_Rrim_I_all                               ? 
_reflns_shell.pdbx_Rpim_I_all                               ? 
_reflns_shell.pdbx_rejects                                  ? 
_reflns_shell.pdbx_ordinal                                  1 
_reflns_shell.pdbx_diffrn_id                                1 
_reflns_shell.pdbx_CC_half                                  0.704 
_reflns_shell.pdbx_CC_star                                  ? 
_reflns_shell.pdbx_R_split                                  ? 
_reflns_shell.percent_possible_all                          ? 
_reflns_shell.Rmerge_I_all                                  ? 
_reflns_shell.Rmerge_I_obs                                  ? 
_reflns_shell.pdbx_Rsym_value                               ? 
_reflns_shell.pdbx_percent_possible_ellipsoidal             ? 
_reflns_shell.pdbx_percent_possible_spherical               ? 
_reflns_shell.pdbx_percent_possible_ellipsoidal_anomalous   ? 
_reflns_shell.pdbx_percent_possible_spherical_anomalous     ? 
_reflns_shell.pdbx_redundancy_anomalous                     ? 
_reflns_shell.pdbx_CC_half_anomalous                        ? 
_reflns_shell.pdbx_absDiff_over_sigma_anomalous             ? 
_reflns_shell.pdbx_percent_possible_anomalous               ? 
# 
_refine.aniso_B[1][1]                            ? 
_refine.aniso_B[1][2]                            ? 
_refine.aniso_B[1][3]                            ? 
_refine.aniso_B[2][2]                            ? 
_refine.aniso_B[2][3]                            ? 
_refine.aniso_B[3][3]                            ? 
_refine.B_iso_max                                ? 
_refine.B_iso_mean                               17.70 
_refine.B_iso_min                                ? 
_refine.correlation_coeff_Fo_to_Fc               ? 
_refine.correlation_coeff_Fo_to_Fc_free          ? 
_refine.details                                  ? 
_refine.diff_density_max                         ? 
_refine.diff_density_max_esd                     ? 
_refine.diff_density_min                         ? 
_refine.diff_density_min_esd                     ? 
_refine.diff_density_rms                         ? 
_refine.diff_density_rms_esd                     ? 
_refine.entry_id                                 8JAE 
_refine.pdbx_refine_id                           'X-RAY DIFFRACTION' 
_refine.ls_abs_structure_details                 ? 
_refine.ls_abs_structure_Flack                   ? 
_refine.ls_abs_structure_Flack_esd               ? 
_refine.ls_abs_structure_Rogers                  ? 
_refine.ls_abs_structure_Rogers_esd              ? 
_refine.ls_d_res_high                            1.62 
_refine.ls_d_res_low                             42.57 
_refine.ls_extinction_coef                       ? 
_refine.ls_extinction_coef_esd                   ? 
_refine.ls_extinction_expression                 ? 
_refine.ls_extinction_method                     ? 
_refine.ls_goodness_of_fit_all                   ? 
_refine.ls_goodness_of_fit_all_esd               ? 
_refine.ls_goodness_of_fit_obs                   ? 
_refine.ls_goodness_of_fit_obs_esd               ? 
_refine.ls_hydrogen_treatment                    ? 
_refine.ls_matrix_type                           ? 
_refine.ls_number_constraints                    ? 
_refine.ls_number_parameters                     ? 
_refine.ls_number_reflns_all                     ? 
_refine.ls_number_reflns_obs                     25241 
_refine.ls_number_reflns_R_free                  1997 
_refine.ls_number_reflns_R_work                  23244 
_refine.ls_number_restraints                     ? 
_refine.ls_percent_reflns_obs                    99.94 
_refine.ls_percent_reflns_R_free                 7.91 
_refine.ls_R_factor_all                          ? 
_refine.ls_R_factor_obs                          0.1962 
_refine.ls_R_factor_R_free                       0.2217 
_refine.ls_R_factor_R_free_error                 ? 
_refine.ls_R_factor_R_free_error_details         ? 
_refine.ls_R_factor_R_work                       0.1940 
_refine.ls_R_Fsqd_factor_obs                     ? 
_refine.ls_R_I_factor_obs                        ? 
_refine.ls_redundancy_reflns_all                 ? 
_refine.ls_redundancy_reflns_obs                 ? 
_refine.ls_restrained_S_all                      ? 
_refine.ls_restrained_S_obs                      ? 
_refine.ls_shift_over_esd_max                    ? 
_refine.ls_shift_over_esd_mean                   ? 
_refine.ls_structure_factor_coef                 ? 
_refine.ls_weighting_details                     ? 
_refine.ls_weighting_scheme                      ? 
_refine.ls_wR_factor_all                         ? 
_refine.ls_wR_factor_obs                         ? 
_refine.ls_wR_factor_R_free                      ? 
_refine.ls_wR_factor_R_work                      ? 
_refine.occupancy_max                            ? 
_refine.occupancy_min                            ? 
_refine.solvent_model_details                    'FLAT BULK SOLVENT MODEL' 
_refine.solvent_model_param_bsol                 ? 
_refine.solvent_model_param_ksol                 ? 
_refine.pdbx_R_complete                          ? 
_refine.ls_R_factor_gt                           ? 
_refine.ls_goodness_of_fit_gt                    ? 
_refine.ls_goodness_of_fit_ref                   ? 
_refine.ls_shift_over_su_max                     ? 
_refine.ls_shift_over_su_max_lt                  ? 
_refine.ls_shift_over_su_mean                    ? 
_refine.ls_shift_over_su_mean_lt                 ? 
_refine.pdbx_ls_sigma_I                          ? 
_refine.pdbx_ls_sigma_F                          1.35 
_refine.pdbx_ls_sigma_Fsqd                       ? 
_refine.pdbx_data_cutoff_high_absF               ? 
_refine.pdbx_data_cutoff_high_rms_absF           ? 
_refine.pdbx_data_cutoff_low_absF                ? 
_refine.pdbx_isotropic_thermal_model             ? 
_refine.pdbx_ls_cross_valid_method               'FREE R-VALUE' 
_refine.pdbx_method_to_determine_struct          'MOLECULAR REPLACEMENT' 
_refine.pdbx_starting_model                      ? 
_refine.pdbx_stereochemistry_target_values       'GeoStd + Monomer Library + CDL v1.2' 
_refine.pdbx_R_Free_selection_details            ? 
_refine.pdbx_stereochem_target_val_spec_case     ? 
_refine.pdbx_overall_ESU_R                       ? 
_refine.pdbx_overall_ESU_R_Free                  ? 
_refine.pdbx_solvent_vdw_probe_radii             1.1100 
_refine.pdbx_solvent_ion_probe_radii             ? 
_refine.pdbx_solvent_shrinkage_radii             0.9000 
_refine.pdbx_real_space_R                        ? 
_refine.pdbx_density_correlation                 ? 
_refine.pdbx_pd_number_of_powder_patterns        ? 
_refine.pdbx_pd_number_of_points                 ? 
_refine.pdbx_pd_meas_number_of_points            ? 
_refine.pdbx_pd_proc_ls_prof_R_factor            ? 
_refine.pdbx_pd_proc_ls_prof_wR_factor           ? 
_refine.pdbx_pd_Marquardt_correlation_coeff      ? 
_refine.pdbx_pd_Fsqrd_R_factor                   ? 
_refine.pdbx_pd_ls_matrix_band_width             ? 
_refine.pdbx_overall_phase_error                 19.6903 
_refine.pdbx_overall_SU_R_free_Cruickshank_DPI   ? 
_refine.pdbx_overall_SU_R_free_Blow_DPI          ? 
_refine.pdbx_overall_SU_R_Blow_DPI               ? 
_refine.pdbx_TLS_residual_ADP_flag               ? 
_refine.pdbx_diffrn_id                           1 
_refine.overall_SU_B                             ? 
_refine.overall_SU_ML                            0.1960 
_refine.overall_SU_R_Cruickshank_DPI             ? 
_refine.overall_SU_R_free                        ? 
_refine.overall_FOM_free_R_set                   ? 
_refine.overall_FOM_work_R_set                   ? 
_refine.pdbx_average_fsc_overall                 ? 
_refine.pdbx_average_fsc_work                    ? 
_refine.pdbx_average_fsc_free                    ? 
# 
_refine_hist.pdbx_refine_id                   'X-RAY DIFFRACTION' 
_refine_hist.cycle_id                         LAST 
_refine_hist.details                          ? 
_refine_hist.d_res_high                       1.62 
_refine_hist.d_res_low                        42.57 
_refine_hist.number_atoms_solvent             156 
_refine_hist.number_atoms_total               1328 
_refine_hist.number_reflns_all                ? 
_refine_hist.number_reflns_obs                ? 
_refine_hist.number_reflns_R_free             ? 
_refine_hist.number_reflns_R_work             ? 
_refine_hist.R_factor_all                     ? 
_refine_hist.R_factor_obs                     ? 
_refine_hist.R_factor_R_free                  ? 
_refine_hist.R_factor_R_work                  ? 
_refine_hist.pdbx_number_residues_total       ? 
_refine_hist.pdbx_B_iso_mean_ligand           ? 
_refine_hist.pdbx_B_iso_mean_solvent          ? 
_refine_hist.pdbx_number_atoms_protein        1138 
_refine_hist.pdbx_number_atoms_nucleic_acid   0 
_refine_hist.pdbx_number_atoms_ligand         34 
_refine_hist.pdbx_number_atoms_lipid          ? 
_refine_hist.pdbx_number_atoms_carb           ? 
_refine_hist.pdbx_pseudo_atom_details         ? 
# 
loop_
_refine_ls_restr.pdbx_refine_id 
_refine_ls_restr.criterion 
_refine_ls_restr.dev_ideal 
_refine_ls_restr.dev_ideal_target 
_refine_ls_restr.number 
_refine_ls_restr.rejects 
_refine_ls_restr.type 
_refine_ls_restr.weight 
_refine_ls_restr.pdbx_restraint_function 
'X-RAY DIFFRACTION' ? 0.0071 ? 1247 ? f_bond_d           ? ? 
'X-RAY DIFFRACTION' ? 1.0109 ? 1703 ? f_angle_d          ? ? 
'X-RAY DIFFRACTION' ? 0.0674 ? 194  ? f_chiral_restr     ? ? 
'X-RAY DIFFRACTION' ? 0.0067 ? 211  ? f_plane_restr      ? ? 
'X-RAY DIFFRACTION' ? 6.6660 ? 168  ? f_dihedral_angle_d ? ? 
# 
loop_
_refine_ls_shell.pdbx_refine_id 
_refine_ls_shell.d_res_high 
_refine_ls_shell.d_res_low 
_refine_ls_shell.number_reflns_all 
_refine_ls_shell.number_reflns_obs 
_refine_ls_shell.number_reflns_R_free 
_refine_ls_shell.number_reflns_R_work 
_refine_ls_shell.percent_reflns_obs 
_refine_ls_shell.percent_reflns_R_free 
_refine_ls_shell.R_factor_all 
_refine_ls_shell.R_factor_obs 
_refine_ls_shell.R_factor_R_free_error 
_refine_ls_shell.R_factor_R_work 
_refine_ls_shell.redundancy_reflns_all 
_refine_ls_shell.redundancy_reflns_obs 
_refine_ls_shell.wR_factor_all 
_refine_ls_shell.wR_factor_obs 
_refine_ls_shell.wR_factor_R_free 
_refine_ls_shell.wR_factor_R_work 
_refine_ls_shell.pdbx_R_complete 
_refine_ls_shell.pdbx_total_number_of_bins_used 
_refine_ls_shell.pdbx_phase_error 
_refine_ls_shell.pdbx_fsc_work 
_refine_ls_shell.pdbx_fsc_free 
_refine_ls_shell.R_factor_R_free 
'X-RAY DIFFRACTION' 1.62 1.66  . . 137 1602 99.66  . . . . 0.3299 . . . . . . . . . . . 0.2949 
'X-RAY DIFFRACTION' 1.66 1.71  . . 140 1625 99.94  . . . . 0.2754 . . . . . . . . . . . 0.3150 
'X-RAY DIFFRACTION' 1.71 1.76  . . 140 1629 100.00 . . . . 0.2359 . . . . . . . . . . . 0.2770 
'X-RAY DIFFRACTION' 1.76 1.81  . . 138 1599 100.00 . . . . 0.2184 . . . . . . . . . . . 0.2444 
'X-RAY DIFFRACTION' 1.81 1.88  . . 137 1606 100.00 . . . . 0.2043 . . . . . . . . . . . 0.2455 
'X-RAY DIFFRACTION' 1.88 1.95  . . 139 1626 100.00 . . . . 0.2156 . . . . . . . . . . . 0.2256 
'X-RAY DIFFRACTION' 1.95 2.04  . . 141 1639 100.00 . . . . 0.2252 . . . . . . . . . . . 0.2633 
'X-RAY DIFFRACTION' 2.04 2.15  . . 140 1629 100.00 . . . . 0.1791 . . . . . . . . . . . 0.2202 
'X-RAY DIFFRACTION' 2.15 2.28  . . 141 1638 100.00 . . . . 0.1906 . . . . . . . . . . . 0.2062 
'X-RAY DIFFRACTION' 2.28 2.46  . . 143 1679 100.00 . . . . 0.1829 . . . . . . . . . . . 0.1994 
'X-RAY DIFFRACTION' 2.46 2.71  . . 143 1661 100.00 . . . . 0.1860 . . . . . . . . . . . 0.2231 
'X-RAY DIFFRACTION' 2.71 3.10  . . 147 1696 99.95  . . . . 0.1926 . . . . . . . . . . . 0.2068 
'X-RAY DIFFRACTION' 3.10 3.90  . . 148 1726 100.00 . . . . 0.1770 . . . . . . . . . . . 0.1907 
'X-RAY DIFFRACTION' 3.91 42.57 . . 163 1889 99.61  . . . . 0.1681 . . . . . . . . . . . 0.2209 
# 
_struct.entry_id                     8JAE 
_struct.title                        
'Crystal structure of E33A mutant human galectin-10 produced by cell-free protein synthesis in complex with melezitose' 
_struct.pdbx_model_details           ? 
_struct.pdbx_formula_weight          ? 
_struct.pdbx_formula_weight_method   ? 
_struct.pdbx_model_type_details      ? 
_struct.pdbx_CASP_flag               N 
# 
_struct_keywords.entry_id        8JAE 
_struct_keywords.text            'Galectin, CLC, sugar binding protein' 
_struct_keywords.pdbx_keywords   'SUGAR BINDING PROTEIN' 
# 
loop_
_struct_asym.id 
_struct_asym.pdbx_blank_PDB_chainid_flag 
_struct_asym.pdbx_modified 
_struct_asym.entity_id 
_struct_asym.details 
A N N 1 ? 
B N N 2 ? 
C N N 3 ? 
# 
_struct_ref.id                         1 
_struct_ref.db_name                    UNP 
_struct_ref.db_code                    LEG10_HUMAN 
_struct_ref.pdbx_db_accession          Q05315 
_struct_ref.pdbx_db_isoform            ? 
_struct_ref.entity_id                  1 
_struct_ref.pdbx_seq_one_letter_code   
;MSLLPVPYTEAASLSTGSTVTIKGRPLACFLNEPYLQVDFHTEMKEESDIVFHFQVCFGRRVVMNSREYGAWKQQVESKN
MPFQDGQEFELSISVLPDKYQVMVNGQSSYTFDHRIKPEAVKMVQVWRDISLTKFNVSYLKR
;
_struct_ref.pdbx_align_begin           1 
# 
_struct_ref_seq.align_id                      1 
_struct_ref_seq.ref_id                        1 
_struct_ref_seq.pdbx_PDB_id_code              8JAE 
_struct_ref_seq.pdbx_strand_id                A 
_struct_ref_seq.seq_align_beg                 1 
_struct_ref_seq.pdbx_seq_align_beg_ins_code   ? 
_struct_ref_seq.seq_align_end                 142 
_struct_ref_seq.pdbx_seq_align_end_ins_code   ? 
_struct_ref_seq.pdbx_db_accession             Q05315 
_struct_ref_seq.db_align_beg                  1 
_struct_ref_seq.pdbx_db_align_beg_ins_code    ? 
_struct_ref_seq.db_align_end                  142 
_struct_ref_seq.pdbx_db_align_end_ins_code    ? 
_struct_ref_seq.pdbx_auth_seq_align_beg       1 
_struct_ref_seq.pdbx_auth_seq_align_end       142 
# 
_struct_ref_seq_dif.align_id                     1 
_struct_ref_seq_dif.pdbx_pdb_id_code             8JAE 
_struct_ref_seq_dif.mon_id                       ALA 
_struct_ref_seq_dif.pdbx_pdb_strand_id           A 
_struct_ref_seq_dif.seq_num                      33 
_struct_ref_seq_dif.pdbx_pdb_ins_code            ? 
_struct_ref_seq_dif.pdbx_seq_db_name             UNP 
_struct_ref_seq_dif.pdbx_seq_db_accession_code   Q05315 
_struct_ref_seq_dif.db_mon_id                    GLU 
_struct_ref_seq_dif.pdbx_seq_db_seq_num          33 
_struct_ref_seq_dif.details                      'engineered mutation' 
_struct_ref_seq_dif.pdbx_auth_seq_num            33 
_struct_ref_seq_dif.pdbx_ordinal                 1 
# 
_pdbx_struct_assembly.id                   1 
_pdbx_struct_assembly.details              author_and_software_defined_assembly 
_pdbx_struct_assembly.method_details       PISA 
_pdbx_struct_assembly.oligomeric_details   dimeric 
_pdbx_struct_assembly.oligomeric_count     2 
# 
loop_
_pdbx_struct_assembly_prop.biol_id 
_pdbx_struct_assembly_prop.type 
_pdbx_struct_assembly_prop.value 
_pdbx_struct_assembly_prop.details 
1 'ABSA (A^2)' 4010  ? 
1 MORE         18    ? 
1 'SSA (A^2)'  11960 ? 
# 
_pdbx_struct_assembly_gen.assembly_id       1 
_pdbx_struct_assembly_gen.oper_expression   1,2 
_pdbx_struct_assembly_gen.asym_id_list      A,B,C 
# 
_pdbx_struct_assembly_auth_evidence.id                     1 
_pdbx_struct_assembly_auth_evidence.assembly_id            1 
_pdbx_struct_assembly_auth_evidence.experimental_support   none 
_pdbx_struct_assembly_auth_evidence.details                ? 
# 
loop_
_pdbx_struct_oper_list.id 
_pdbx_struct_oper_list.type 
_pdbx_struct_oper_list.name 
_pdbx_struct_oper_list.symmetry_operation 
_pdbx_struct_oper_list.matrix[1][1] 
_pdbx_struct_oper_list.matrix[1][2] 
_pdbx_struct_oper_list.matrix[1][3] 
_pdbx_struct_oper_list.vector[1] 
_pdbx_struct_oper_list.matrix[2][1] 
_pdbx_struct_oper_list.matrix[2][2] 
_pdbx_struct_oper_list.matrix[2][3] 
_pdbx_struct_oper_list.vector[2] 
_pdbx_struct_oper_list.matrix[3][1] 
_pdbx_struct_oper_list.matrix[3][2] 
_pdbx_struct_oper_list.matrix[3][3] 
_pdbx_struct_oper_list.vector[3] 
1 'identity operation'         1_555  x,y,z         1.0000000000  0.0000000000 0.0000000000  0.0000000000   0.0000000000 1.0000000000 0.0000000000  0.0000000000  0.0000000000  0.0000000000  1.0000000000  0.0000000000  
2 'crystal symmetry operation' 11_555 -x+y,y,-z+1/2 -0.5108627492 0.7362213674 -0.4438438347 -12.2014225832 0.7362213674 0.1081182245 -0.6680483124 19.0956617979 -0.4438438347 -0.6680483124 -0.5972554752 18.2281769173 
# 
loop_
_struct_conf.conf_type_id 
_struct_conf.id 
_struct_conf.pdbx_PDB_helix_id 
_struct_conf.beg_label_comp_id 
_struct_conf.beg_label_asym_id 
_struct_conf.beg_label_seq_id 
_struct_conf.pdbx_beg_PDB_ins_code 
_struct_conf.end_label_comp_id 
_struct_conf.end_label_asym_id 
_struct_conf.end_label_seq_id 
_struct_conf.pdbx_end_PDB_ins_code 
_struct_conf.beg_auth_comp_id 
_struct_conf.beg_auth_asym_id 
_struct_conf.beg_auth_seq_id 
_struct_conf.end_auth_comp_id 
_struct_conf.end_auth_asym_id 
_struct_conf.end_auth_seq_id 
_struct_conf.pdbx_PDB_helix_class 
_struct_conf.details 
_struct_conf.pdbx_PDB_helix_length 
HELX_P HELX_P1 AA1 CYS A 29  ? ALA A 33  ? CYS A 29  ALA A 33  5 ? 5 
HELX_P HELX_P2 AA2 LYS A 117 ? VAL A 121 ? LYS A 117 VAL A 121 5 ? 5 
# 
_struct_conf_type.id          HELX_P 
_struct_conf_type.criteria    ? 
_struct_conf_type.reference   ? 
# 
loop_
_struct_conn.id 
_struct_conn.conn_type_id 
_struct_conn.pdbx_leaving_atom_flag 
_struct_conn.pdbx_PDB_id 
_struct_conn.ptnr1_label_asym_id 
_struct_conn.ptnr1_label_comp_id 
_struct_conn.ptnr1_label_seq_id 
_struct_conn.ptnr1_label_atom_id 
_struct_conn.pdbx_ptnr1_label_alt_id 
_struct_conn.pdbx_ptnr1_PDB_ins_code 
_struct_conn.pdbx_ptnr1_standard_comp_id 
_struct_conn.ptnr1_symmetry 
_struct_conn.ptnr2_label_asym_id 
_struct_conn.ptnr2_label_comp_id 
_struct_conn.ptnr2_label_seq_id 
_struct_conn.ptnr2_label_atom_id 
_struct_conn.pdbx_ptnr2_label_alt_id 
_struct_conn.pdbx_ptnr2_PDB_ins_code 
_struct_conn.ptnr1_auth_asym_id 
_struct_conn.ptnr1_auth_comp_id 
_struct_conn.ptnr1_auth_seq_id 
_struct_conn.ptnr2_auth_asym_id 
_struct_conn.ptnr2_auth_comp_id 
_struct_conn.ptnr2_auth_seq_id 
_struct_conn.ptnr2_symmetry 
_struct_conn.pdbx_ptnr3_label_atom_id 
_struct_conn.pdbx_ptnr3_label_seq_id 
_struct_conn.pdbx_ptnr3_label_comp_id 
_struct_conn.pdbx_ptnr3_label_asym_id 
_struct_conn.pdbx_ptnr3_label_alt_id 
_struct_conn.pdbx_ptnr3_PDB_ins_code 
_struct_conn.details 
_struct_conn.pdbx_dist_value 
_struct_conn.pdbx_value_order 
_struct_conn.pdbx_role 
covale1 covale both ? B FRU . O2 ? ? ? 1_555 B GLC . C1 ? ? B FRU 1 B GLC 2 1_555 ? ? ? ? ? ? ? 1.412 ? ? 
covale2 covale both ? B FRU . O3 ? ? ? 1_555 B GLC . C1 ? ? B FRU 1 B GLC 3 1_555 ? ? ? ? ? ? ? 1.303 ? ? 
# 
_struct_conn_type.id          covale 
_struct_conn_type.criteria    ? 
_struct_conn_type.reference   ? 
# 
_struct_mon_prot_cis.pdbx_id                1 
_struct_mon_prot_cis.label_comp_id          VAL 
_struct_mon_prot_cis.label_seq_id           6 
_struct_mon_prot_cis.label_asym_id          A 
_struct_mon_prot_cis.label_alt_id           . 
_struct_mon_prot_cis.pdbx_PDB_ins_code      ? 
_struct_mon_prot_cis.auth_comp_id           VAL 
_struct_mon_prot_cis.auth_seq_id            6 
_struct_mon_prot_cis.auth_asym_id           A 
_struct_mon_prot_cis.pdbx_label_comp_id_2   PRO 
_struct_mon_prot_cis.pdbx_label_seq_id_2    7 
_struct_mon_prot_cis.pdbx_label_asym_id_2   A 
_struct_mon_prot_cis.pdbx_PDB_ins_code_2    ? 
_struct_mon_prot_cis.pdbx_auth_comp_id_2    PRO 
_struct_mon_prot_cis.pdbx_auth_seq_id_2     7 
_struct_mon_prot_cis.pdbx_auth_asym_id_2    A 
_struct_mon_prot_cis.pdbx_PDB_model_num     1 
_struct_mon_prot_cis.pdbx_omega_angle       0.02 
# 
loop_
_struct_sheet.id 
_struct_sheet.type 
_struct_sheet.number_strands 
_struct_sheet.details 
AA1 ? 6 ? 
AA2 ? 6 ? 
AA3 ? 5 ? 
# 
loop_
_struct_sheet_order.sheet_id 
_struct_sheet_order.range_id_1 
_struct_sheet_order.range_id_2 
_struct_sheet_order.offset 
_struct_sheet_order.sense 
AA1 1 2 ? anti-parallel 
AA1 2 3 ? anti-parallel 
AA1 3 4 ? anti-parallel 
AA1 4 5 ? anti-parallel 
AA1 5 6 ? anti-parallel 
AA2 1 2 ? anti-parallel 
AA2 2 3 ? anti-parallel 
AA2 3 4 ? anti-parallel 
AA2 4 5 ? anti-parallel 
AA2 5 6 ? anti-parallel 
AA3 1 2 ? anti-parallel 
AA3 2 3 ? anti-parallel 
AA3 3 4 ? anti-parallel 
AA3 4 5 ? anti-parallel 
# 
loop_
_struct_sheet_range.sheet_id 
_struct_sheet_range.id 
_struct_sheet_range.beg_label_comp_id 
_struct_sheet_range.beg_label_asym_id 
_struct_sheet_range.beg_label_seq_id 
_struct_sheet_range.pdbx_beg_PDB_ins_code 
_struct_sheet_range.end_label_comp_id 
_struct_sheet_range.end_label_asym_id 
_struct_sheet_range.end_label_seq_id 
_struct_sheet_range.pdbx_end_PDB_ins_code 
_struct_sheet_range.beg_auth_comp_id 
_struct_sheet_range.beg_auth_asym_id 
_struct_sheet_range.beg_auth_seq_id 
_struct_sheet_range.end_auth_comp_id 
_struct_sheet_range.end_auth_asym_id 
_struct_sheet_range.end_auth_seq_id 
AA1 1 TYR A 8   ? ALA A 11  ? TYR A 8   ALA A 11  
AA1 2 MET A 123 ? ARG A 128 ? MET A 123 ARG A 128 
AA1 3 TYR A 35  ? HIS A 41  ? TYR A 35  HIS A 41  
AA1 4 ILE A 50  ? CYS A 57  ? ILE A 50  CYS A 57  
AA1 5 ARG A 61  ? GLU A 68  ? ARG A 61  GLU A 68  
AA1 6 ALA A 71  ? TRP A 72  ? ALA A 71  TRP A 72  
AA2 1 TYR A 8   ? ALA A 11  ? TYR A 8   ALA A 11  
AA2 2 MET A 123 ? ARG A 128 ? MET A 123 ARG A 128 
AA2 3 TYR A 35  ? HIS A 41  ? TYR A 35  HIS A 41  
AA2 4 ILE A 50  ? CYS A 57  ? ILE A 50  CYS A 57  
AA2 5 ARG A 61  ? GLU A 68  ? ARG A 61  GLU A 68  
AA2 6 VAL A 76  ? SER A 78  ? VAL A 76  SER A 78  
AA3 1 GLN A 107 ? ASP A 113 ? GLN A 107 ASP A 113 
AA3 2 LYS A 99  ? VAL A 104 ? LYS A 99  VAL A 104 
AA3 3 PHE A 89  ? VAL A 95  ? PHE A 89  VAL A 95  
AA3 4 SER A 18  ? PRO A 26  ? SER A 18  PRO A 26  
AA3 5 ILE A 130 ? TYR A 139 ? ILE A 130 TYR A 139 
# 
loop_
_pdbx_struct_sheet_hbond.sheet_id 
_pdbx_struct_sheet_hbond.range_id_1 
_pdbx_struct_sheet_hbond.range_id_2 
_pdbx_struct_sheet_hbond.range_1_label_atom_id 
_pdbx_struct_sheet_hbond.range_1_label_comp_id 
_pdbx_struct_sheet_hbond.range_1_label_asym_id 
_pdbx_struct_sheet_hbond.range_1_label_seq_id 
_pdbx_struct_sheet_hbond.range_1_PDB_ins_code 
_pdbx_struct_sheet_hbond.range_1_auth_atom_id 
_pdbx_struct_sheet_hbond.range_1_auth_comp_id 
_pdbx_struct_sheet_hbond.range_1_auth_asym_id 
_pdbx_struct_sheet_hbond.range_1_auth_seq_id 
_pdbx_struct_sheet_hbond.range_2_label_atom_id 
_pdbx_struct_sheet_hbond.range_2_label_comp_id 
_pdbx_struct_sheet_hbond.range_2_label_asym_id 
_pdbx_struct_sheet_hbond.range_2_label_seq_id 
_pdbx_struct_sheet_hbond.range_2_PDB_ins_code 
_pdbx_struct_sheet_hbond.range_2_auth_atom_id 
_pdbx_struct_sheet_hbond.range_2_auth_comp_id 
_pdbx_struct_sheet_hbond.range_2_auth_asym_id 
_pdbx_struct_sheet_hbond.range_2_auth_seq_id 
AA1 1 2 N TYR A 8   ? N TYR A 8   O VAL A 126 ? O VAL A 126 
AA1 2 3 O MET A 123 ? O MET A 123 N HIS A 41  ? N HIS A 41  
AA1 3 4 N LEU A 36  ? N LEU A 36  O VAL A 56  ? O VAL A 56  
AA1 4 5 N CYS A 57  ? N CYS A 57  O ARG A 61  ? O ARG A 61  
AA1 5 6 N GLU A 68  ? N GLU A 68  O ALA A 71  ? O ALA A 71  
AA2 1 2 N TYR A 8   ? N TYR A 8   O VAL A 126 ? O VAL A 126 
AA2 2 3 O MET A 123 ? O MET A 123 N HIS A 41  ? N HIS A 41  
AA2 3 4 N LEU A 36  ? N LEU A 36  O VAL A 56  ? O VAL A 56  
AA2 4 5 N CYS A 57  ? N CYS A 57  O ARG A 61  ? O ARG A 61  
AA2 5 6 N MET A 64  ? N MET A 64  O VAL A 76  ? O VAL A 76  
AA3 1 2 O TYR A 110 ? O TYR A 110 N VAL A 102 ? N VAL A 102 
AA3 2 3 O MET A 103 ? O MET A 103 N SER A 92  ? N SER A 92  
AA3 3 4 O LEU A 91  ? O LEU A 91  N ILE A 22  ? N ILE A 22  
AA3 4 5 N THR A 21  ? N THR A 21  O ASN A 136 ? O ASN A 136 
# 
loop_
_pdbx_validate_torsion.id 
_pdbx_validate_torsion.PDB_model_num 
_pdbx_validate_torsion.auth_comp_id 
_pdbx_validate_torsion.auth_asym_id 
_pdbx_validate_torsion.auth_seq_id 
_pdbx_validate_torsion.PDB_ins_code 
_pdbx_validate_torsion.label_alt_id 
_pdbx_validate_torsion.phi 
_pdbx_validate_torsion.psi 
1 1 ARG A 60  ? ? -124.97 -61.82  
2 1 ARG A 60  ? ? -124.05 -63.34  
3 1 LYS A 73  ? ? -96.45  -149.54 
4 1 ARG A 128 ? ? 77.38   -148.39 
5 1 ASP A 129 ? ? -92.31  57.67   
# 
loop_
_pdbx_struct_special_symmetry.id 
_pdbx_struct_special_symmetry.PDB_model_num 
_pdbx_struct_special_symmetry.auth_asym_id 
_pdbx_struct_special_symmetry.auth_comp_id 
_pdbx_struct_special_symmetry.auth_seq_id 
_pdbx_struct_special_symmetry.PDB_ins_code 
_pdbx_struct_special_symmetry.label_asym_id 
_pdbx_struct_special_symmetry.label_comp_id 
_pdbx_struct_special_symmetry.label_seq_id 
1 1 A HOH 280 ? C HOH . 
2 1 A HOH 312 ? C HOH . 
# 
loop_
_space_group_symop.id 
_space_group_symop.operation_xyz 
1  x,y,z          
2  x-y,x,z+5/6    
3  y,-x+y,z+1/6   
4  -y,x-y,z+2/3   
5  -x+y,-x,z+1/3  
6  x-y,-y,-z      
7  -x,-x+y,-z+1/3 
8  -x,-y,z+1/2    
9  y,x,-z+2/3     
10 -y,-x,-z+1/6   
11 -x+y,y,-z+1/2  
12 x,x-y,-z+5/6   
# 
_pdbx_entry_details.entry_id                 8JAE 
_pdbx_entry_details.has_ligand_of_interest   Y 
_pdbx_entry_details.compound_details         ? 
_pdbx_entry_details.source_details           ? 
_pdbx_entry_details.nonpolymer_details       ? 
_pdbx_entry_details.sequence_details         ? 
# 
loop_
_pdbx_unobs_or_zero_occ_residues.id 
_pdbx_unobs_or_zero_occ_residues.PDB_model_num 
_pdbx_unobs_or_zero_occ_residues.polymer_flag 
_pdbx_unobs_or_zero_occ_residues.occupancy_flag 
_pdbx_unobs_or_zero_occ_residues.auth_asym_id 
_pdbx_unobs_or_zero_occ_residues.auth_comp_id 
_pdbx_unobs_or_zero_occ_residues.auth_seq_id 
_pdbx_unobs_or_zero_occ_residues.PDB_ins_code 
_pdbx_unobs_or_zero_occ_residues.label_asym_id 
_pdbx_unobs_or_zero_occ_residues.label_comp_id 
_pdbx_unobs_or_zero_occ_residues.label_seq_id 
1 1 Y 1 A MET 1 ? A MET 1 
2 1 Y 1 A SER 2 ? A SER 2 
# 
loop_
_chem_comp_atom.comp_id 
_chem_comp_atom.atom_id 
_chem_comp_atom.type_symbol 
_chem_comp_atom.pdbx_aromatic_flag 
_chem_comp_atom.pdbx_stereo_config 
_chem_comp_atom.pdbx_ordinal 
ALA N    N N N 1   
ALA CA   C N S 2   
ALA C    C N N 3   
ALA O    O N N 4   
ALA CB   C N N 5   
ALA OXT  O N N 6   
ALA H    H N N 7   
ALA H2   H N N 8   
ALA HA   H N N 9   
ALA HB1  H N N 10  
ALA HB2  H N N 11  
ALA HB3  H N N 12  
ALA HXT  H N N 13  
ARG N    N N N 14  
ARG CA   C N S 15  
ARG C    C N N 16  
ARG O    O N N 17  
ARG CB   C N N 18  
ARG CG   C N N 19  
ARG CD   C N N 20  
ARG NE   N N N 21  
ARG CZ   C N N 22  
ARG NH1  N N N 23  
ARG NH2  N N N 24  
ARG OXT  O N N 25  
ARG H    H N N 26  
ARG H2   H N N 27  
ARG HA   H N N 28  
ARG HB2  H N N 29  
ARG HB3  H N N 30  
ARG HG2  H N N 31  
ARG HG3  H N N 32  
ARG HD2  H N N 33  
ARG HD3  H N N 34  
ARG HE   H N N 35  
ARG HH11 H N N 36  
ARG HH12 H N N 37  
ARG HH21 H N N 38  
ARG HH22 H N N 39  
ARG HXT  H N N 40  
ASN N    N N N 41  
ASN CA   C N S 42  
ASN C    C N N 43  
ASN O    O N N 44  
ASN CB   C N N 45  
ASN CG   C N N 46  
ASN OD1  O N N 47  
ASN ND2  N N N 48  
ASN OXT  O N N 49  
ASN H    H N N 50  
ASN H2   H N N 51  
ASN HA   H N N 52  
ASN HB2  H N N 53  
ASN HB3  H N N 54  
ASN HD21 H N N 55  
ASN HD22 H N N 56  
ASN HXT  H N N 57  
ASP N    N N N 58  
ASP CA   C N S 59  
ASP C    C N N 60  
ASP O    O N N 61  
ASP CB   C N N 62  
ASP CG   C N N 63  
ASP OD1  O N N 64  
ASP OD2  O N N 65  
ASP OXT  O N N 66  
ASP H    H N N 67  
ASP H2   H N N 68  
ASP HA   H N N 69  
ASP HB2  H N N 70  
ASP HB3  H N N 71  
ASP HD2  H N N 72  
ASP HXT  H N N 73  
CYS N    N N N 74  
CYS CA   C N R 75  
CYS C    C N N 76  
CYS O    O N N 77  
CYS CB   C N N 78  
CYS SG   S N N 79  
CYS OXT  O N N 80  
CYS H    H N N 81  
CYS H2   H N N 82  
CYS HA   H N N 83  
CYS HB2  H N N 84  
CYS HB3  H N N 85  
CYS HG   H N N 86  
CYS HXT  H N N 87  
FRU C1   C N N 88  
FRU C2   C N R 89  
FRU C3   C N S 90  
FRU C4   C N S 91  
FRU C5   C N R 92  
FRU C6   C N N 93  
FRU O1   O N N 94  
FRU O2   O N N 95  
FRU O3   O N N 96  
FRU O4   O N N 97  
FRU O5   O N N 98  
FRU O6   O N N 99  
FRU H11  H N N 100 
FRU H12  H N N 101 
FRU H3   H N N 102 
FRU H4   H N N 103 
FRU H5   H N N 104 
FRU H61  H N N 105 
FRU H62  H N N 106 
FRU HO1  H N N 107 
FRU HO2  H N N 108 
FRU HO3  H N N 109 
FRU HO4  H N N 110 
FRU HO6  H N N 111 
GLC C1   C N S 112 
GLC C2   C N R 113 
GLC C3   C N S 114 
GLC C4   C N S 115 
GLC C5   C N R 116 
GLC C6   C N N 117 
GLC O1   O N N 118 
GLC O2   O N N 119 
GLC O3   O N N 120 
GLC O4   O N N 121 
GLC O5   O N N 122 
GLC O6   O N N 123 
GLC H1   H N N 124 
GLC H2   H N N 125 
GLC H3   H N N 126 
GLC H4   H N N 127 
GLC H5   H N N 128 
GLC H61  H N N 129 
GLC H62  H N N 130 
GLC HO1  H N N 131 
GLC HO2  H N N 132 
GLC HO3  H N N 133 
GLC HO4  H N N 134 
GLC HO6  H N N 135 
GLN N    N N N 136 
GLN CA   C N S 137 
GLN C    C N N 138 
GLN O    O N N 139 
GLN CB   C N N 140 
GLN CG   C N N 141 
GLN CD   C N N 142 
GLN OE1  O N N 143 
GLN NE2  N N N 144 
GLN OXT  O N N 145 
GLN H    H N N 146 
GLN H2   H N N 147 
GLN HA   H N N 148 
GLN HB2  H N N 149 
GLN HB3  H N N 150 
GLN HG2  H N N 151 
GLN HG3  H N N 152 
GLN HE21 H N N 153 
GLN HE22 H N N 154 
GLN HXT  H N N 155 
GLU N    N N N 156 
GLU CA   C N S 157 
GLU C    C N N 158 
GLU O    O N N 159 
GLU CB   C N N 160 
GLU CG   C N N 161 
GLU CD   C N N 162 
GLU OE1  O N N 163 
GLU OE2  O N N 164 
GLU OXT  O N N 165 
GLU H    H N N 166 
GLU H2   H N N 167 
GLU HA   H N N 168 
GLU HB2  H N N 169 
GLU HB3  H N N 170 
GLU HG2  H N N 171 
GLU HG3  H N N 172 
GLU HE2  H N N 173 
GLU HXT  H N N 174 
GLY N    N N N 175 
GLY CA   C N N 176 
GLY C    C N N 177 
GLY O    O N N 178 
GLY OXT  O N N 179 
GLY H    H N N 180 
GLY H2   H N N 181 
GLY HA2  H N N 182 
GLY HA3  H N N 183 
GLY HXT  H N N 184 
HIS N    N N N 185 
HIS CA   C N S 186 
HIS C    C N N 187 
HIS O    O N N 188 
HIS CB   C N N 189 
HIS CG   C Y N 190 
HIS ND1  N Y N 191 
HIS CD2  C Y N 192 
HIS CE1  C Y N 193 
HIS NE2  N Y N 194 
HIS OXT  O N N 195 
HIS H    H N N 196 
HIS H2   H N N 197 
HIS HA   H N N 198 
HIS HB2  H N N 199 
HIS HB3  H N N 200 
HIS HD1  H N N 201 
HIS HD2  H N N 202 
HIS HE1  H N N 203 
HIS HE2  H N N 204 
HIS HXT  H N N 205 
HOH O    O N N 206 
HOH H1   H N N 207 
HOH H2   H N N 208 
ILE N    N N N 209 
ILE CA   C N S 210 
ILE C    C N N 211 
ILE O    O N N 212 
ILE CB   C N S 213 
ILE CG1  C N N 214 
ILE CG2  C N N 215 
ILE CD1  C N N 216 
ILE OXT  O N N 217 
ILE H    H N N 218 
ILE H2   H N N 219 
ILE HA   H N N 220 
ILE HB   H N N 221 
ILE HG12 H N N 222 
ILE HG13 H N N 223 
ILE HG21 H N N 224 
ILE HG22 H N N 225 
ILE HG23 H N N 226 
ILE HD11 H N N 227 
ILE HD12 H N N 228 
ILE HD13 H N N 229 
ILE HXT  H N N 230 
LEU N    N N N 231 
LEU CA   C N S 232 
LEU C    C N N 233 
LEU O    O N N 234 
LEU CB   C N N 235 
LEU CG   C N N 236 
LEU CD1  C N N 237 
LEU CD2  C N N 238 
LEU OXT  O N N 239 
LEU H    H N N 240 
LEU H2   H N N 241 
LEU HA   H N N 242 
LEU HB2  H N N 243 
LEU HB3  H N N 244 
LEU HG   H N N 245 
LEU HD11 H N N 246 
LEU HD12 H N N 247 
LEU HD13 H N N 248 
LEU HD21 H N N 249 
LEU HD22 H N N 250 
LEU HD23 H N N 251 
LEU HXT  H N N 252 
LYS N    N N N 253 
LYS CA   C N S 254 
LYS C    C N N 255 
LYS O    O N N 256 
LYS CB   C N N 257 
LYS CG   C N N 258 
LYS CD   C N N 259 
LYS CE   C N N 260 
LYS NZ   N N N 261 
LYS OXT  O N N 262 
LYS H    H N N 263 
LYS H2   H N N 264 
LYS HA   H N N 265 
LYS HB2  H N N 266 
LYS HB3  H N N 267 
LYS HG2  H N N 268 
LYS HG3  H N N 269 
LYS HD2  H N N 270 
LYS HD3  H N N 271 
LYS HE2  H N N 272 
LYS HE3  H N N 273 
LYS HZ1  H N N 274 
LYS HZ2  H N N 275 
LYS HZ3  H N N 276 
LYS HXT  H N N 277 
MET N    N N N 278 
MET CA   C N S 279 
MET C    C N N 280 
MET O    O N N 281 
MET CB   C N N 282 
MET CG   C N N 283 
MET SD   S N N 284 
MET CE   C N N 285 
MET OXT  O N N 286 
MET H    H N N 287 
MET H2   H N N 288 
MET HA   H N N 289 
MET HB2  H N N 290 
MET HB3  H N N 291 
MET HG2  H N N 292 
MET HG3  H N N 293 
MET HE1  H N N 294 
MET HE2  H N N 295 
MET HE3  H N N 296 
MET HXT  H N N 297 
PHE N    N N N 298 
PHE CA   C N S 299 
PHE C    C N N 300 
PHE O    O N N 301 
PHE CB   C N N 302 
PHE CG   C Y N 303 
PHE CD1  C Y N 304 
PHE CD2  C Y N 305 
PHE CE1  C Y N 306 
PHE CE2  C Y N 307 
PHE CZ   C Y N 308 
PHE OXT  O N N 309 
PHE H    H N N 310 
PHE H2   H N N 311 
PHE HA   H N N 312 
PHE HB2  H N N 313 
PHE HB3  H N N 314 
PHE HD1  H N N 315 
PHE HD2  H N N 316 
PHE HE1  H N N 317 
PHE HE2  H N N 318 
PHE HZ   H N N 319 
PHE HXT  H N N 320 
PRO N    N N N 321 
PRO CA   C N S 322 
PRO C    C N N 323 
PRO O    O N N 324 
PRO CB   C N N 325 
PRO CG   C N N 326 
PRO CD   C N N 327 
PRO OXT  O N N 328 
PRO H    H N N 329 
PRO HA   H N N 330 
PRO HB2  H N N 331 
PRO HB3  H N N 332 
PRO HG2  H N N 333 
PRO HG3  H N N 334 
PRO HD2  H N N 335 
PRO HD3  H N N 336 
PRO HXT  H N N 337 
SER N    N N N 338 
SER CA   C N S 339 
SER C    C N N 340 
SER O    O N N 341 
SER CB   C N N 342 
SER OG   O N N 343 
SER OXT  O N N 344 
SER H    H N N 345 
SER H2   H N N 346 
SER HA   H N N 347 
SER HB2  H N N 348 
SER HB3  H N N 349 
SER HG   H N N 350 
SER HXT  H N N 351 
THR N    N N N 352 
THR CA   C N S 353 
THR C    C N N 354 
THR O    O N N 355 
THR CB   C N R 356 
THR OG1  O N N 357 
THR CG2  C N N 358 
THR OXT  O N N 359 
THR H    H N N 360 
THR H2   H N N 361 
THR HA   H N N 362 
THR HB   H N N 363 
THR HG1  H N N 364 
THR HG21 H N N 365 
THR HG22 H N N 366 
THR HG23 H N N 367 
THR HXT  H N N 368 
TRP N    N N N 369 
TRP CA   C N S 370 
TRP C    C N N 371 
TRP O    O N N 372 
TRP CB   C N N 373 
TRP CG   C Y N 374 
TRP CD1  C Y N 375 
TRP CD2  C Y N 376 
TRP NE1  N Y N 377 
TRP CE2  C Y N 378 
TRP CE3  C Y N 379 
TRP CZ2  C Y N 380 
TRP CZ3  C Y N 381 
TRP CH2  C Y N 382 
TRP OXT  O N N 383 
TRP H    H N N 384 
TRP H2   H N N 385 
TRP HA   H N N 386 
TRP HB2  H N N 387 
TRP HB3  H N N 388 
TRP HD1  H N N 389 
TRP HE1  H N N 390 
TRP HE3  H N N 391 
TRP HZ2  H N N 392 
TRP HZ3  H N N 393 
TRP HH2  H N N 394 
TRP HXT  H N N 395 
TYR N    N N N 396 
TYR CA   C N S 397 
TYR C    C N N 398 
TYR O    O N N 399 
TYR CB   C N N 400 
TYR CG   C Y N 401 
TYR CD1  C Y N 402 
TYR CD2  C Y N 403 
TYR CE1  C Y N 404 
TYR CE2  C Y N 405 
TYR CZ   C Y N 406 
TYR OH   O N N 407 
TYR OXT  O N N 408 
TYR H    H N N 409 
TYR H2   H N N 410 
TYR HA   H N N 411 
TYR HB2  H N N 412 
TYR HB3  H N N 413 
TYR HD1  H N N 414 
TYR HD2  H N N 415 
TYR HE1  H N N 416 
TYR HE2  H N N 417 
TYR HH   H N N 418 
TYR HXT  H N N 419 
VAL N    N N N 420 
VAL CA   C N S 421 
VAL C    C N N 422 
VAL O    O N N 423 
VAL CB   C N N 424 
VAL CG1  C N N 425 
VAL CG2  C N N 426 
VAL OXT  O N N 427 
VAL H    H N N 428 
VAL H2   H N N 429 
VAL HA   H N N 430 
VAL HB   H N N 431 
VAL HG11 H N N 432 
VAL HG12 H N N 433 
VAL HG13 H N N 434 
VAL HG21 H N N 435 
VAL HG22 H N N 436 
VAL HG23 H N N 437 
VAL HXT  H N N 438 
# 
loop_
_chem_comp_bond.comp_id 
_chem_comp_bond.atom_id_1 
_chem_comp_bond.atom_id_2 
_chem_comp_bond.value_order 
_chem_comp_bond.pdbx_aromatic_flag 
_chem_comp_bond.pdbx_stereo_config 
_chem_comp_bond.pdbx_ordinal 
ALA N   CA   sing N N 1   
ALA N   H    sing N N 2   
ALA N   H2   sing N N 3   
ALA CA  C    sing N N 4   
ALA CA  CB   sing N N 5   
ALA CA  HA   sing N N 6   
ALA C   O    doub N N 7   
ALA C   OXT  sing N N 8   
ALA CB  HB1  sing N N 9   
ALA CB  HB2  sing N N 10  
ALA CB  HB3  sing N N 11  
ALA OXT HXT  sing N N 12  
ARG N   CA   sing N N 13  
ARG N   H    sing N N 14  
ARG N   H2   sing N N 15  
ARG CA  C    sing N N 16  
ARG CA  CB   sing N N 17  
ARG CA  HA   sing N N 18  
ARG C   O    doub N N 19  
ARG C   OXT  sing N N 20  
ARG CB  CG   sing N N 21  
ARG CB  HB2  sing N N 22  
ARG CB  HB3  sing N N 23  
ARG CG  CD   sing N N 24  
ARG CG  HG2  sing N N 25  
ARG CG  HG3  sing N N 26  
ARG CD  NE   sing N N 27  
ARG CD  HD2  sing N N 28  
ARG CD  HD3  sing N N 29  
ARG NE  CZ   sing N N 30  
ARG NE  HE   sing N N 31  
ARG CZ  NH1  sing N N 32  
ARG CZ  NH2  doub N N 33  
ARG NH1 HH11 sing N N 34  
ARG NH1 HH12 sing N N 35  
ARG NH2 HH21 sing N N 36  
ARG NH2 HH22 sing N N 37  
ARG OXT HXT  sing N N 38  
ASN N   CA   sing N N 39  
ASN N   H    sing N N 40  
ASN N   H2   sing N N 41  
ASN CA  C    sing N N 42  
ASN CA  CB   sing N N 43  
ASN CA  HA   sing N N 44  
ASN C   O    doub N N 45  
ASN C   OXT  sing N N 46  
ASN CB  CG   sing N N 47  
ASN CB  HB2  sing N N 48  
ASN CB  HB3  sing N N 49  
ASN CG  OD1  doub N N 50  
ASN CG  ND2  sing N N 51  
ASN ND2 HD21 sing N N 52  
ASN ND2 HD22 sing N N 53  
ASN OXT HXT  sing N N 54  
ASP N   CA   sing N N 55  
ASP N   H    sing N N 56  
ASP N   H2   sing N N 57  
ASP CA  C    sing N N 58  
ASP CA  CB   sing N N 59  
ASP CA  HA   sing N N 60  
ASP C   O    doub N N 61  
ASP C   OXT  sing N N 62  
ASP CB  CG   sing N N 63  
ASP CB  HB2  sing N N 64  
ASP CB  HB3  sing N N 65  
ASP CG  OD1  doub N N 66  
ASP CG  OD2  sing N N 67  
ASP OD2 HD2  sing N N 68  
ASP OXT HXT  sing N N 69  
CYS N   CA   sing N N 70  
CYS N   H    sing N N 71  
CYS N   H2   sing N N 72  
CYS CA  C    sing N N 73  
CYS CA  CB   sing N N 74  
CYS CA  HA   sing N N 75  
CYS C   O    doub N N 76  
CYS C   OXT  sing N N 77  
CYS CB  SG   sing N N 78  
CYS CB  HB2  sing N N 79  
CYS CB  HB3  sing N N 80  
CYS SG  HG   sing N N 81  
CYS OXT HXT  sing N N 82  
FRU C1  C2   sing N N 83  
FRU C1  O1   sing N N 84  
FRU C1  H11  sing N N 85  
FRU C1  H12  sing N N 86  
FRU C2  C3   sing N N 87  
FRU C2  O2   sing N N 88  
FRU C2  O5   sing N N 89  
FRU C3  C4   sing N N 90  
FRU C3  O3   sing N N 91  
FRU C3  H3   sing N N 92  
FRU C4  C5   sing N N 93  
FRU C4  O4   sing N N 94  
FRU C4  H4   sing N N 95  
FRU C5  C6   sing N N 96  
FRU C5  O5   sing N N 97  
FRU C5  H5   sing N N 98  
FRU C6  O6   sing N N 99  
FRU C6  H61  sing N N 100 
FRU C6  H62  sing N N 101 
FRU O1  HO1  sing N N 102 
FRU O2  HO2  sing N N 103 
FRU O3  HO3  sing N N 104 
FRU O4  HO4  sing N N 105 
FRU O6  HO6  sing N N 106 
GLC C1  C2   sing N N 107 
GLC C1  O1   sing N N 108 
GLC C1  O5   sing N N 109 
GLC C1  H1   sing N N 110 
GLC C2  C3   sing N N 111 
GLC C2  O2   sing N N 112 
GLC C2  H2   sing N N 113 
GLC C3  C4   sing N N 114 
GLC C3  O3   sing N N 115 
GLC C3  H3   sing N N 116 
GLC C4  C5   sing N N 117 
GLC C4  O4   sing N N 118 
GLC C4  H4   sing N N 119 
GLC C5  C6   sing N N 120 
GLC C5  O5   sing N N 121 
GLC C5  H5   sing N N 122 
GLC C6  O6   sing N N 123 
GLC C6  H61  sing N N 124 
GLC C6  H62  sing N N 125 
GLC O1  HO1  sing N N 126 
GLC O2  HO2  sing N N 127 
GLC O3  HO3  sing N N 128 
GLC O4  HO4  sing N N 129 
GLC O6  HO6  sing N N 130 
GLN N   CA   sing N N 131 
GLN N   H    sing N N 132 
GLN N   H2   sing N N 133 
GLN CA  C    sing N N 134 
GLN CA  CB   sing N N 135 
GLN CA  HA   sing N N 136 
GLN C   O    doub N N 137 
GLN C   OXT  sing N N 138 
GLN CB  CG   sing N N 139 
GLN CB  HB2  sing N N 140 
GLN CB  HB3  sing N N 141 
GLN CG  CD   sing N N 142 
GLN CG  HG2  sing N N 143 
GLN CG  HG3  sing N N 144 
GLN CD  OE1  doub N N 145 
GLN CD  NE2  sing N N 146 
GLN NE2 HE21 sing N N 147 
GLN NE2 HE22 sing N N 148 
GLN OXT HXT  sing N N 149 
GLU N   CA   sing N N 150 
GLU N   H    sing N N 151 
GLU N   H2   sing N N 152 
GLU CA  C    sing N N 153 
GLU CA  CB   sing N N 154 
GLU CA  HA   sing N N 155 
GLU C   O    doub N N 156 
GLU C   OXT  sing N N 157 
GLU CB  CG   sing N N 158 
GLU CB  HB2  sing N N 159 
GLU CB  HB3  sing N N 160 
GLU CG  CD   sing N N 161 
GLU CG  HG2  sing N N 162 
GLU CG  HG3  sing N N 163 
GLU CD  OE1  doub N N 164 
GLU CD  OE2  sing N N 165 
GLU OE2 HE2  sing N N 166 
GLU OXT HXT  sing N N 167 
GLY N   CA   sing N N 168 
GLY N   H    sing N N 169 
GLY N   H2   sing N N 170 
GLY CA  C    sing N N 171 
GLY CA  HA2  sing N N 172 
GLY CA  HA3  sing N N 173 
GLY C   O    doub N N 174 
GLY C   OXT  sing N N 175 
GLY OXT HXT  sing N N 176 
HIS N   CA   sing N N 177 
HIS N   H    sing N N 178 
HIS N   H2   sing N N 179 
HIS CA  C    sing N N 180 
HIS CA  CB   sing N N 181 
HIS CA  HA   sing N N 182 
HIS C   O    doub N N 183 
HIS C   OXT  sing N N 184 
HIS CB  CG   sing N N 185 
HIS CB  HB2  sing N N 186 
HIS CB  HB3  sing N N 187 
HIS CG  ND1  sing Y N 188 
HIS CG  CD2  doub Y N 189 
HIS ND1 CE1  doub Y N 190 
HIS ND1 HD1  sing N N 191 
HIS CD2 NE2  sing Y N 192 
HIS CD2 HD2  sing N N 193 
HIS CE1 NE2  sing Y N 194 
HIS CE1 HE1  sing N N 195 
HIS NE2 HE2  sing N N 196 
HIS OXT HXT  sing N N 197 
HOH O   H1   sing N N 198 
HOH O   H2   sing N N 199 
ILE N   CA   sing N N 200 
ILE N   H    sing N N 201 
ILE N   H2   sing N N 202 
ILE CA  C    sing N N 203 
ILE CA  CB   sing N N 204 
ILE CA  HA   sing N N 205 
ILE C   O    doub N N 206 
ILE C   OXT  sing N N 207 
ILE CB  CG1  sing N N 208 
ILE CB  CG2  sing N N 209 
ILE CB  HB   sing N N 210 
ILE CG1 CD1  sing N N 211 
ILE CG1 HG12 sing N N 212 
ILE CG1 HG13 sing N N 213 
ILE CG2 HG21 sing N N 214 
ILE CG2 HG22 sing N N 215 
ILE CG2 HG23 sing N N 216 
ILE CD1 HD11 sing N N 217 
ILE CD1 HD12 sing N N 218 
ILE CD1 HD13 sing N N 219 
ILE OXT HXT  sing N N 220 
LEU N   CA   sing N N 221 
LEU N   H    sing N N 222 
LEU N   H2   sing N N 223 
LEU CA  C    sing N N 224 
LEU CA  CB   sing N N 225 
LEU CA  HA   sing N N 226 
LEU C   O    doub N N 227 
LEU C   OXT  sing N N 228 
LEU CB  CG   sing N N 229 
LEU CB  HB2  sing N N 230 
LEU CB  HB3  sing N N 231 
LEU CG  CD1  sing N N 232 
LEU CG  CD2  sing N N 233 
LEU CG  HG   sing N N 234 
LEU CD1 HD11 sing N N 235 
LEU CD1 HD12 sing N N 236 
LEU CD1 HD13 sing N N 237 
LEU CD2 HD21 sing N N 238 
LEU CD2 HD22 sing N N 239 
LEU CD2 HD23 sing N N 240 
LEU OXT HXT  sing N N 241 
LYS N   CA   sing N N 242 
LYS N   H    sing N N 243 
LYS N   H2   sing N N 244 
LYS CA  C    sing N N 245 
LYS CA  CB   sing N N 246 
LYS CA  HA   sing N N 247 
LYS C   O    doub N N 248 
LYS C   OXT  sing N N 249 
LYS CB  CG   sing N N 250 
LYS CB  HB2  sing N N 251 
LYS CB  HB3  sing N N 252 
LYS CG  CD   sing N N 253 
LYS CG  HG2  sing N N 254 
LYS CG  HG3  sing N N 255 
LYS CD  CE   sing N N 256 
LYS CD  HD2  sing N N 257 
LYS CD  HD3  sing N N 258 
LYS CE  NZ   sing N N 259 
LYS CE  HE2  sing N N 260 
LYS CE  HE3  sing N N 261 
LYS NZ  HZ1  sing N N 262 
LYS NZ  HZ2  sing N N 263 
LYS NZ  HZ3  sing N N 264 
LYS OXT HXT  sing N N 265 
MET N   CA   sing N N 266 
MET N   H    sing N N 267 
MET N   H2   sing N N 268 
MET CA  C    sing N N 269 
MET CA  CB   sing N N 270 
MET CA  HA   sing N N 271 
MET C   O    doub N N 272 
MET C   OXT  sing N N 273 
MET CB  CG   sing N N 274 
MET CB  HB2  sing N N 275 
MET CB  HB3  sing N N 276 
MET CG  SD   sing N N 277 
MET CG  HG2  sing N N 278 
MET CG  HG3  sing N N 279 
MET SD  CE   sing N N 280 
MET CE  HE1  sing N N 281 
MET CE  HE2  sing N N 282 
MET CE  HE3  sing N N 283 
MET OXT HXT  sing N N 284 
PHE N   CA   sing N N 285 
PHE N   H    sing N N 286 
PHE N   H2   sing N N 287 
PHE CA  C    sing N N 288 
PHE CA  CB   sing N N 289 
PHE CA  HA   sing N N 290 
PHE C   O    doub N N 291 
PHE C   OXT  sing N N 292 
PHE CB  CG   sing N N 293 
PHE CB  HB2  sing N N 294 
PHE CB  HB3  sing N N 295 
PHE CG  CD1  doub Y N 296 
PHE CG  CD2  sing Y N 297 
PHE CD1 CE1  sing Y N 298 
PHE CD1 HD1  sing N N 299 
PHE CD2 CE2  doub Y N 300 
PHE CD2 HD2  sing N N 301 
PHE CE1 CZ   doub Y N 302 
PHE CE1 HE1  sing N N 303 
PHE CE2 CZ   sing Y N 304 
PHE CE2 HE2  sing N N 305 
PHE CZ  HZ   sing N N 306 
PHE OXT HXT  sing N N 307 
PRO N   CA   sing N N 308 
PRO N   CD   sing N N 309 
PRO N   H    sing N N 310 
PRO CA  C    sing N N 311 
PRO CA  CB   sing N N 312 
PRO CA  HA   sing N N 313 
PRO C   O    doub N N 314 
PRO C   OXT  sing N N 315 
PRO CB  CG   sing N N 316 
PRO CB  HB2  sing N N 317 
PRO CB  HB3  sing N N 318 
PRO CG  CD   sing N N 319 
PRO CG  HG2  sing N N 320 
PRO CG  HG3  sing N N 321 
PRO CD  HD2  sing N N 322 
PRO CD  HD3  sing N N 323 
PRO OXT HXT  sing N N 324 
SER N   CA   sing N N 325 
SER N   H    sing N N 326 
SER N   H2   sing N N 327 
SER CA  C    sing N N 328 
SER CA  CB   sing N N 329 
SER CA  HA   sing N N 330 
SER C   O    doub N N 331 
SER C   OXT  sing N N 332 
SER CB  OG   sing N N 333 
SER CB  HB2  sing N N 334 
SER CB  HB3  sing N N 335 
SER OG  HG   sing N N 336 
SER OXT HXT  sing N N 337 
THR N   CA   sing N N 338 
THR N   H    sing N N 339 
THR N   H2   sing N N 340 
THR CA  C    sing N N 341 
THR CA  CB   sing N N 342 
THR CA  HA   sing N N 343 
THR C   O    doub N N 344 
THR C   OXT  sing N N 345 
THR CB  OG1  sing N N 346 
THR CB  CG2  sing N N 347 
THR CB  HB   sing N N 348 
THR OG1 HG1  sing N N 349 
THR CG2 HG21 sing N N 350 
THR CG2 HG22 sing N N 351 
THR CG2 HG23 sing N N 352 
THR OXT HXT  sing N N 353 
TRP N   CA   sing N N 354 
TRP N   H    sing N N 355 
TRP N   H2   sing N N 356 
TRP CA  C    sing N N 357 
TRP CA  CB   sing N N 358 
TRP CA  HA   sing N N 359 
TRP C   O    doub N N 360 
TRP C   OXT  sing N N 361 
TRP CB  CG   sing N N 362 
TRP CB  HB2  sing N N 363 
TRP CB  HB3  sing N N 364 
TRP CG  CD1  doub Y N 365 
TRP CG  CD2  sing Y N 366 
TRP CD1 NE1  sing Y N 367 
TRP CD1 HD1  sing N N 368 
TRP CD2 CE2  doub Y N 369 
TRP CD2 CE3  sing Y N 370 
TRP NE1 CE2  sing Y N 371 
TRP NE1 HE1  sing N N 372 
TRP CE2 CZ2  sing Y N 373 
TRP CE3 CZ3  doub Y N 374 
TRP CE3 HE3  sing N N 375 
TRP CZ2 CH2  doub Y N 376 
TRP CZ2 HZ2  sing N N 377 
TRP CZ3 CH2  sing Y N 378 
TRP CZ3 HZ3  sing N N 379 
TRP CH2 HH2  sing N N 380 
TRP OXT HXT  sing N N 381 
TYR N   CA   sing N N 382 
TYR N   H    sing N N 383 
TYR N   H2   sing N N 384 
TYR CA  C    sing N N 385 
TYR CA  CB   sing N N 386 
TYR CA  HA   sing N N 387 
TYR C   O    doub N N 388 
TYR C   OXT  sing N N 389 
TYR CB  CG   sing N N 390 
TYR CB  HB2  sing N N 391 
TYR CB  HB3  sing N N 392 
TYR CG  CD1  doub Y N 393 
TYR CG  CD2  sing Y N 394 
TYR CD1 CE1  sing Y N 395 
TYR CD1 HD1  sing N N 396 
TYR CD2 CE2  doub Y N 397 
TYR CD2 HD2  sing N N 398 
TYR CE1 CZ   doub Y N 399 
TYR CE1 HE1  sing N N 400 
TYR CE2 CZ   sing Y N 401 
TYR CE2 HE2  sing N N 402 
TYR CZ  OH   sing N N 403 
TYR OH  HH   sing N N 404 
TYR OXT HXT  sing N N 405 
VAL N   CA   sing N N 406 
VAL N   H    sing N N 407 
VAL N   H2   sing N N 408 
VAL CA  C    sing N N 409 
VAL CA  CB   sing N N 410 
VAL CA  HA   sing N N 411 
VAL C   O    doub N N 412 
VAL C   OXT  sing N N 413 
VAL CB  CG1  sing N N 414 
VAL CB  CG2  sing N N 415 
VAL CB  HB   sing N N 416 
VAL CG1 HG11 sing N N 417 
VAL CG1 HG12 sing N N 418 
VAL CG1 HG13 sing N N 419 
VAL CG2 HG21 sing N N 420 
VAL CG2 HG22 sing N N 421 
VAL CG2 HG23 sing N N 422 
VAL OXT HXT  sing N N 423 
# 
_pdbx_audit_support.funding_organization   'Japan Society for the Promotion of Science (JSPS)' 
_pdbx_audit_support.country                Japan 
_pdbx_audit_support.grant_number           ? 
_pdbx_audit_support.ordinal                1 
# 
loop_
_pdbx_entity_branch_list.entity_id 
_pdbx_entity_branch_list.comp_id 
_pdbx_entity_branch_list.num 
_pdbx_entity_branch_list.hetero 
2 FRU 1 n 
2 GLC 2 n 
2 GLC 3 n 
# 
loop_
_pdbx_entity_instance_feature.ordinal 
_pdbx_entity_instance_feature.comp_id 
_pdbx_entity_instance_feature.asym_id 
_pdbx_entity_instance_feature.seq_num 
_pdbx_entity_instance_feature.auth_comp_id 
_pdbx_entity_instance_feature.auth_asym_id 
_pdbx_entity_instance_feature.auth_seq_num 
_pdbx_entity_instance_feature.feature_type 
_pdbx_entity_instance_feature.details 
1 FRU ? ? FRU ? ? 'SUBJECT OF INVESTIGATION' ? 
2 GLC ? ? GLC ? ? 'SUBJECT OF INVESTIGATION' ? 
# 
_pdbx_initial_refinement_model.id               1 
_pdbx_initial_refinement_model.entity_id_list   1 
_pdbx_initial_refinement_model.type             'experimental model' 
_pdbx_initial_refinement_model.source_name      PDB 
_pdbx_initial_refinement_model.accession_code   1LCL 
_pdbx_initial_refinement_model.details          ? 
# 
_space_group.name_H-M_alt     'P 65 2 2' 
_space_group.name_Hall        'P 65 2 (x,y,z+1/12)' 
_space_group.IT_number        179 
_space_group.crystal_system   hexagonal 
_space_group.id               1 
# 
_atom_sites.entry_id                    8JAE 
_atom_sites.Cartn_transf_matrix[1][1]   ? 
_atom_sites.Cartn_transf_matrix[1][2]   ? 
_atom_sites.Cartn_transf_matrix[1][3]   ? 
_atom_sites.Cartn_transf_matrix[2][1]   ? 
_atom_sites.Cartn_transf_matrix[2][2]   ? 
_atom_sites.Cartn_transf_matrix[2][3]   ? 
_atom_sites.Cartn_transf_matrix[3][1]   ? 
_atom_sites.Cartn_transf_matrix[3][2]   ? 
_atom_sites.Cartn_transf_matrix[3][3]   ? 
_atom_sites.Cartn_transf_vector[1]      ? 
_atom_sites.Cartn_transf_vector[2]      ? 
_atom_sites.Cartn_transf_vector[3]      ? 
_atom_sites.fract_transf_matrix[1][1]   0.00737810 
_atom_sites.fract_transf_matrix[1][2]   -0.00817046 
_atom_sites.fract_transf_matrix[1][3]   0.02074912 
_atom_sites.fract_transf_matrix[2][1]   -0.01161622 
_atom_sites.fract_transf_matrix[2][2]   -0.01748407 
_atom_sites.fract_transf_matrix[2][3]   0.01054058 
_atom_sites.fract_transf_matrix[3][1]   0.00220544 
_atom_sites.fract_transf_matrix[3][2]   -0.00254135 
_atom_sites.fract_transf_matrix[3][3]   -0.00178494 
_atom_sites.fract_transf_vector[1]      0.290473 
_atom_sites.fract_transf_vector[2]      0.713152 
_atom_sites.fract_transf_vector[3]      0.304010 
_atom_sites.solution_primary            ? 
_atom_sites.solution_secondary          ? 
_atom_sites.solution_hydrogens          ? 
_atom_sites.special_details             ? 
# 
loop_
_atom_type.symbol 
_atom_type.scat_dispersion_real 
_atom_type.scat_dispersion_imag 
_atom_type.scat_Cromer_Mann_a1 
_atom_type.scat_Cromer_Mann_a2 
_atom_type.scat_Cromer_Mann_a3 
_atom_type.scat_Cromer_Mann_a4 
_atom_type.scat_Cromer_Mann_b1 
_atom_type.scat_Cromer_Mann_b2 
_atom_type.scat_Cromer_Mann_b3 
_atom_type.scat_Cromer_Mann_b4 
_atom_type.scat_Cromer_Mann_c 
_atom_type.scat_source 
_atom_type.scat_dispersion_source 
C ? ? 3.54356 2.42580 ? ? 25.62398 1.50364  ? ? 0.0 
;2-Gaussian fit: Grosse-Kunstleve RW, Sauter NK, Adams PD: Newsletter of the IUCr Commission on Crystallographic Computing 2004, 3, 22-31.
;
? 
N ? ? 4.01032 2.96436 ? ? 19.97189 1.75589  ? ? 0.0 
;2-Gaussian fit: Grosse-Kunstleve RW, Sauter NK, Adams PD: Newsletter of the IUCr Commission on Crystallographic Computing 2004, 3, 22-31.
;
? 
O ? ? 4.49882 3.47563 ? ? 15.80542 1.70748  ? ? 0.0 
;2-Gaussian fit: Grosse-Kunstleve RW, Sauter NK, Adams PD: Newsletter of the IUCr Commission on Crystallographic Computing 2004, 3, 22-31.
;
? 
S ? ? 9.55732 6.39887 ? ? 1.23737  29.19336 ? ? 0.0 
;2-Gaussian fit: Grosse-Kunstleve RW, Sauter NK, Adams PD: Newsletter of the IUCr Commission on Crystallographic Computing 2004, 3, 22-31.
;
? 
# 
loop_
_atom_site.group_PDB 
_atom_site.id 
_atom_site.type_symbol 
_atom_site.label_atom_id 
_atom_site.label_alt_id 
_atom_site.label_comp_id 
_atom_site.label_asym_id 
_atom_site.label_entity_id 
_atom_site.label_seq_id 
_atom_site.pdbx_PDB_ins_code 
_atom_site.Cartn_x 
_atom_site.Cartn_y 
_atom_site.Cartn_z 
_atom_site.occupancy 
_atom_site.B_iso_or_equiv 
_atom_site.pdbx_formal_charge 
_atom_site.auth_seq_id 
_atom_site.auth_comp_id 
_atom_site.auth_asym_id 
_atom_site.auth_atom_id 
_atom_site.pdbx_PDB_model_num 
ATOM   1    N N   . LEU A 1 3   ? -14.59439 -6.40290  8.89066   1.000 47.18766 ? 3   LEU A N   1 
ATOM   2    C CA  . LEU A 1 3   ? -14.36625 -7.56252  9.74202   1.000 41.77637 ? 3   LEU A CA  1 
ATOM   3    C C   . LEU A 1 3   ? -12.93419 -7.59046  10.27224  1.000 33.02489 ? 3   LEU A C   1 
ATOM   4    O O   . LEU A 1 3   ? -12.69619 -8.03024  11.39835  1.000 35.81338 ? 3   LEU A O   1 
ATOM   5    C CB  . LEU A 1 3   ? -14.66612 -8.86242  8.98471   1.000 40.95819 ? 3   LEU A CB  1 
ATOM   6    C CG  . LEU A 1 3   ? -15.54389 -8.80281  7.73296   1.000 43.33179 ? 3   LEU A CG  1 
ATOM   7    C CD1 . LEU A 1 3   ? -14.77489 -9.31963  6.52292   1.000 44.79062 ? 3   LEU A CD1 1 
ATOM   8    C CD2 . LEU A 1 3   ? -16.82565 -9.60559  7.93650   1.000 48.05850 ? 3   LEU A CD2 1 
ATOM   9    N N   . LEU A 1 4   ? -11.96271 -7.11783  9.44665   1.000 29.26928 ? 4   LEU A N   1 
ATOM   10   C CA  . LEU A 1 4   ? -10.56434 -7.12229  9.88245   1.000 25.10528 ? 4   LEU A CA  1 
ATOM   11   C C   . LEU A 1 4   ? -10.26097 -5.84032  10.64200  1.000 26.25737 ? 4   LEU A C   1 
ATOM   12   O O   . LEU A 1 4   ? -10.59270 -4.75237  10.15941  1.000 31.03339 ? 4   LEU A O   1 
ATOM   13   C CB  . LEU A 1 4   ? -9.61804  -7.24389  8.70028   1.000 20.74496 ? 4   LEU A CB  1 
ATOM   14   C CG  . LEU A 1 4   ? -9.81747  -8.49614  7.84438   1.000 23.05099 ? 4   LEU A CG  1 
ATOM   15   C CD1 . LEU A 1 4   ? -8.89193  -8.46775  6.64810   1.000 21.76224 ? 4   LEU A CD1 1 
ATOM   16   C CD2 . LEU A 1 4   ? -9.59857  -9.75189  8.68021   1.000 30.61054 ? 4   LEU A CD2 1 
ATOM   17   N N   . PRO A 1 5   ? -9.65234  -5.92451  11.82075  1.000 19.90608 ? 5   PRO A N   1 
ATOM   18   C CA  . PRO A 1 5   ? -9.41975  -4.71159  12.61331  1.000 21.56187 ? 5   PRO A CA  1 
ATOM   19   C C   . PRO A 1 5   ? -8.40814  -3.79687  11.94254  1.000 17.57761 ? 5   PRO A C   1 
ATOM   20   O O   . PRO A 1 5   ? -7.39768  -4.25023  11.40901  1.000 20.56978 ? 5   PRO A O   1 
ATOM   21   C CB  . PRO A 1 5   ? -8.87668  -5.26038  13.93880  1.000 33.23937 ? 5   PRO A CB  1 
ATOM   22   C CG  . PRO A 1 5   ? -9.41510  -6.66714  13.99672  1.000 34.09363 ? 5   PRO A CG  1 
ATOM   23   C CD  . PRO A 1 5   ? -9.28092  -7.13668  12.56979  1.000 26.66247 ? 5   PRO A CD  1 
ATOM   24   N N   . VAL A 1 6   ? -8.68772  -2.49755  11.97998  1.000 12.20074 ? 6   VAL A N   1 
ATOM   25   C CA  . VAL A 1 6   ? -7.80509  -1.47050  11.43741  1.000 9.85879  ? 6   VAL A CA  1 
ATOM   26   C C   . VAL A 1 6   ? -7.39415  -0.54902  12.57843  1.000 14.72558 ? 6   VAL A C   1 
ATOM   27   O O   . VAL A 1 6   ? -8.26030  -0.09555  13.33207  1.000 16.44518 ? 6   VAL A O   1 
ATOM   28   C CB  . VAL A 1 6   ? -8.48028  -0.65734  10.31818  1.000 10.83947 ? 6   VAL A CB  1 
ATOM   29   C CG1 . VAL A 1 6   ? -7.57660  0.50289   9.87213   1.000 13.39928 ? 6   VAL A CG1 1 
ATOM   30   C CG2 . VAL A 1 6   ? -8.84557  -1.56703  9.13635   1.000 14.91834 ? 6   VAL A CG2 1 
ATOM   31   N N   . PRO A 1 7   ? -6.09431  -0.22737  12.74603  1.000 12.97036 ? 7   PRO A N   1 
ATOM   32   C CA  . PRO A 1 7   ? -4.90927  -0.63392  11.96935  1.000 11.33311 ? 7   PRO A CA  1 
ATOM   33   C C   . PRO A 1 7   ? -4.69976  -2.14425  11.89062  1.000 15.75325 ? 7   PRO A C   1 
ATOM   34   O O   . PRO A 1 7   ? -4.85579  -2.85653  12.89272  1.000 16.46364 ? 7   PRO A O   1 
ATOM   35   C CB  . PRO A 1 7   ? -3.75513  0.02145   12.73900  1.000 16.01924 ? 7   PRO A CB  1 
ATOM   36   C CG  . PRO A 1 7   ? -4.38539  1.22024   13.36793  1.000 16.74938 ? 7   PRO A CG  1 
ATOM   37   C CD  . PRO A 1 7   ? -5.72487  0.72579   13.81480  1.000 13.40137 ? 7   PRO A CD  1 
ATOM   38   N N   . TYR A 1 8   ? -4.36289  -2.61967  10.69643  1.000 8.85334  ? 8   TYR A N   1 
ATOM   39   C CA  . TYR A 1 8   ? -4.18948  -4.03956  10.43487  1.000 9.77003  ? 8   TYR A CA  1 
ATOM   40   C C   . TYR A 1 8   ? -2.71579  -4.30813  10.18363  1.000 10.81363 ? 8   TYR A C   1 
ATOM   41   O O   . TYR A 1 8   ? -2.11319  -3.68181  9.30734   1.000 13.06227 ? 8   TYR A O   1 
ATOM   42   C CB  . TYR A 1 8   ? -5.01138  -4.47672  9.22135   1.000 11.71573 ? 8   TYR A CB  1 
ATOM   43   C CG  . TYR A 1 8   ? -4.90551  -5.96054  8.95902   1.000 12.04654 ? 8   TYR A CG  1 
ATOM   44   C CD1 . TYR A 1 8   ? -5.62860  -6.86542  9.72254   1.000 17.46595 ? 8   TYR A CD1 1 
ATOM   45   C CD2 . TYR A 1 8   ? -4.07038  -6.44583  7.97879   1.000 13.46355 ? 8   TYR A CD2 1 
ATOM   46   C CE1 . TYR A 1 8   ? -5.52908  -8.23310  9.49557   1.000 17.18356 ? 8   TYR A CE1 1 
ATOM   47   C CE2 . TYR A 1 8   ? -3.94712  -7.80810  7.75571   1.000 14.63767 ? 8   TYR A CE2 1 
ATOM   48   C CZ  . TYR A 1 8   ? -4.68236  -8.69105  8.51436   1.000 19.08694 ? 8   TYR A CZ  1 
ATOM   49   O OH  . TYR A 1 8   ? -4.56925  -10.05086 8.28840   1.000 23.23498 ? 8   TYR A OH  1 
ATOM   50   N N   . THR A 1 9   ? -2.13751  -5.24863  10.93140  1.000 11.91562 ? 9   THR A N   1 
ATOM   51   C CA  . THR A 1 9   ? -0.71990  -5.57224  10.81566  1.000 9.90004  ? 9   THR A CA  1 
ATOM   52   C C   . THR A 1 9   ? -0.57959  -7.06872  10.56603  1.000 10.78654 ? 9   THR A C   1 
ATOM   53   O O   . THR A 1 9   ? -1.22982  -7.87230  11.24202  1.000 16.67837 ? 9   THR A O   1 
ATOM   54   C CB  . THR A 1 9   ? 0.03616   -5.16352  12.09024  1.000 14.82786 ? 9   THR A CB  1 
ATOM   55   O OG1 . THR A 1 9   ? -0.09928  -3.75321  12.31687  1.000 17.55633 ? 9   THR A OG1 1 
ATOM   56   C CG2 . THR A 1 9   ? 1.51514   -5.51926  11.98572  1.000 20.15067 ? 9   THR A CG2 1 
ATOM   57   N N   . GLU A 1 10  ? 0.23574   -7.44953  9.58090   1.000 11.78495 ? 10  GLU A N   1 
ATOM   58   C CA  . GLU A 1 10  ? 0.44790   -8.86199  9.28394   1.000 12.52404 ? 10  GLU A CA  1 
ATOM   59   C C   . GLU A 1 10  ? 1.91002   -9.08881  8.92871   1.000 14.38499 ? 10  GLU A C   1 
ATOM   60   O O   . GLU A 1 10  ? 2.47676   -8.35279  8.11327   1.000 12.80897 ? 10  GLU A O   1 
ATOM   61   C CB  . GLU A 1 10  ? -0.44443  -9.34481  8.13070   1.000 10.88238 ? 10  GLU A CB  1 
ATOM   62   C CG  . GLU A 1 10  ? -0.33029  -10.86127 7.85107   1.000 20.21009 ? 10  GLU A CG  1 
ATOM   63   C CD  . GLU A 1 10  ? -1.38806  -11.37749 6.87467   1.000 18.82681 ? 10  GLU A CD  1 
ATOM   64   O OE1 . GLU A 1 10  ? -2.58858  -11.11861 7.09428   1.000 23.21005 ? 10  GLU A OE1 1 
ATOM   65   O OE2 . GLU A 1 10  ? -1.02012  -12.04682 5.88384   1.000 25.88570 ? 10  GLU A OE2 1 
ATOM   66   N N   . ALA A 1 11  ? 2.52373   -10.10379 9.54272   1.000 13.42788 ? 11  ALA A N   1 
ATOM   67   C CA  . ALA A 1 11  ? 3.84303   -10.53682 9.10267   1.000 12.18378 ? 11  ALA A CA  1 
ATOM   68   C C   . ALA A 1 11  ? 3.76792   -10.98228 7.64735   1.000 11.08825 ? 11  ALA A C   1 
ATOM   69   O O   . ALA A 1 11  ? 2.77562   -11.57921 7.22037   1.000 11.20370 ? 11  ALA A O   1 
ATOM   70   C CB  . ALA A 1 11  ? 4.35223   -11.68602 9.98365   1.000 11.51057 ? 11  ALA A CB  1 
ATOM   71   N N   . ALA A 1 12  ? 4.81999   -10.69204 6.88047   1.000 10.89398 ? 12  ALA A N   1 
ATOM   72   C CA  . ALA A 1 12  ? 4.76434   -10.92647 5.44276   1.000 11.90131 ? 12  ALA A CA  1 
ATOM   73   C C   . ALA A 1 12  ? 6.17045   -11.03077 4.89069   1.000 10.33857 ? 12  ALA A C   1 
ATOM   74   O O   . ALA A 1 12  ? 7.09332   -10.38951 5.39587   1.000 16.28117 ? 12  ALA A O   1 
ATOM   75   C CB  . ALA A 1 12  ? 4.01692   -9.80224  4.71078   1.000 14.24235 ? 12  ALA A CB  1 
ATOM   76   N N   . SER A 1 13  ? 6.31805   -11.84123 3.83845   1.000 10.63004 ? 13  SER A N   1 
ATOM   77   C CA  . SER A 1 13  ? 7.53105   -11.90529 3.04202   1.000 15.26508 ? 13  SER A CA  1 
ATOM   78   C C   . SER A 1 13  ? 7.14046   -11.63691 1.59700   1.000 13.52799 ? 13  SER A C   1 
ATOM   79   O O   . SER A 1 13  ? 6.05799   -12.04808 1.15281   1.000 17.68296 ? 13  SER A O   1 
ATOM   80   C CB  . SER A 1 13  ? 8.21445   -13.27332 3.16077   1.000 19.65553 ? 13  SER A CB  1 
ATOM   81   O OG  . SER A 1 13  ? 8.77838   -13.42910 4.44949   1.000 20.88584 ? 13  SER A OG  1 
ATOM   82   N N   . LEU A 1 14  ? 8.00336   -10.91698 0.87962   1.000 12.60174 ? 14  LEU A N   1 
ATOM   83   C CA  . LEU A 1 14  ? 7.74124   -10.50381 -0.49039  1.000 11.06161 ? 14  LEU A CA  1 
ATOM   84   C C   . LEU A 1 14  ? 8.94844   -10.78099 -1.37272  1.000 10.78625 ? 14  LEU A C   1 
ATOM   85   O O   . LEU A 1 14  ? 10.09384  -10.65347 -0.94496  1.000 15.16992 ? 14  LEU A O   1 
ATOM   86   C CB  . LEU A 1 14  ? 7.40555   -9.00429  -0.58256  1.000 15.16487 ? 14  LEU A CB  1 
ATOM   87   C CG  . LEU A 1 14  ? 6.21331   -8.52453  0.23732   1.000 11.24683 ? 14  LEU A CG  1 
ATOM   88   C CD1 . LEU A 1 14  ? 5.98416   -7.00828  0.06420   1.000 14.65746 ? 14  LEU A CD1 1 
ATOM   89   C CD2 . LEU A 1 14  ? 4.96343   -9.27427  -0.15691  1.000 15.32479 ? 14  LEU A CD2 1 
ATOM   90   N N   . SER A 1 15  ? 8.67407   -11.13368 -2.62198  1.000 12.99943 ? 15  SER A N   1 
ATOM   91   C CA  . SER A 1 15  ? 9.70670   -11.22794 -3.64755  1.000 13.58491 ? 15  SER A CA  1 
ATOM   92   C C   . SER A 1 15  ? 9.01242   -11.10935 -4.99803  1.000 11.87130 ? 15  SER A C   1 
ATOM   93   O O   . SER A 1 15  ? 7.78836   -10.98110 -5.07348  1.000 12.23622 ? 15  SER A O   1 
ATOM   94   C CB  . SER A 1 15  ? 10.51263  -12.52871 -3.51374  1.000 16.79486 ? 15  SER A CB  1 
ATOM   95   O OG  . SER A 1 15  ? 9.65476   -13.64112 -3.63526  1.000 18.07129 ? 15  SER A OG  1 
ATOM   96   N N   . THR A 1 16  ? 9.79742   -11.15582 -6.07624  1.000 13.01737 ? 16  THR A N   1 
ATOM   97   C CA  . THR A 1 16  ? 9.20107   -11.07617 -7.40314  1.000 13.08696 ? 16  THR A CA  1 
ATOM   98   C C   . THR A 1 16  ? 8.13695   -12.15134 -7.58140  1.000 15.04021 ? 16  THR A C   1 
ATOM   99   O O   . THR A 1 16  ? 8.41034   -13.34462 -7.40918  1.000 17.06460 ? 16  THR A O   1 
ATOM   100  C CB  . THR A 1 16  ? 10.27888  -11.22409 -8.47671  1.000 14.44957 ? 16  THR A CB  1 
ATOM   101  O OG1 . THR A 1 16  ? 11.24874  -10.18443 -8.32257  1.000 17.75672 ? 16  THR A OG1 1 
ATOM   102  C CG2 . THR A 1 16  ? 9.64029   -11.12979 -9.84542  1.000 16.11797 ? 16  THR A CG2 1 
ATOM   103  N N   . GLY A 1 17  ? 6.92598   -11.72741 -7.94811  1.000 13.37814 ? 17  GLY A N   1 
ATOM   104  C CA  . GLY A 1 17  ? 5.79819   -12.61541 -8.08200  1.000 15.82620 ? 17  GLY A CA  1 
ATOM   105  C C   . GLY A 1 17  ? 4.82483   -12.57134 -6.92403  1.000 18.27629 ? 17  GLY A C   1 
ATOM   106  O O   . GLY A 1 17  ? 3.75598   -13.19304 -7.01190  1.000 18.34963 ? 17  GLY A O   1 
ATOM   107  N N   . SER A 1 18  ? 5.16977   -11.88562 -5.83873  1.000 14.38656 ? 18  SER A N   1 
ATOM   108  C CA  . SER A 1 18  ? 4.22737   -11.69888 -4.74685  1.000 13.01450 ? 18  SER A CA  1 
ATOM   109  C C   . SER A 1 18  ? 3.19216   -10.64910 -5.11373  1.000 13.70598 ? 18  SER A C   1 
ATOM   110  O O   . SER A 1 18  ? 3.49420   -9.65969  -5.79339  1.000 12.14566 ? 18  SER A O   1 
ATOM   111  C CB  . SER A 1 18  ? 4.94025   -11.25405 -3.47725  1.000 10.61425 ? 18  SER A CB  1 
ATOM   112  O OG  . SER A 1 18  ? 5.84681   -12.24705 -3.02373  1.000 13.08381 ? 18  SER A OG  1 
ATOM   113  N N   . THR A 1 19  ? 1.97095   -10.85628 -4.62353  1.000 9.66012  ? 19  THR A N   1 
ATOM   114  C CA  . THR A 1 19  ? 0.89052   -9.88311  -4.74679  1.000 10.60021 ? 19  THR A CA  1 
ATOM   115  C C   . THR A 1 19  ? 0.23994   -9.68252  -3.38489  1.000 10.39933 ? 19  THR A C   1 
ATOM   116  O O   . THR A 1 19  ? -0.08866  -10.65849 -2.70236  1.000 13.76723 ? 19  THR A O   1 
ATOM   117  C CB  . THR A 1 19  ? -0.15324  -10.32965 -5.77130  1.000 16.93540 ? 19  THR A CB  1 
ATOM   118  O OG1 . THR A 1 19  ? 0.48873   -10.52970 -7.04178  1.000 18.44756 ? 19  THR A OG1 1 
ATOM   119  C CG2 . THR A 1 19  ? -1.24514  -9.28395  -5.93006  1.000 18.63817 ? 19  THR A CG2 1 
ATOM   120  N N   . VAL A 1 20  ? 0.04957   -8.42492  -2.99813  1.000 10.53063 ? 20  VAL A N   1 
ATOM   121  C CA  . VAL A 1 20  ? -0.69988  -8.06294  -1.79905  1.000 10.60465 ? 20  VAL A CA  1 
ATOM   122  C C   . VAL A 1 20  ? -2.04413  -7.51923  -2.25880  1.000 14.38926 ? 20  VAL A C   1 
ATOM   123  O O   . VAL A 1 20  ? -2.09339  -6.52546  -2.99032  1.000 12.99770 ? 20  VAL A O   1 
ATOM   124  C CB  . VAL A 1 20  ? 0.04988   -7.02200  -0.95572  1.000 10.81284 ? 20  VAL A CB  1 
ATOM   125  C CG1 . VAL A 1 20  ? -0.75834  -6.67524  0.30524   1.000 11.45196 ? 20  VAL A CG1 1 
ATOM   126  C CG2 . VAL A 1 20  ? 1.45012   -7.55761  -0.60350  1.000 13.03301 ? 20  VAL A CG2 1 
ATOM   127  N N   . THR A 1 21  ? -3.13477  -8.15529  -1.83867  1.000 11.83291 ? 21  THR A N   1 
ATOM   128  C CA  . THR A 1 21  ? -4.47203  -7.74547  -2.25418  1.000 11.32392 ? 21  THR A CA  1 
ATOM   129  C C   . THR A 1 21  ? -5.26334  -7.25272  -1.05337  1.000 16.17910 ? 21  THR A C   1 
ATOM   130  O O   . THR A 1 21  ? -5.34595  -7.94422  -0.03523  1.000 12.32133 ? 21  THR A O   1 
ATOM   131  C CB  . THR A 1 21  ? -5.22271  -8.89850  -2.92260  1.000 13.82411 ? 21  THR A CB  1 
ATOM   132  O OG1 . THR A 1 21  ? -4.45956  -9.36445  -4.03420  1.000 18.16918 ? 21  THR A OG1 1 
ATOM   133  C CG2 . THR A 1 21  ? -6.57827  -8.43501  -3.43647  1.000 15.51927 ? 21  THR A CG2 1 
ATOM   134  N N   . ILE A 1 22  ? -5.86382  -6.07194  -1.18949  1.000 10.33436 ? 22  ILE A N   1 
ATOM   135  C CA  . ILE A 1 22  ? -6.57827  -5.40985  -0.10690  1.000 12.23285 ? 22  ILE A CA  1 
ATOM   136  C C   . ILE A 1 22  ? -7.96392  -5.03253  -0.60374  1.000 14.04801 ? 22  ILE A C   1 
ATOM   137  O O   . ILE A 1 22  ? -8.09404  -4.39685  -1.65544  1.000 17.48965 ? 22  ILE A O   1 
ATOM   138  C CB  . ILE A 1 22  ? -5.81040  -4.15817  0.36091   1.000 13.62121 ? 22  ILE A CB  1 
ATOM   139  C CG1 . ILE A 1 22  ? -4.41744  -4.54866  0.86833   1.000 18.10107 ? 22  ILE A CG1 1 
ATOM   140  C CG2 . ILE A 1 22  ? -6.58604  -3.42138  1.41812   1.000 24.24412 ? 22  ILE A CG2 1 
ATOM   141  C CD1 . ILE A 1 22  ? -3.44336  -3.39877  0.88918   1.000 17.69104 ? 22  ILE A CD1 1 
ATOM   142  N N   . LYS A 1 23  ? -9.00123  -5.40913  0.14073   1.000 11.53775 ? 23  LYS A N   1 
ATOM   143  C CA  . LYS A 1 23  ? -10.35483 -4.98006  -0.18849  1.000 12.92475 ? 23  LYS A CA  1 
ATOM   144  C C   . LYS A 1 23  ? -10.90774 -4.17468  0.98087   1.000 13.04370 ? 23  LYS A C   1 
ATOM   145  O O   . LYS A 1 23  ? -10.89542 -4.64741  2.12125   1.000 12.23246 ? 23  LYS A O   1 
ATOM   146  C CB  . LYS A 1 23  ? -11.25855 -6.17608  -0.49690  1.000 15.49178 ? 23  LYS A CB  1 
ATOM   147  C CG  . LYS A 1 23  ? -12.65467 -5.79353  -0.92660  1.000 22.84421 ? 23  LYS A CG  1 
ATOM   148  C CD  . LYS A 1 23  ? -13.25568 -6.83432  -1.86935  1.000 32.30687 ? 23  LYS A CD  1 
ATOM   149  C CE  . LYS A 1 23  ? -14.09723 -6.17013  -2.94961  1.000 45.21824 ? 23  LYS A CE  1 
ATOM   150  N NZ  . LYS A 1 23  ? -15.26091 -7.00598  -3.36728  1.000 55.05008 ? 23  LYS A NZ  1 
ATOM   151  N N   . GLY A 1 24  ? -11.35689 -2.95509  0.70981   1.000 11.60995 ? 24  GLY A N   1 
ATOM   152  C CA  . GLY A 1 24  ? -11.79986 -2.10159  1.79671   1.000 12.11065 ? 24  GLY A CA  1 
ATOM   153  C C   . GLY A 1 24  ? -12.70371 -0.99181  1.31566   1.000 11.58835 ? 24  GLY A C   1 
ATOM   154  O O   . GLY A 1 24  ? -13.10294 -0.95658  0.15657   1.000 13.04947 ? 24  GLY A O   1 
ATOM   155  N N   . ARG A 1 25  ? -13.04479 -0.08447  2.24916   1.000 11.71750 ? 25  ARG A N   1 
ATOM   156  C CA  . ARG A 1 25  ? -14.00383 0.98961   2.00482   1.000 10.40314 ? 25  ARG A CA  1 
ATOM   157  C C   . ARG A 1 25  ? -13.57864 2.20360   2.81599   1.000 10.50256 ? 25  ARG A C   1 
ATOM   158  O O   . ARG A 1 25  ? -13.25895 2.04600   4.00106   1.000 13.33137 ? 25  ARG A O   1 
ATOM   159  C CB  . ARG A 1 25  ? -15.41310 0.56300   2.44417   1.000 17.31583 ? 25  ARG A CB  1 
ATOM   160  C CG  . ARG A 1 25  ? -16.52272 1.53055   2.12486   1.000 29.14793 ? 25  ARG A CG  1 
ATOM   161  C CD  . ARG A 1 25  ? -17.88757 0.83131   2.17734   1.000 34.39628 ? 25  ARG A CD  1 
ATOM   162  N NE  . ARG A 1 25  ? -18.73000 1.15015   1.03280   1.000 38.85030 ? 25  ARG A NE  1 
ATOM   163  C CZ  . ARG A 1 25  ? -19.36296 0.25250   0.28967   1.000 38.52923 ? 25  ARG A CZ  1 
ATOM   164  N NH1 . ARG A 1 25  ? -19.25746 -1.04564  0.53006   1.000 40.22958 ? 25  ARG A NH1 1 
ATOM   165  N NH2 . ARG A 1 25  ? -20.12030 0.66763   -0.72310  1.000 41.73227 ? 25  ARG A NH2 1 
ATOM   166  N N   . PRO A 1 26  ? -13.58859 3.41336   2.25085   1.000 12.09603 ? 26  PRO A N   1 
ATOM   167  C CA  . PRO A 1 26  ? -13.31155 4.59012   3.08773   1.000 12.51306 ? 26  PRO A CA  1 
ATOM   168  C C   . PRO A 1 26  ? -14.36826 4.75966   4.16599   1.000 11.22129 ? 26  PRO A C   1 
ATOM   169  O O   . PRO A 1 26  ? -15.53759 4.40852   3.98480   1.000 12.93006 ? 26  PRO A O   1 
ATOM   170  C CB  . PRO A 1 26  ? -13.32212 5.76333   2.09543   1.000 11.71018 ? 26  PRO A CB  1 
ATOM   171  C CG  . PRO A 1 26  ? -13.14557 5.11547   0.72921   1.000 14.61923 ? 26  PRO A CG  1 
ATOM   172  C CD  . PRO A 1 26  ? -13.78117 3.76665   0.83796   1.000 14.86110 ? 26  PRO A CD  1 
ATOM   173  N N   . LEU A 1 27  ? -13.94429 5.32980   5.29757   1.000 10.18406 ? 27  LEU A N   1 
ATOM   174  C CA  . LEU A 1 27  ? -14.83752 5.55814   6.42992   1.000 11.55953 ? 27  LEU A CA  1 
ATOM   175  C C   . LEU A 1 27  ? -15.54689 6.90644   6.36747   1.000 13.32734 ? 27  LEU A C   1 
ATOM   176  O O   . LEU A 1 27  ? -16.27715 7.25054   7.30653   1.000 18.57242 ? 27  LEU A O   1 
ATOM   177  C CB  . LEU A 1 27  ? -14.05182 5.45415   7.73958   1.000 11.46962 ? 27  LEU A CB  1 
ATOM   178  C CG  . LEU A 1 27  ? -13.50276 4.07884   8.12183   1.000 13.84721 ? 27  LEU A CG  1 
ATOM   179  C CD1 . LEU A 1 27  ? -12.65411 4.19108   9.37820   1.000 13.97879 ? 27  LEU A CD1 1 
ATOM   180  C CD2 . LEU A 1 27  ? -14.61676 3.04614   8.30580   1.000 16.10301 ? 27  LEU A CD2 1 
ATOM   181  N N   . ALA A 1 28  ? -15.35111 7.67308   5.29905   1.000 10.98396 ? 28  ALA A N   1 
ATOM   182  C CA  . ALA A 1 28  ? -15.99142 8.97429   5.16131   1.000 11.43660 ? 28  ALA A CA  1 
ATOM   183  C C   . ALA A 1 28  ? -16.11241 9.30597   3.68242   1.000 13.15922 ? 28  ALA A C   1 
ATOM   184  O O   . ALA A 1 28  ? -15.40016 8.75215   2.83874   1.000 12.64670 ? 28  ALA A O   1 
ATOM   185  C CB  . ALA A 1 28  ? -15.20275 10.06257  5.90182   1.000 12.78157 ? 28  ALA A CB  1 
ATOM   186  N N   . CYS A 1 29  ? -17.03852 10.20775  3.37817   1.000 12.37098 ? 29  CYS A N   1 
ATOM   187  C CA  . CYS A 1 29  ? -17.18075 10.70108  2.01933   1.000 11.61747 ? 29  CYS A CA  1 
ATOM   188  C C   . CYS A 1 29  ? -15.91856 11.44854  1.59847   1.000 13.04762 ? 29  CYS A C   1 
ATOM   189  O O   . CYS A 1 29  ? -15.16704 11.96850  2.43003   1.000 13.75847 ? 29  CYS A O   1 
ATOM   190  C CB  . CYS A 1 29  ? -18.39039 11.63105  1.91400   1.000 15.73587 ? 29  CYS A CB  1 
ATOM   191  S SG  . CYS A 1 29  ? -18.24811 13.17092  2.89985   1.000 15.74994 ? 29  CYS A SG  1 
ATOM   192  N N   . PHE A 1 30  ? -15.71032 11.53644  0.28010   1.000 11.86487 ? 30  PHE A N   1 
ATOM   193  C CA  . PHE A 1 30  ? -14.48921 12.15864  -0.22275  1.000 12.57623 ? 30  PHE A CA  1 
ATOM   194  C C   . PHE A 1 30  ? -14.43177 13.63944  0.12780   1.000 13.40988 ? 30  PHE A C   1 
ATOM   195  O O   . PHE A 1 30  ? -13.33485 14.19904  0.25011   1.000 13.22253 ? 30  PHE A O   1 
ATOM   196  C CB  . PHE A 1 30  ? -14.36313 11.98322  -1.74965  1.000 15.03729 ? 30  PHE A CB  1 
ATOM   197  C CG  . PHE A 1 30  ? -13.87155 10.61929  -2.18534  1.000 15.33775 ? 30  PHE A CG  1 
ATOM   198  C CD1 . PHE A 1 30  ? -13.90716 9.53024   -1.32965  1.000 11.74051 ? 30  PHE A CD1 1 
ATOM   199  C CD2 . PHE A 1 30  ? -13.40751 10.43557  -3.48139  1.000 17.50464 ? 30  PHE A CD2 1 
ATOM   200  C CE1 . PHE A 1 30  ? -13.46610 8.27779   -1.75192  1.000 14.25378 ? 30  PHE A CE1 1 
ATOM   201  C CE2 . PHE A 1 30  ? -12.95317 9.18601   -3.90809  1.000 17.43267 ? 30  PHE A CE2 1 
ATOM   202  C CZ  . PHE A 1 30  ? -12.99610 8.10875   -3.04402  1.000 14.50449 ? 30  PHE A CZ  1 
ATOM   203  N N   . LEU A 1 31  ? -15.58810 14.29295  0.30294   1.000 11.37737 ? 31  LEU A N   1 
ATOM   204  C CA  . LEU A 1 31  ? -15.57072 15.69537  0.69508   1.000 14.49320 ? 31  LEU A CA  1 
ATOM   205  C C   . LEU A 1 31  ? -14.79892 15.90517  1.99136   1.000 13.61972 ? 31  LEU A C   1 
ATOM   206  O O   . LEU A 1 31  ? -14.18330 16.95661  2.18026   1.000 13.87484 ? 31  LEU A O   1 
ATOM   207  C CB  . LEU A 1 31  ? -17.00347 16.21736  0.83287   1.000 15.30618 ? 31  LEU A CB  1 
ATOM   208  C CG  . LEU A 1 31  ? -17.08755 17.72546  1.07152   1.000 15.99679 ? 31  LEU A CG  1 
ATOM   209  C CD1 . LEU A 1 31  ? -16.77447 18.47987  -0.21849  1.000 15.76909 ? 31  LEU A CD1 1 
ATOM   210  C CD2 . LEU A 1 31  ? -18.45521 18.10446  1.60268   1.000 16.78614 ? 31  LEU A CD2 1 
ATOM   211  N N   . ASN A 1 32  ? -14.76438 14.90559  2.87146   1.000 9.71318  ? 32  ASN A N   1 
ATOM   212  C CA  . ASN A 1 32  ? -14.07394 15.03915  4.14954   1.000 10.45426 ? 32  ASN A CA  1 
ATOM   213  C C   . ASN A 1 32  ? -12.64322 14.49650  4.12450   1.000 10.03303 ? 32  ASN A C   1 
ATOM   214  O O   . ASN A 1 32  ? -12.00485 14.43489  5.18239   1.000 10.34807 ? 32  ASN A O   1 
ATOM   215  C CB  . ASN A 1 32  ? -14.87993 14.35231  5.25920   1.000 10.81977 ? 32  ASN A CB  1 
ATOM   216  C CG  . ASN A 1 32  ? -16.16022 15.09183  5.58266   1.000 15.50435 ? 32  ASN A CG  1 
ATOM   217  O OD1 . ASN A 1 32  ? -16.37728 16.18143  5.08602   1.000 13.02822 ? 32  ASN A OD1 1 
ATOM   218  N ND2 . ASN A 1 32  ? -17.01175 14.49635  6.41823   1.000 13.19459 ? 32  ASN A ND2 1 
ATOM   219  N N   . ALA A 1 33  ? -12.13153 14.12574  2.95082   1.000 11.94052 ? 33  ALA A N   1 
ATOM   220  C CA  . ALA A 1 33  ? -10.73250 13.75431  2.76591   1.000 11.44417 ? 33  ALA A CA  1 
ATOM   221  C C   . ALA A 1 33  ? -10.24143 12.64940  3.70873   1.000 7.29668  ? 33  ALA A C   1 
ATOM   222  O O   . ALA A 1 33  ? -9.26021  12.83872  4.43641   1.000 10.18427 ? 33  ALA A O   1 
ATOM   223  C CB  . ALA A 1 33  ? -9.85235  14.99089  2.89361   1.000 11.68024 ? 33  ALA A CB  1 
ATOM   224  N N   . PRO A 1 34  ? -10.87219 11.47518  3.69495   1.000 9.05001  ? 34  PRO A N   1 
ATOM   225  C CA  . PRO A 1 34  ? -10.29584 10.33727  4.41319   1.000 7.22553  ? 34  PRO A CA  1 
ATOM   226  C C   . PRO A 1 34  ? -8.98599  9.92079   3.76247   1.000 10.36104 ? 34  PRO A C   1 
ATOM   227  O O   . PRO A 1 34  ? -8.73753  10.17786  2.58384   1.000 10.23518 ? 34  PRO A O   1 
ATOM   228  C CB  . PRO A 1 34  ? -11.35607 9.23961   4.25773   1.000 11.43851 ? 34  PRO A CB  1 
ATOM   229  C CG  . PRO A 1 34  ? -11.96382 9.53884   2.88391   1.000 10.47604 ? 34  PRO A CG  1 
ATOM   230  C CD  . PRO A 1 34  ? -11.98625 11.06048  2.81278   1.000 10.38476 ? 34  PRO A CD  1 
ATOM   231  N N   . TYR A 1 35  ? -8.14258  9.25627   4.54878   1.000 7.80116  ? 35  TYR A N   1 
ATOM   232  C CA  . TYR A 1 35  ? -6.88672  8.71436   4.04882   1.000 10.15051 ? 35  TYR A CA  1 
ATOM   233  C C   . TYR A 1 35  ? -6.89464  7.19523   4.04490   1.000 9.81007  ? 35  TYR A C   1 
ATOM   234  O O   . TYR A 1 35  ? -7.67419  6.54956   4.74238   1.000 10.00937 ? 35  TYR A O   1 
ATOM   235  C CB  . TYR A 1 35  ? -5.68851  9.17465   4.88981   1.000 12.12764 ? 35  TYR A CB  1 
ATOM   236  C CG  . TYR A 1 35  ? -5.28857  10.60735  4.71071   1.000 14.57035 ? 35  TYR A CG  1 
ATOM   237  C CD1 . TYR A 1 35  ? -5.98884  11.62649  5.32217   1.000 23.78355 ? 35  TYR A CD1 1 
ATOM   238  C CD2 . TYR A 1 35  ? -4.18942  10.93917  3.92864   1.000 18.38255 ? 35  TYR A CD2 1 
ATOM   239  C CE1 . TYR A 1 35  ? -5.60962  12.95545  5.16218   1.000 29.48805 ? 35  TYR A CE1 1 
ATOM   240  C CE2 . TYR A 1 35  ? -3.79855  12.25867  3.76864   1.000 23.42797 ? 35  TYR A CE2 1 
ATOM   241  C CZ  . TYR A 1 35  ? -4.51197  13.25981  4.38464   1.000 36.45683 ? 35  TYR A CZ  1 
ATOM   242  O OH  . TYR A 1 35  ? -4.12645  14.57207  4.21782   1.000 38.32458 ? 35  TYR A OH  1 
ATOM   243  N N   . LEU A 1 36  ? -5.97543  6.63446   3.25963   1.000 9.37818  ? 36  LEU A N   1 
ATOM   244  C CA  . LEU A 1 36  ? -5.60823  5.22795   3.34521   1.000 10.09461 ? 36  LEU A CA  1 
ATOM   245  C C   . LEU A 1 36  ? -4.09228  5.16061   3.31716   1.000 9.99812  ? 36  LEU A C   1 
ATOM   246  O O   . LEU A 1 36  ? -3.46839  5.84287   2.50947   1.000 11.35313 ? 36  LEU A O   1 
ATOM   247  C CB  . LEU A 1 36  ? -6.18335  4.41305   2.18228   1.000 9.35407  ? 36  LEU A CB  1 
ATOM   248  C CG  . LEU A 1 36  ? -5.51416  3.05729   1.86346   1.000 9.18330  ? 36  LEU A CG  1 
ATOM   249  C CD1 . LEU A 1 36  ? -5.67220  2.00939   2.98268   1.000 10.81273 ? 36  LEU A CD1 1 
ATOM   250  C CD2 . LEU A 1 36  ? -5.95534  2.47984   0.50168   1.000 10.62111 ? 36  LEU A CD2 1 
ATOM   251  N N   . GLN A 1 37  ? -3.49248  4.34841   4.19276   1.000 9.40075  ? 37  GLN A N   1 
ATOM   252  C CA  . GLN A 1 37  ? -2.04524  4.17087   4.17050   1.000 9.38426  ? 37  GLN A CA  1 
ATOM   253  C C   . GLN A 1 37  ? -1.68152  2.69001   4.20610   1.000 9.50155  ? 37  GLN A C   1 
ATOM   254  O O   . GLN A 1 37  ? -2.21428  1.92594   5.01812   1.000 9.05439  ? 37  GLN A O   1 
ATOM   255  C CB  . GLN A 1 37  ? -1.39646  4.91175   5.34031   1.000 7.99761  ? 37  GLN A CB  1 
ATOM   256  C CG  . GLN A 1 37  ? 0.12219   4.96907   5.22868   1.000 8.22142  ? 37  GLN A CG  1 
ATOM   257  C CD  . GLN A 1 37  ? 0.69932   6.09797   6.04875   1.000 10.52454 ? 37  GLN A CD  1 
ATOM   258  O OE1 . GLN A 1 37  ? 0.10273   7.17248   6.14287   1.000 10.72968 ? 37  GLN A OE1 1 
ATOM   259  N NE2 . GLN A 1 37  ? 1.86823   5.86705   6.64926   1.000 9.85849  ? 37  GLN A NE2 1 
ATOM   260  N N   . VAL A 1 38  ? -0.77259  2.28783   3.31694   1.000 8.50320  ? 38  VAL A N   1 
ATOM   261  C CA  . VAL A 1 38  ? -0.22796  0.93261   3.28164   1.000 6.65687  ? 38  VAL A CA  1 
ATOM   262  C C   . VAL A 1 38  ? 1.28053   1.05611   3.37515   1.000 7.57741  ? 38  VAL A C   1 
ATOM   263  O O   . VAL A 1 38  ? 1.88856   1.75772   2.55758   1.000 9.60371  ? 38  VAL A O   1 
ATOM   264  C CB  . VAL A 1 38  ? -0.63224  0.19158   2.00092   1.000 8.96288  ? 38  VAL A CB  1 
ATOM   265  C CG1 . VAL A 1 38  ? -0.06303  -1.24762  2.00562   1.000 7.08315  ? 38  VAL A CG1 1 
ATOM   266  C CG2 . VAL A 1 38  ? -2.11769  0.17661   1.86945   1.000 9.45130  ? 38  VAL A CG2 1 
ATOM   267  N N   . ASP A 1 39  ? 1.87443   0.44023   4.39996   1.000 8.25235  ? 39  ASP A N   1 
ATOM   268  C CA  . ASP A 1 39  ? 3.31849   0.50667   4.61993   1.000 8.89842  ? 39  ASP A CA  1 
ATOM   269  C C   . ASP A 1 39  ? 3.91885   -0.89145  4.65115   1.000 8.53655  ? 39  ASP A C   1 
ATOM   270  O O   . ASP A 1 39  ? 3.48875   -1.73506  5.44198   1.000 9.42205  ? 39  ASP A O   1 
ATOM   271  C CB  . ASP A 1 39  ? 3.65089   1.23078   5.92952   1.000 11.34885 ? 39  ASP A CB  1 
ATOM   272  C CG  . ASP A 1 39  ? 3.19651   2.69106   5.93967   1.000 11.71900 ? 39  ASP A CG  1 
ATOM   273  O OD1 . ASP A 1 39  ? 3.52802   3.43212   4.99112   1.000 10.36335 ? 39  ASP A OD1 1 
ATOM   274  O OD2 . ASP A 1 39  ? 2.52869   3.10248   6.91104   1.000 11.95551 ? 39  ASP A OD2 1 
ATOM   275  N N   . PHE A 1 40  ? 4.92749   -1.12133  3.80719   1.000 8.13520  ? 40  PHE A N   1 
ATOM   276  C CA  . PHE A 1 40  ? 5.71348   -2.35833  3.83165   1.000 7.88651  ? 40  PHE A CA  1 
ATOM   277  C C   . PHE A 1 40  ? 6.94789   -2.11215  4.69293   1.000 9.54611  ? 40  PHE A C   1 
ATOM   278  O O   . PHE A 1 40  ? 7.85288   -1.37706  4.28121   1.000 9.97557  ? 40  PHE A O   1 
ATOM   279  C CB  . PHE A 1 40  ? 6.14850   -2.76095  2.42256   1.000 7.58152  ? 40  PHE A CB  1 
ATOM   280  C CG  . PHE A 1 40  ? 5.02717   -3.15520  1.48746   1.000 7.01733  ? 40  PHE A CG  1 
ATOM   281  C CD1 . PHE A 1 40  ? 3.70151   -3.19176  1.87916   1.000 9.34760  ? 40  PHE A CD1 1 
ATOM   282  C CD2 . PHE A 1 40  ? 5.34945   -3.50631  0.17514   1.000 9.70490  ? 40  PHE A CD2 1 
ATOM   283  C CE1 . PHE A 1 40  ? 2.71110   -3.55815  0.97804   1.000 8.57888  ? 40  PHE A CE1 1 
ATOM   284  C CE2 . PHE A 1 40  ? 4.37315   -3.86790  -0.72215  1.000 7.62066  ? 40  PHE A CE2 1 
ATOM   285  C CZ  . PHE A 1 40  ? 3.05372   -3.90387  -0.32839  1.000 9.32380  ? 40  PHE A CZ  1 
ATOM   286  N N   . HIS A 1 41  ? 6.99594   -2.73171  5.87949   1.000 7.90194  ? 41  HIS A N   1 
ATOM   287  C CA  . HIS A 1 41  ? 7.99514   -2.46246  6.90696   1.000 6.60055  ? 41  HIS A CA  1 
ATOM   288  C C   . HIS A 1 41  ? 9.12032   -3.48735  6.90464   1.000 10.25401 ? 41  HIS A C   1 
ATOM   289  O O   . HIS A 1 41  ? 8.91974   -4.63835  6.51899   1.000 11.04644 ? 41  HIS A O   1 
ATOM   290  C CB  . HIS A 1 41  ? 7.34699   -2.48816  8.29294   1.000 8.45460  ? 41  HIS A CB  1 
ATOM   291  C CG  . HIS A 1 41  ? 6.66646   -1.21725  8.67063   1.000 9.67488  ? 41  HIS A CG  1 
ATOM   292  N ND1 . HIS A 1 41  ? 7.30702   -0.22462  9.37798   1.000 9.67207  ? 41  HIS A ND1 1 
ATOM   293  C CD2 . HIS A 1 41  ? 5.40221   -0.77912  8.45944   1.000 8.66784  ? 41  HIS A CD2 1 
ATOM   294  C CE1 . HIS A 1 41  ? 6.46524   0.77415   9.58506   1.000 9.59904  ? 41  HIS A CE1 1 
ATOM   295  N NE2 . HIS A 1 41  ? 5.29997   0.45287   9.05373   1.000 10.50496 ? 41  HIS A NE2 1 
ATOM   296  N N   . THR A 1 42  ? 10.29796  -3.06744  7.38699   1.000 9.07431  ? 42  THR A N   1 
ATOM   297  C CA  . THR A 1 42  ? 11.44710  -3.98060  7.48471   1.000 10.43450 ? 42  THR A CA  1 
ATOM   298  C C   . THR A 1 42  ? 11.45367  -4.81396  8.75706   1.000 13.98571 ? 42  THR A C   1 
ATOM   299  O O   . THR A 1 42  ? 12.24068  -5.76409  8.84503   1.000 13.81593 ? 42  THR A O   1 
ATOM   300  C CB  . THR A 1 42  ? 12.79345  -3.23351  7.43406   1.000 12.74823 ? 42  THR A CB  1 
ATOM   301  O OG1 . THR A 1 42  ? 12.86710  -2.26206  8.48548   1.000 14.03387 ? 42  THR A OG1 1 
ATOM   302  C CG2 . THR A 1 42  ? 13.03141  -2.58253  6.09334   1.000 13.30224 ? 42  THR A CG2 1 
ATOM   303  N N   . GLU A 1 43  ? 10.64242  -4.46496  9.75452   1.000 10.88525 ? 43  GLU A N   1 
ATOM   304  C CA  . GLU A 1 43  ? 10.53175  -5.23230  10.98959  1.000 12.52489 ? 43  GLU A CA  1 
ATOM   305  C C   . GLU A 1 43  ? 9.07459   -5.20523  11.43856  1.000 11.60342 ? 43  GLU A C   1 
ATOM   306  O O   . GLU A 1 43  ? 8.25890   -4.43744  10.92061  1.000 11.16743 ? 43  GLU A O   1 
ATOM   307  C CB  . GLU A 1 43  ? 11.44056  -4.65993  12.09481  1.000 14.17032 ? 43  GLU A CB  1 
ATOM   308  C CG  . GLU A 1 43  ? 12.96118  -4.65630  11.83426  1.000 13.98290 ? 43  GLU A CG  1 
ATOM   309  C CD  . GLU A 1 43  ? 13.57645  -6.04910  11.65541  1.000 18.36931 ? 43  GLU A CD  1 
ATOM   310  O OE1 . GLU A 1 43  ? 13.03851  -7.03565  12.20320  1.000 22.90710 ? 43  GLU A OE1 1 
ATOM   311  O OE2 . GLU A 1 43  ? 14.62565  -6.15410  10.98650  1.000 25.31697 ? 43  GLU A OE2 1 
ATOM   312  N N   . MET A 1 44  ? 8.74526   -6.02489  12.44462  1.000 13.27979 ? 44  MET A N   1 
ATOM   313  C CA  . MET A 1 44  ? 7.38547   -6.01378  12.99763  1.000 13.18496 ? 44  MET A CA  1 
ATOM   314  C C   . MET A 1 44  ? 7.06164   -4.72035  13.75044  1.000 13.83536 ? 44  MET A C   1 
ATOM   315  O O   . MET A 1 44  ? 5.88379   -4.35567  13.86329  1.000 19.50633 ? 44  MET A O   1 
ATOM   316  C CB  . MET A 1 44  ? 7.18077   -7.20896  13.92250  1.000 17.05484 ? 44  MET A CB  1 
ATOM   317  C CG  . MET A 1 44  ? 7.01197   -8.54263  13.21120  1.000 17.46808 ? 44  MET A CG  1 
ATOM   318  S SD  . MET A 1 44  ? 5.68752   -8.63867  11.98665  1.000 20.29122 ? 44  MET A SD  1 
ATOM   319  C CE  . MET A 1 44  ? 4.21053   -8.67735  12.99962  1.000 24.22973 ? 44  MET A CE  1 
ATOM   320  N N   . LYS A 1 45  ? 8.05977   -4.02420  14.28729  1.000 13.93603 ? 45  LYS A N   1 
ATOM   321  C CA  . LYS A 1 45  ? 7.77259   -2.77529  14.98345  1.000 16.99306 ? 45  LYS A CA  1 
ATOM   322  C C   . LYS A 1 45  ? 7.36597   -1.67985  14.01302  1.000 14.63905 ? 45  LYS A C   1 
ATOM   323  O O   . LYS A 1 45  ? 7.98613   -1.48557  12.96524  1.000 13.26183 ? 45  LYS A O   1 
ATOM   324  C CB  . LYS A 1 45  ? 8.95975   -2.27320  15.80224  1.000 22.94832 ? 45  LYS A CB  1 
ATOM   325  C CG  . LYS A 1 45  ? 9.70386   -3.28305  16.61623  1.000 27.30854 ? 45  LYS A CG  1 
ATOM   326  C CD  . LYS A 1 45  ? 11.16467  -2.86059  16.75765  1.000 40.95317 ? 45  LYS A CD  1 
ATOM   327  C CE  . LYS A 1 45  ? 11.29223  -1.34744  16.90565  1.000 44.21214 ? 45  LYS A CE  1 
ATOM   328  N NZ  . LYS A 1 45  ? 12.63404  -0.83288  16.50979  1.000 51.64645 ? 45  LYS A NZ  1 
ATOM   329  N N   . GLU A 1 46  ? 6.33867   -0.92183  14.39130  1.000 15.63439 ? 46  GLU A N   1 
ATOM   330  C CA  . GLU A 1 46  ? 5.87588   0.12878   13.49618  1.000 17.36612 ? 46  GLU A CA  1 
ATOM   331  C C   . GLU A 1 46  ? 6.86005   1.29308   13.37192  1.000 14.58601 ? 46  GLU A C   1 
ATOM   332  O O   . GLU A 1 46  ? 6.74382   2.07443   12.42225  1.000 10.36554 ? 46  GLU A O   1 
ATOM   333  C CB  . GLU A 1 46  ? 4.49759   0.59779   13.94847  1.000 19.59836 ? 46  GLU A CB  1 
ATOM   334  C CG  . GLU A 1 46  ? 4.56197   1.50202   15.09763  1.000 16.90695 ? 46  GLU A CG  1 
ATOM   335  C CD  . GLU A 1 46  ? 3.18508   1.81551   15.64984  1.000 34.59440 ? 46  GLU A CD  1 
ATOM   336  O OE1 . GLU A 1 46  ? 2.21307   1.09364   15.32761  1.000 41.50638 ? 46  GLU A OE1 1 
ATOM   337  O OE2 . GLU A 1 46  ? 3.09591   2.75311   16.44536  1.000 26.50307 ? 46  GLU A OE2 1 
ATOM   338  N N   . GLU A 1 47  ? 7.84434   1.41438   14.27197  1.000 10.58825 ? 47  GLU A N   1 
ATOM   339  C CA  . GLU A 1 47  ? 8.88777   2.42659   14.12299  1.000 15.59809 ? 47  GLU A CA  1 
ATOM   340  C C   . GLU A 1 47  ? 9.92332   2.06196   13.06909  1.000 11.15561 ? 47  GLU A C   1 
ATOM   341  O O   . GLU A 1 47  ? 10.78855  2.88378   12.74876  1.000 13.50929 ? 47  GLU A O   1 
ATOM   342  C CB  . GLU A 1 47  ? 9.60069   2.63161   15.45927  1.000 22.79505 ? 47  GLU A CB  1 
ATOM   343  C CG  . GLU A 1 47  ? 8.70356   3.25688   16.48584  1.000 22.41604 ? 47  GLU A CG  1 
ATOM   344  C CD  . GLU A 1 47  ? 8.01133   2.20524   17.33479  1.000 28.09428 ? 47  GLU A CD  1 
ATOM   345  O OE1 . GLU A 1 47  ? 8.09188   1.00010   16.97455  1.000 21.21061 ? 47  GLU A OE1 1 
ATOM   346  O OE2 . GLU A 1 47  ? 7.37708   2.59139   18.34959  1.000 33.86815 ? 47  GLU A OE2 1 
ATOM   347  N N   . SER A 1 48  ? 9.86807   0.84981   12.53488  1.000 9.91615  ? 48  SER A N   1 
ATOM   348  C CA  . SER A 1 48  ? 10.91417  0.38330   11.64537  1.000 9.82580  ? 48  SER A CA  1 
ATOM   349  C C   . SER A 1 48  ? 10.82314  1.06278   10.27900  1.000 11.52433 ? 48  SER A C   1 
ATOM   350  O O   . SER A 1 48  ? 9.82269   1.70334   9.91942   1.000 10.04530 ? 48  SER A O   1 
ATOM   351  C CB  . SER A 1 48  ? 10.83460  -1.13511  11.48612  1.000 11.25353 ? 48  SER A CB  1 
ATOM   352  O OG  . SER A 1 48  ? 9.63771   -1.52902  10.83159  1.000 11.17043 ? 48  SER A OG  1 
ATOM   353  N N   . ASP A 1 49  ? 11.89737  0.90412   9.51516   1.000 12.06548 ? 49  ASP A N   1 
ATOM   354  C CA  . ASP A 1 49  ? 11.97963  1.42417   8.15805   1.000 11.81611 ? 49  ASP A CA  1 
ATOM   355  C C   . ASP A 1 49  ? 10.82885  0.91419   7.28915   1.000 11.19976 ? 49  ASP A C   1 
ATOM   356  O O   . ASP A 1 49  ? 10.23321  -0.14856  7.52225   1.000 9.48775  ? 49  ASP A O   1 
ATOM   357  C CB  . ASP A 1 49  ? 13.32296  1.04611   7.52593   1.000 10.97471 ? 49  ASP A CB  1 
ATOM   358  C CG  . ASP A 1 49  ? 14.46371  1.89735   8.04959   1.000 12.15642 ? 49  ASP A CG  1 
ATOM   359  O OD1 . ASP A 1 49  ? 14.18643  2.80844   8.86687   1.000 14.49000 ? 49  ASP A OD1 1 
ATOM   360  O OD2 . ASP A 1 49  ? 15.63276  1.68132   7.61851   1.000 14.54122 ? 49  ASP A OD2 1 
ATOM   361  N N   . ILE A 1 50  ? 10.53506  1.69143   6.25365   1.000 9.63528  ? 50  ILE A N   1 
ATOM   362  C CA  . ILE A 1 50  ? 9.42053   1.43085   5.35597   1.000 7.14232  ? 50  ILE A CA  1 
ATOM   363  C C   . ILE A 1 50  ? 9.98472   1.37731   3.94236   1.000 10.41262 ? 50  ILE A C   1 
ATOM   364  O O   . ILE A 1 50  ? 10.44994  2.39117   3.40915   1.000 11.55983 ? 50  ILE A O   1 
ATOM   365  C CB  . ILE A 1 50  ? 8.32317   2.49781   5.49171   1.000 8.82560  ? 50  ILE A CB  1 
ATOM   366  C CG1 . ILE A 1 50  ? 7.71476   2.43399   6.90277   1.000 9.66444  ? 50  ILE A CG1 1 
ATOM   367  C CG2 . ILE A 1 50  ? 7.25893   2.27691   4.42732   1.000 11.63559 ? 50  ILE A CG2 1 
ATOM   368  C CD1 . ILE A 1 50  ? 6.76464   3.58314   7.23870   1.000 10.40992 ? 50  ILE A CD1 1 
ATOM   369  N N   . VAL A 1 51  ? 9.98714   0.18360   3.35176   1.000 9.37313  ? 51  VAL A N   1 
ATOM   370  C CA  A VAL A 1 51  ? 10.50281  0.00297   2.00193   0.608 10.19629 ? 51  VAL A CA  1 
ATOM   371  C CA  B VAL A 1 51  ? 10.53565  0.06736   2.00664   0.392 10.17882 ? 51  VAL A CA  1 
ATOM   372  C C   . VAL A 1 51  ? 9.55273   0.60594   0.97209   1.000 11.05623 ? 51  VAL A C   1 
ATOM   373  O O   . VAL A 1 51  ? 9.97729   1.08813   -0.08742  1.000 12.25389 ? 51  VAL A O   1 
ATOM   374  C CB  A VAL A 1 51  ? 10.73252  -1.49944  1.75426   0.608 13.46321 ? 51  VAL A CB  1 
ATOM   375  C CB  B VAL A 1 51  ? 10.94208  -1.38206  1.67529   0.392 13.52244 ? 51  VAL A CB  1 
ATOM   376  C CG1 A VAL A 1 51  ? 11.13922  -1.74477  0.33997   0.608 10.27149 ? 51  VAL A CG1 1 
ATOM   377  C CG1 B VAL A 1 51  ? 11.28674  -2.16641  2.93963   0.392 10.52770 ? 51  VAL A CG1 1 
ATOM   378  C CG2 A VAL A 1 51  ? 11.79810  -2.03882  2.69836   0.608 11.74087 ? 51  VAL A CG2 1 
ATOM   379  C CG2 B VAL A 1 51  ? 9.87474   -2.07630  0.84141   0.392 11.87654 ? 51  VAL A CG2 1 
ATOM   380  N N   . PHE A 1 52  ? 8.24626   0.56297   1.24580   1.000 9.51727  ? 52  PHE A N   1 
ATOM   381  C CA  . PHE A 1 52  ? 7.23691   1.09879   0.33380   1.000 9.47511  ? 52  PHE A CA  1 
ATOM   382  C C   . PHE A 1 52  ? 6.11225   1.69659   1.15839   1.000 8.36934  ? 52  PHE A C   1 
ATOM   383  O O   . PHE A 1 52  ? 5.45315   0.97818   1.91762   1.000 9.70229  ? 52  PHE A O   1 
ATOM   384  C CB  . PHE A 1 52  ? 6.68677   0.01003   -0.59482  1.000 10.41404 ? 52  PHE A CB  1 
ATOM   385  C CG  . PHE A 1 52  ? 5.65335   0.51014   -1.57897  1.000 10.11748 ? 52  PHE A CG  1 
ATOM   386  C CD1 . PHE A 1 52  ? 5.87374   1.65106   -2.33861  1.000 11.23624 ? 52  PHE A CD1 1 
ATOM   387  C CD2 . PHE A 1 52  ? 4.44928   -0.15682  -1.72185  1.000 15.91319 ? 52  PHE A CD2 1 
ATOM   388  C CE1 . PHE A 1 52  ? 4.90214   2.10892   -3.24115  1.000 12.37668 ? 52  PHE A CE1 1 
ATOM   389  C CE2 . PHE A 1 52  ? 3.48024   0.28695   -2.60767  1.000 17.19140 ? 52  PHE A CE2 1 
ATOM   390  C CZ  . PHE A 1 52  ? 3.70998   1.40970   -3.38142  1.000 12.38713 ? 52  PHE A CZ  1 
ATOM   391  N N   . HIS A 1 53  ? 5.92103   3.00298   1.02400   1.000 7.67782  ? 53  HIS A N   1 
ATOM   392  C CA  . HIS A 1 53  ? 4.86931   3.74676   1.70861   1.000 7.51681  ? 53  HIS A CA  1 
ATOM   393  C C   . HIS A 1 53  ? 3.90783   4.23121   0.63347   1.000 12.09052 ? 53  HIS A C   1 
ATOM   394  O O   . HIS A 1 53  ? 4.35312   4.82682   -0.35038  1.000 10.52930 ? 53  HIS A O   1 
ATOM   395  C CB  . HIS A 1 53  ? 5.49431   4.92492   2.47279   1.000 6.99429  ? 53  HIS A CB  1 
ATOM   396  C CG  . HIS A 1 53  ? 4.55130   6.04396   2.81491   1.000 9.22404  ? 53  HIS A CG  1 
ATOM   397  N ND1 . HIS A 1 53  ? 3.66440   5.96462   3.85918   1.000 7.88437  ? 53  HIS A ND1 1 
ATOM   398  C CD2 . HIS A 1 53  ? 4.42235   7.29353   2.30296   1.000 9.86473  ? 53  HIS A CD2 1 
ATOM   399  C CE1 . HIS A 1 53  ? 3.00828   7.11265   3.97068   1.000 11.99169 ? 53  HIS A CE1 1 
ATOM   400  N NE2 . HIS A 1 53  ? 3.44845   7.93507   3.03164   1.000 10.68670 ? 53  HIS A NE2 1 
ATOM   401  N N   . PHE A 1 54  ? 2.60699   3.95548   0.80615   1.000 8.42627  ? 54  PHE A N   1 
ATOM   402  C CA  . PHE A 1 54  ? 1.55968   4.25065   -0.17602  1.000 8.07883  ? 54  PHE A CA  1 
ATOM   403  C C   . PHE A 1 54  ? 0.42883   4.94030   0.57709   1.000 9.71399  ? 54  PHE A C   1 
ATOM   404  O O   . PHE A 1 54  ? -0.21010  4.31460   1.42730   1.000 10.60629 ? 54  PHE A O   1 
ATOM   405  C CB  . PHE A 1 54  ? 1.07266   2.95619   -0.84130  1.000 11.33579 ? 54  PHE A CB  1 
ATOM   406  C CG  . PHE A 1 54  ? -0.04751  3.14179   -1.82712  1.000 9.93900  ? 54  PHE A CG  1 
ATOM   407  C CD1 . PHE A 1 54  ? 0.21546   3.53178   -3.13982  1.000 12.26629 ? 54  PHE A CD1 1 
ATOM   408  C CD2 . PHE A 1 54  ? -1.36316  2.89614   -1.46284  1.000 8.70560  ? 54  PHE A CD2 1 
ATOM   409  C CE1 . PHE A 1 54  ? -0.82864  3.68746   -4.06165  1.000 8.07949  ? 54  PHE A CE1 1 
ATOM   410  C CE2 . PHE A 1 54  ? -2.39679  3.04195   -2.38210  1.000 12.55256 ? 54  PHE A CE2 1 
ATOM   411  C CZ  . PHE A 1 54  ? -2.13600  3.44168   -3.67022  1.000 11.57072 ? 54  PHE A CZ  1 
ATOM   412  N N   . GLN A 1 55  ? 0.19836   6.22980   0.31369   1.000 9.28851  ? 55  GLN A N   1 
ATOM   413  C CA  . GLN A 1 55  ? -0.76817  6.99918   1.09103   1.000 9.98961  ? 55  GLN A CA  1 
ATOM   414  C C   . GLN A 1 55  ? -1.73858  7.70393   0.16117   1.000 10.91607 ? 55  GLN A C   1 
ATOM   415  O O   . GLN A 1 55  ? -1.33017  8.57414   -0.61695  1.000 13.16134 ? 55  GLN A O   1 
ATOM   416  C CB  . GLN A 1 55  ? -0.08450  8.02540   2.00027   1.000 9.06871  ? 55  GLN A CB  1 
ATOM   417  C CG  . GLN A 1 55  ? -1.05646  8.70531   2.96953   1.000 12.20290 ? 55  GLN A CG  1 
ATOM   418  C CD  . GLN A 1 55  ? -0.45378  9.90420   3.65984   1.000 16.57095 ? 55  GLN A CD  1 
ATOM   419  O OE1 . GLN A 1 55  ? -0.43001  11.00079  3.10265   1.000 16.82550 ? 55  GLN A OE1 1 
ATOM   420  N NE2 . GLN A 1 55  ? 0.01483   9.71494   4.89118   1.000 12.97778 ? 55  GLN A NE2 1 
ATOM   421  N N   . VAL A 1 56  ? -3.02235  7.34636   0.26537   1.000 9.47522  ? 56  VAL A N   1 
ATOM   422  C CA  . VAL A 1 56  ? -4.08997  7.94633   -0.53610  1.000 9.08599  ? 56  VAL A CA  1 
ATOM   423  C C   . VAL A 1 56  ? -4.78387  9.00395   0.30538   1.000 12.27102 ? 56  VAL A C   1 
ATOM   424  O O   . VAL A 1 56  ? -5.21323  8.72597   1.43154   1.000 11.32102 ? 56  VAL A O   1 
ATOM   425  C CB  . VAL A 1 56  ? -5.11276  6.88856   -1.00308  1.000 12.30333 ? 56  VAL A CB  1 
ATOM   426  C CG1 . VAL A 1 56  ? -6.14307  7.52627   -1.94321  1.000 11.33371 ? 56  VAL A CG1 1 
ATOM   427  C CG2 . VAL A 1 56  ? -4.42861  5.67322   -1.66179  1.000 12.37131 ? 56  VAL A CG2 1 
ATOM   428  N N   . CYS A 1 57  ? -4.88705  10.22389  -0.22611  1.000 10.76658 ? 57  CYS A N   1 
ATOM   429  C CA  . CYS A 1 57  ? -5.87745  11.19381  0.24868   1.000 12.94265 ? 57  CYS A CA  1 
ATOM   430  C C   . CYS A 1 57  ? -7.04193  11.09279  -0.72116  1.000 11.90150 ? 57  CYS A C   1 
ATOM   431  O O   . CYS A 1 57  ? -6.96106  11.58357  -1.84835  1.000 15.04745 ? 57  CYS A O   1 
ATOM   432  C CB  . CYS A 1 57  ? -5.30352  12.59948  0.30108   1.000 11.79078 ? 57  CYS A CB  1 
ATOM   433  S SG  . CYS A 1 57  ? -6.49431  13.75812  1.03799   1.000 18.33050 ? 57  CYS A SG  1 
ATOM   434  N N   . PHE A 1 58  ? -8.10746  10.41041  -0.30088  1.000 10.28021 ? 58  PHE A N   1 
ATOM   435  C CA  . PHE A 1 58  ? -9.17491  10.06440  -1.23325  1.000 11.46641 ? 58  PHE A CA  1 
ATOM   436  C C   . PHE A 1 58  ? -9.78232  11.31953  -1.83828  1.000 13.25702 ? 58  PHE A C   1 
ATOM   437  O O   . PHE A 1 58  ? -10.17668 12.25015  -1.11837  1.000 13.23105 ? 58  PHE A O   1 
ATOM   438  C CB  . PHE A 1 58  ? -10.25784 9.23563   -0.54516  1.000 11.26285 ? 58  PHE A CB  1 
ATOM   439  C CG  . PHE A 1 58  ? -9.86035  7.80727   -0.27637  1.000 9.53023  ? 58  PHE A CG  1 
ATOM   440  C CD1 . PHE A 1 58  ? -9.89321  6.85448   -1.29123  1.000 11.40048 ? 58  PHE A CD1 1 
ATOM   441  C CD2 . PHE A 1 58  ? -9.46938  7.40360   0.99452   1.000 11.12781 ? 58  PHE A CD2 1 
ATOM   442  C CE1 . PHE A 1 58  ? -9.53760  5.52578   -1.04286  1.000 10.46213 ? 58  PHE A CE1 1 
ATOM   443  C CE2 . PHE A 1 58  ? -9.11042  6.07482   1.24602   1.000 11.43105 ? 58  PHE A CE2 1 
ATOM   444  C CZ  . PHE A 1 58  ? -9.14956  5.13369   0.22445   1.000 13.35169 ? 58  PHE A CZ  1 
ATOM   445  N N   . GLY A 1 59  ? -9.85500  11.32698  -3.17112  1.000 13.72920 ? 59  GLY A N   1 
ATOM   446  C CA  . GLY A 1 59  ? -10.35848 12.44229  -3.93168  1.000 18.49476 ? 59  GLY A CA  1 
ATOM   447  C C   . GLY A 1 59  ? -9.32886  13.49296  -4.28694  1.000 21.06321 ? 59  GLY A C   1 
ATOM   448  O O   . GLY A 1 59  ? -9.65306  14.42271  -5.03574  1.000 23.50079 ? 59  GLY A O   1 
ATOM   449  N N   . ARG A 1 60  ? -8.09934  13.40019  -3.77803  1.000 17.31746 ? 60  ARG A N   1 
ATOM   450  C CA  A ARG A 1 60  ? -7.11193  14.43925  -4.04361  0.493 13.82073 ? 60  ARG A CA  1 
ATOM   451  C CA  B ARG A 1 60  ? -7.10275  14.43897  -4.02393  0.507 13.80450 ? 60  ARG A CA  1 
ATOM   452  C C   . ARG A 1 60  ? -5.82702  13.89286  -4.64750  1.000 17.36866 ? 60  ARG A C   1 
ATOM   453  O O   . ARG A 1 60  ? -5.49072  14.26744  -5.77499  1.000 17.27733 ? 60  ARG A O   1 
ATOM   454  C CB  A ARG A 1 60  ? -6.83221  15.23521  -2.76699  0.493 17.20682 ? 60  ARG A CB  1 
ATOM   455  C CB  B ARG A 1 60  ? -6.76281  15.19619  -2.73634  0.507 17.22125 ? 60  ARG A CB  1 
ATOM   456  C CG  A ARG A 1 60  ? -8.00225  16.11772  -2.39651  0.493 19.59744 ? 60  ARG A CG  1 
ATOM   457  C CG  B ARG A 1 60  ? -6.05876  16.51058  -3.02217  0.507 17.35134 ? 60  ARG A CG  1 
ATOM   458  C CD  A ARG A 1 60  ? -8.32939  16.01268  -0.94110  0.493 20.20211 ? 60  ARG A CD  1 
ATOM   459  C CD  B ARG A 1 60  ? -6.04386  17.42692  -1.81603  0.507 25.11155 ? 60  ARG A CD  1 
ATOM   460  N NE  A ARG A 1 60  ? -9.56325  16.71394  -0.61481  0.493 18.50923 ? 60  ARG A NE  1 
ATOM   461  N NE  B ARG A 1 60  ? -5.21742  16.87282  -0.75425  0.507 29.96816 ? 60  ARG A NE  1 
ATOM   462  C CZ  A ARG A 1 60  ? -10.75823 16.13999  -0.59748  0.493 19.96098 ? 60  ARG A CZ  1 
ATOM   463  C CZ  B ARG A 1 60  ? -3.89259  16.89093  -0.75222  0.507 27.16087 ? 60  ARG A CZ  1 
ATOM   464  N NH1 A ARG A 1 60  ? -10.91169 14.85273  -0.87735  0.493 8.57690  ? 60  ARG A NH1 1 
ATOM   465  N NH1 B ARG A 1 60  ? -3.20915  17.47706  -1.72075  0.507 26.41816 ? 60  ARG A NH1 1 
ATOM   466  N NH2 A ARG A 1 60  ? -11.82238 16.86968  -0.27141  0.493 18.18741 ? 60  ARG A NH2 1 
ATOM   467  N NH2 B ARG A 1 60  ? -3.23809  16.31086  0.24958   0.507 28.95423 ? 60  ARG A NH2 1 
ATOM   468  N N   . ARG A 1 61  ? -5.09597  13.02451  -3.95369  1.000 13.42514 ? 61  ARG A N   1 
ATOM   469  C CA  . ARG A 1 61  ? -3.81398  12.60984  -4.51072  1.000 16.25960 ? 61  ARG A CA  1 
ATOM   470  C C   . ARG A 1 61  ? -3.29623  11.38217  -3.78280  1.000 14.44469 ? 61  ARG A C   1 
ATOM   471  O O   . ARG A 1 61  ? -3.80478  10.99423  -2.73461  1.000 14.87605 ? 61  ARG A O   1 
ATOM   472  C CB  . ARG A 1 61  ? -2.78442  13.73583  -4.41534  1.000 18.69656 ? 61  ARG A CB  1 
ATOM   473  C CG  . ARG A 1 61  ? -2.43324  14.08579  -2.99707  1.000 16.18202 ? 61  ARG A CG  1 
ATOM   474  C CD  . ARG A 1 61  ? -1.15817  14.89692  -2.93727  1.000 32.12714 ? 61  ARG A CD  1 
ATOM   475  N NE  . ARG A 1 61  ? -0.69240  15.05477  -1.56827  1.000 33.16905 ? 61  ARG A NE  1 
ATOM   476  C CZ  . ARG A 1 61  ? 0.46880   15.59706  -1.23073  1.000 29.40128 ? 61  ARG A CZ  1 
ATOM   477  N NH1 . ARG A 1 61  ? 1.31503   16.04863  -2.14590  1.000 32.28821 ? 61  ARG A NH1 1 
ATOM   478  N NH2 . ARG A 1 61  ? 0.79409   15.67687  0.05554   1.000 27.96971 ? 61  ARG A NH2 1 
ATOM   479  N N   . VAL A 1 62  ? -2.23889  10.79897  -4.34818  1.000 12.32456 ? 62  VAL A N   1 
ATOM   480  C CA  . VAL A 1 62  ? -1.50740  9.69943   -3.73623  1.000 14.85971 ? 62  VAL A CA  1 
ATOM   481  C C   . VAL A 1 62  ? -0.05459  10.12900  -3.59833  1.000 12.97448 ? 62  VAL A C   1 
ATOM   482  O O   . VAL A 1 62  ? 0.48682   10.80102  -4.48430  1.000 14.50949 ? 62  VAL A O   1 
ATOM   483  C CB  . VAL A 1 62  ? -1.63585  8.41993   -4.58758  1.000 11.73036 ? 62  VAL A CB  1 
ATOM   484  C CG1 . VAL A 1 62  ? -0.66250  7.32294   -4.11664  1.000 16.37584 ? 62  VAL A CG1 1 
ATOM   485  C CG2 . VAL A 1 62  ? -3.09359  7.94163   -4.58253  1.000 15.70291 ? 62  VAL A CG2 1 
ATOM   486  N N   . VAL A 1 63  ? 0.57217   9.77222   -2.47985  1.000 10.56013 ? 63  VAL A N   1 
ATOM   487  C CA  . VAL A 1 63  ? 2.01394   9.93896   -2.35711  1.000 12.87218 ? 63  VAL A CA  1 
ATOM   488  C C   . VAL A 1 63  ? 2.62476   8.57916   -2.07761  1.000 12.71769 ? 63  VAL A C   1 
ATOM   489  O O   . VAL A 1 63  ? 2.01544   7.71781   -1.43613  1.000 11.97942 ? 63  VAL A O   1 
ATOM   490  C CB  . VAL A 1 63  ? 2.42802   10.94314  -1.25998  1.000 12.43639 ? 63  VAL A CB  1 
ATOM   491  C CG1 . VAL A 1 63  ? 1.94750   12.35551  -1.59862  1.000 18.16978 ? 63  VAL A CG1 1 
ATOM   492  C CG2 . VAL A 1 63  ? 1.92137   10.50294  0.09735   1.000 14.07337 ? 63  VAL A CG2 1 
ATOM   493  N N   . MET A 1 64  ? 3.82711   8.37227   -2.59621  1.000 11.29605 ? 64  MET A N   1 
ATOM   494  C CA  . MET A 1 64  ? 4.61026   7.20805   -2.23429  1.000 11.83908 ? 64  MET A CA  1 
ATOM   495  C C   . MET A 1 64  ? 6.02292   7.63097   -1.87510  1.000 15.66008 ? 64  MET A C   1 
ATOM   496  O O   . MET A 1 64  ? 6.52684   8.64375   -2.36275  1.000 15.09241 ? 64  MET A O   1 
ATOM   497  C CB  . MET A 1 64  ? 4.65059   6.12229   -3.31796  1.000 11.06568 ? 64  MET A CB  1 
ATOM   498  C CG  . MET A 1 64  ? 3.28801   5.56478   -3.75652  1.000 11.35972 ? 64  MET A CG  1 
ATOM   499  S SD  . MET A 1 64  ? 3.27955   4.80917   -5.40912  1.000 13.28555 ? 64  MET A SD  1 
ATOM   500  C CE  . MET A 1 64  ? 3.67342   6.17515   -6.51490  1.000 17.61097 ? 64  MET A CE  1 
ATOM   501  N N   . ASN A 1 65  ? 6.62669   6.87336   -0.96442  1.000 11.01864 ? 65  ASN A N   1 
ATOM   502  C CA  . ASN A 1 65  ? 7.94697   7.20185   -0.44135  1.000 8.91003  ? 65  ASN A CA  1 
ATOM   503  C C   . ASN A 1 65  ? 8.52807   5.96843   0.24086   1.000 12.76891 ? 65  ASN A C   1 
ATOM   504  O O   . ASN A 1 65  ? 7.92169   4.89141   0.25868   1.000 10.25480 ? 65  ASN A O   1 
ATOM   505  C CB  . ASN A 1 65  ? 7.86571   8.38586   0.52191   1.000 9.22586  ? 65  ASN A CB  1 
ATOM   506  C CG  . ASN A 1 65  ? 9.13054   9.22498   0.55431   1.000 10.55781 ? 65  ASN A CG  1 
ATOM   507  O OD1 . ASN A 1 65  ? 10.19563  8.80362   0.11677   1.000 11.93628 ? 65  ASN A OD1 1 
ATOM   508  N ND2 . ASN A 1 65  ? 9.00021   10.45235  1.08736   1.000 11.62152 ? 65  ASN A ND2 1 
ATOM   509  N N   . SER A 1 66  ? 9.73622   6.13486   0.76909   1.000 11.07364 ? 66  SER A N   1 
ATOM   510  C CA  . SER A 1 66  ? 10.39034  5.15429   1.61725   1.000 13.37049 ? 66  SER A CA  1 
ATOM   511  C C   . SER A 1 66  ? 10.94510  5.86891   2.83739   1.000 12.50424 ? 66  SER A C   1 
ATOM   512  O O   . SER A 1 66  ? 11.27534  7.05549   2.78082   1.000 10.49578 ? 66  SER A O   1 
ATOM   513  C CB  . SER A 1 66  ? 11.53270  4.42324   0.86082   1.000 11.62636 ? 66  SER A CB  1 
ATOM   514  O OG  . SER A 1 66  ? 12.45592  5.38447   0.33289   1.000 12.67495 ? 66  SER A OG  1 
ATOM   515  N N   . ARG A 1 67  ? 11.05701  5.14525   3.94824   1.000 8.35526  ? 67  ARG A N   1 
ATOM   516  C CA  . ARG A 1 67  ? 11.68140  5.67506   5.15683   1.000 9.06699  ? 67  ARG A CA  1 
ATOM   517  C C   . ARG A 1 67  ? 12.87657  4.77886   5.45822   1.000 10.69170 ? 67  ARG A C   1 
ATOM   518  O O   . ARG A 1 67  ? 12.70498  3.59652   5.76513   1.000 14.13692 ? 67  ARG A O   1 
ATOM   519  C CB  . ARG A 1 67  ? 10.69756  5.72820   6.33238   1.000 9.78365  ? 67  ARG A CB  1 
ATOM   520  C CG  . ARG A 1 67  ? 11.30484  6.41282   7.56119   1.000 9.62178  ? 67  ARG A CG  1 
ATOM   521  C CD  . ARG A 1 67  ? 10.31194  6.65045   8.66625   1.000 11.28860 ? 67  ARG A CD  1 
ATOM   522  N NE  . ARG A 1 67  ? 9.84910   5.41005   9.28666   1.000 11.45256 ? 67  ARG A NE  1 
ATOM   523  C CZ  . ARG A 1 67  ? 8.69632   5.30981   9.94076   1.000 9.63380  ? 67  ARG A CZ  1 
ATOM   524  N NH1 . ARG A 1 67  ? 7.88933   6.35197   10.08103  1.000 12.06270 ? 67  ARG A NH1 1 
ATOM   525  N NH2 . ARG A 1 67  ? 8.34025   4.13312   10.45287  1.000 9.50342  ? 67  ARG A NH2 1 
ATOM   526  N N   . GLU A 1 68  ? 14.08234  5.33212   5.34087   1.000 10.72152 ? 68  GLU A N   1 
ATOM   527  C CA  . GLU A 1 68  ? 15.31741  4.54959   5.32461   1.000 10.56383 ? 68  GLU A CA  1 
ATOM   528  C C   . GLU A 1 68  ? 16.21418  5.05373   6.44586   1.000 15.11138 ? 68  GLU A C   1 
ATOM   529  O O   . GLU A 1 68  ? 16.50647  6.25319   6.51638   1.000 14.12538 ? 68  GLU A O   1 
ATOM   530  C CB  . GLU A 1 68  ? 16.00551  4.65817   3.95949   1.000 12.95771 ? 68  GLU A CB  1 
ATOM   531  C CG  . GLU A 1 68  ? 15.07302  4.37438   2.79234   1.000 12.48904 ? 68  GLU A CG  1 
ATOM   532  C CD  . GLU A 1 68  ? 15.76086  4.43072   1.45016   1.000 18.24350 ? 68  GLU A CD  1 
ATOM   533  O OE1 . GLU A 1 68  ? 17.00724  4.26768   1.41286   1.000 23.66648 ? 68  GLU A OE1 1 
ATOM   534  O OE2 . GLU A 1 68  ? 15.05458  4.63000   0.43293   1.000 17.79869 ? 68  GLU A OE2 1 
ATOM   535  N N   . TYR A 1 69  ? 16.62281  4.14137   7.32594   1.000 14.89466 ? 69  TYR A N   1 
ATOM   536  C CA  A TYR A 1 69  ? 17.35855  4.46854   8.54847   0.583 13.71371 ? 69  TYR A CA  1 
ATOM   537  C CA  B TYR A 1 69  ? 17.38297  4.49227   8.52183   0.417 13.74056 ? 69  TYR A CA  1 
ATOM   538  C C   . TYR A 1 69  ? 16.73095  5.67164   9.24574   1.000 16.84816 ? 69  TYR A C   1 
ATOM   539  O O   . TYR A 1 69  ? 17.38763  6.63931   9.63745   1.000 17.97147 ? 69  TYR A O   1 
ATOM   540  C CB  A TYR A 1 69  ? 18.84882  4.65713   8.25426   0.583 15.37330 ? 69  TYR A CB  1 
ATOM   541  C CB  B TYR A 1 69  ? 18.84529  4.77261   8.15982   0.417 15.38102 ? 69  TYR A CB  1 
ATOM   542  C CG  A TYR A 1 69  ? 19.52187  3.31008   8.18699   0.583 14.17120 ? 69  TYR A CG  1 
ATOM   543  C CG  B TYR A 1 69  ? 19.46707  3.65116   7.35253   0.417 13.40560 ? 69  TYR A CG  1 
ATOM   544  C CD1 A TYR A 1 69  ? 19.92511  2.65537   9.34365   0.583 10.56925 ? 69  TYR A CD1 1 
ATOM   545  C CD1 B TYR A 1 69  ? 19.94434  2.50072   7.97020   0.417 12.95595 ? 69  TYR A CD1 1 
ATOM   546  C CD2 A TYR A 1 69  ? 19.66923  2.65026   6.97618   0.583 12.74139 ? 69  TYR A CD2 1 
ATOM   547  C CD2 B TYR A 1 69  ? 19.52950  3.71907   5.96704   0.417 12.34413 ? 69  TYR A CD2 1 
ATOM   548  C CE1 A TYR A 1 69  ? 20.50434  1.40397   9.28807   0.583 11.40821 ? 69  TYR A CE1 1 
ATOM   549  C CE1 B TYR A 1 69  ? 20.49804  1.46427   7.23106   0.417 13.18577 ? 69  TYR A CE1 1 
ATOM   550  C CE2 A TYR A 1 69  ? 20.25067  1.40120   6.91049   0.583 13.15115 ? 69  TYR A CE2 1 
ATOM   551  C CE2 B TYR A 1 69  ? 20.08028  2.68813   5.22266   0.417 13.99873 ? 69  TYR A CE2 1 
ATOM   552  C CZ  A TYR A 1 69  ? 20.66332  0.78507   8.06780   0.583 16.27353 ? 69  TYR A CZ  1 
ATOM   553  C CZ  B TYR A 1 69  ? 20.55982  1.56477   5.85825   0.417 13.27357 ? 69  TYR A CZ  1 
ATOM   554  O OH  A TYR A 1 69  ? 21.23091  -0.45524  8.01368   0.583 16.70957 ? 69  TYR A OH  1 
ATOM   555  O OH  B TYR A 1 69  ? 21.10713  0.54483   5.11404   0.417 15.67287 ? 69  TYR A OH  1 
ATOM   556  N N   . GLY A 1 70  ? 15.41109  5.58705   9.39824   1.000 13.09785 ? 70  GLY A N   1 
ATOM   557  C CA  . GLY A 1 70  ? 14.64489  6.52776   10.17943  1.000 14.30642 ? 70  GLY A CA  1 
ATOM   558  C C   . GLY A 1 70  ? 14.19107  7.77628   9.46132   1.000 15.81953 ? 70  GLY A C   1 
ATOM   559  O O   . GLY A 1 70  ? 13.45573  8.56426   10.05877  1.000 18.71318 ? 70  GLY A O   1 
ATOM   560  N N   . ALA A 1 71  ? 14.58635  7.98183   8.20454   1.000 16.93785 ? 71  ALA A N   1 
ATOM   561  C CA  . ALA A 1 71  ? 14.36753  9.25508   7.52565   1.000 18.00904 ? 71  ALA A CA  1 
ATOM   562  C C   . ALA A 1 71  ? 13.62212  9.06042   6.21217   1.000 13.66891 ? 71  ALA A C   1 
ATOM   563  O O   . ALA A 1 71  ? 13.95230  8.17654   5.42214   1.000 13.71760 ? 71  ALA A O   1 
ATOM   564  C CB  . ALA A 1 71  ? 15.70369  9.96266   7.25779   1.000 21.21172 ? 71  ALA A CB  1 
ATOM   565  N N   . TRP A 1 72  ? 12.63746  9.91853   5.96418   1.000 13.02635 ? 72  TRP A N   1 
ATOM   566  C CA  . TRP A 1 72  ? 11.89442  9.85172   4.71352   1.000 12.57530 ? 72  TRP A CA  1 
ATOM   567  C C   . TRP A 1 72  ? 12.74343  10.33887  3.54954   1.000 15.84048 ? 72  TRP A C   1 
ATOM   568  O O   . TRP A 1 72  ? 13.48963  11.31859  3.66832   1.000 18.34150 ? 72  TRP A O   1 
ATOM   569  C CB  . TRP A 1 72  ? 10.62248  10.69015  4.80159   1.000 13.02734 ? 72  TRP A CB  1 
ATOM   570  C CG  . TRP A 1 72  ? 9.60014   10.07347  5.67097   1.000 11.02720 ? 72  TRP A CG  1 
ATOM   571  C CD1 . TRP A 1 72  ? 9.27466   10.44840  6.93682   1.000 13.70697 ? 72  TRP A CD1 1 
ATOM   572  C CD2 . TRP A 1 72  ? 8.77394   8.95138   5.35766   1.000 11.50156 ? 72  TRP A CD2 1 
ATOM   573  N NE1 . TRP A 1 72  ? 8.28171   9.63889   7.42888   1.000 13.39547 ? 72  TRP A NE1 1 
ATOM   574  C CE2 . TRP A 1 72  ? 7.95186   8.71617   6.47372   1.000 10.95960 ? 72  TRP A CE2 1 
ATOM   575  C CE3 . TRP A 1 72  ? 8.63565   8.13082   4.23105   1.000 11.30032 ? 72  TRP A CE3 1 
ATOM   576  C CZ2 . TRP A 1 72  ? 7.01971   7.67984   6.50944   1.000 12.91909 ? 72  TRP A CZ2 1 
ATOM   577  C CZ3 . TRP A 1 72  ? 7.70564   7.10254   4.26615   1.000 11.45862 ? 72  TRP A CZ3 1 
ATOM   578  C CH2 . TRP A 1 72  ? 6.91105   6.88836   5.40048   1.000 12.08715 ? 72  TRP A CH2 1 
ATOM   579  N N   . LYS A 1 73  ? 12.62168  9.64870   2.41314   1.000 14.19579 ? 73  LYS A N   1 
ATOM   580  C CA  . LYS A 1 73  ? 13.35963  10.03901  1.21974   1.000 13.41726 ? 73  LYS A CA  1 
ATOM   581  C C   . LYS A 1 73  ? 12.49314  10.89772  0.30267   1.000 12.50886 ? 73  LYS A C   1 
ATOM   582  O O   . LYS A 1 73  ? 11.63447  11.64744  0.78297   1.000 16.09307 ? 73  LYS A O   1 
ATOM   583  C CB  . LYS A 1 73  ? 13.88798  8.79894   0.49705   1.000 12.79728 ? 73  LYS A CB  1 
ATOM   584  C CG  . LYS A 1 73  ? 14.85773  8.01138   1.37372   1.000 19.82633 ? 73  LYS A CG  1 
ATOM   585  C CD  . LYS A 1 73  ? 16.09534  8.86058   1.68095   1.000 27.19729 ? 73  LYS A CD  1 
ATOM   586  C CE  . LYS A 1 73  ? 17.08262  8.13955   2.59111   1.000 37.26118 ? 73  LYS A CE  1 
ATOM   587  N NZ  . LYS A 1 73  ? 18.32899  7.74573   1.86968   1.000 36.67556 ? 73  LYS A NZ  1 
ATOM   588  N N   . GLN A 1 74  ? 12.72895  10.82001  -1.00874  1.000 16.82956 ? 74  GLN A N   1 
ATOM   589  C CA  . GLN A 1 74  ? 12.05447  11.69007  -1.97028  1.000 24.84767 ? 74  GLN A CA  1 
ATOM   590  C C   . GLN A 1 74  ? 10.65197  11.18375  -2.28233  1.000 12.68793 ? 74  GLN A C   1 
ATOM   591  O O   . GLN A 1 74  ? 10.48816  10.09511  -2.82810  1.000 17.61957 ? 74  GLN A O   1 
ATOM   592  C CB  . GLN A 1 74  ? 12.86221  11.79218  -3.26278  1.000 27.23046 ? 74  GLN A CB  1 
ATOM   593  C CG  . GLN A 1 74  ? 12.21568  12.71391  -4.28021  1.000 33.41159 ? 74  GLN A CG  1 
ATOM   594  C CD  . GLN A 1 74  ? 12.27763  14.16889  -3.85649  1.000 45.63812 ? 74  GLN A CD  1 
ATOM   595  O OE1 . GLN A 1 74  ? 11.32165  14.70825  -3.28702  1.000 48.54303 ? 74  GLN A OE1 1 
ATOM   596  N NE2 . GLN A 1 74  ? 13.40902  14.81202  -4.12141  1.000 63.32323 ? 74  GLN A NE2 1 
ATOM   597  N N   . GLN A 1 75  ? 9.64462   11.99259  -1.96353  1.000 14.80927 ? 75  GLN A N   1 
ATOM   598  C CA  . GLN A 1 75  ? 8.26714   11.63192  -2.24199  1.000 11.48639 ? 75  GLN A CA  1 
ATOM   599  C C   . GLN A 1 75  ? 7.96367   11.65505  -3.73212  1.000 18.32251 ? 75  GLN A C   1 
ATOM   600  O O   . GLN A 1 75  ? 8.48170   12.49253  -4.47693  1.000 17.44138 ? 75  GLN A O   1 
ATOM   601  C CB  . GLN A 1 75  ? 7.35304   12.60774  -1.50712  1.000 16.84705 ? 75  GLN A CB  1 
ATOM   602  C CG  . GLN A 1 75  ? 5.91379   12.57056  -1.86189  1.000 18.52972 ? 75  GLN A CG  1 
ATOM   603  C CD  . GLN A 1 75  ? 5.15048   13.47512  -0.94588  1.000 18.46557 ? 75  GLN A CD  1 
ATOM   604  O OE1 . GLN A 1 75  ? 4.88177   13.11107  0.18949   1.000 20.63115 ? 75  GLN A OE1 1 
ATOM   605  N NE2 . GLN A 1 75  ? 4.81825   14.67656  -1.41498  1.000 18.39400 ? 75  GLN A NE2 1 
ATOM   606  N N   . VAL A 1 76  ? 7.13081   10.71131  -4.16613  1.000 13.67978 ? 76  VAL A N   1 
ATOM   607  C CA  . VAL A 1 76  ? 6.52615   10.70853  -5.49295  1.000 12.35619 ? 76  VAL A CA  1 
ATOM   608  C C   . VAL A 1 76  ? 5.04952   11.01047  -5.30917  1.000 20.98610 ? 76  VAL A C   1 
ATOM   609  O O   . VAL A 1 76  ? 4.38354   10.36256  -4.49497  1.000 16.78047 ? 76  VAL A O   1 
ATOM   610  C CB  . VAL A 1 76  ? 6.71249   9.36092   -6.20828  1.000 12.49936 ? 76  VAL A CB  1 
ATOM   611  C CG1 . VAL A 1 76  ? 5.94365   9.35293   -7.52131  1.000 21.00604 ? 76  VAL A CG1 1 
ATOM   612  C CG2 . VAL A 1 76  ? 8.19590   9.05816   -6.42535  1.000 20.38349 ? 76  VAL A CG2 1 
ATOM   613  N N   . GLU A 1 77  ? 4.53980   11.98680  -6.05825  1.000 17.82884 ? 77  GLU A N   1 
ATOM   614  C CA  . GLU A 1 77  ? 3.14061   12.39208  -5.99398  1.000 17.83622 ? 77  GLU A CA  1 
ATOM   615  C C   . GLU A 1 77  ? 2.41882   12.04809  -7.29103  1.000 23.21711 ? 77  GLU A C   1 
ATOM   616  O O   . GLU A 1 77  ? 2.96392   12.22959  -8.38392  1.000 25.14520 ? 77  GLU A O   1 
ATOM   617  C CB  . GLU A 1 77  ? 3.02476   13.89133  -5.73451  1.000 22.52568 ? 77  GLU A CB  1 
ATOM   618  C CG  . GLU A 1 77  ? 1.73275   14.31108  -5.07811  1.000 31.37737 ? 77  GLU A CG  1 
ATOM   619  C CD  . GLU A 1 77  ? 1.48874   15.80545  -5.20706  1.000 37.26949 ? 77  GLU A CD  1 
ATOM   620  O OE1 . GLU A 1 77  ? 0.41859   16.18746  -5.71909  1.000 42.30685 ? 77  GLU A OE1 1 
ATOM   621  O OE2 . GLU A 1 77  ? 2.36700   16.59311  -4.79372  1.000 48.53845 ? 77  GLU A OE2 1 
ATOM   622  N N   . SER A 1 78  ? 1.18928   11.55245  -7.17067  1.000 14.13400 ? 78  SER A N   1 
ATOM   623  C CA  . SER A 1 78  ? 0.34356   11.28142  -8.32259  1.000 13.49883 ? 78  SER A CA  1 
ATOM   624  C C   . SER A 1 78  ? -1.05169  11.82335  -8.06096  1.000 21.62150 ? 78  SER A C   1 
ATOM   625  O O   . SER A 1 78  ? -1.62108  11.58123  -6.99522  1.000 20.32490 ? 78  SER A O   1 
ATOM   626  C CB  . SER A 1 78  ? 0.24290   9.79821   -8.62500  1.000 18.17407 ? 78  SER A CB  1 
ATOM   627  O OG  . SER A 1 78  ? -0.75067  9.57066   -9.60429  1.000 21.54682 ? 78  SER A OG  1 
ATOM   628  N N   . LYS A 1 79  ? -1.61057  12.53093  -9.03383  1.000 16.46362 ? 79  LYS A N   1 
ATOM   629  C CA  . LYS A 1 79  ? -2.98668  12.99106  -8.91958  1.000 16.91019 ? 79  LYS A CA  1 
ATOM   630  C C   . LYS A 1 79  ? -3.97878  12.01677  -9.53693  1.000 16.08627 ? 79  LYS A C   1 
ATOM   631  O O   . LYS A 1 79  ? -5.18100  12.29490  -9.52787  1.000 16.41740 ? 79  LYS A O   1 
ATOM   632  C CB  . LYS A 1 79  ? -3.15429  14.38268  -9.55143  1.000 19.60398 ? 79  LYS A CB  1 
ATOM   633  C CG  . LYS A 1 79  ? -2.26894  15.47023  -8.96975  1.000 21.04765 ? 79  LYS A CG  1 
ATOM   634  C CD  . LYS A 1 79  ? -2.75092  15.90201  -7.59676  1.000 34.41690 ? 79  LYS A CD  1 
ATOM   635  C CE  . LYS A 1 79  ? -2.19622  17.27187  -7.20385  1.000 33.94996 ? 79  LYS A CE  1 
ATOM   636  N NZ  . LYS A 1 79  ? -0.79768  17.48932  -7.65916  1.000 45.03305 ? 79  LYS A NZ  1 
ATOM   637  N N   . ASN A 1 80  ? -3.50724  10.87564  -10.05297 1.000 12.31555 ? 80  ASN A N   1 
ATOM   638  C CA  . ASN A 1 80  ? -4.40909  9.83682   -10.52824 1.000 16.19245 ? 80  ASN A CA  1 
ATOM   639  C C   . ASN A 1 80  ? -5.31253  9.39317   -9.38299  1.000 16.59632 ? 80  ASN A C   1 
ATOM   640  O O   . ASN A 1 80  ? -4.83176  9.13014   -8.27819  1.000 15.31084 ? 80  ASN A O   1 
ATOM   641  C CB  . ASN A 1 80  ? -3.60204  8.64940   -11.03214 1.000 15.12233 ? 80  ASN A CB  1 
ATOM   642  C CG  . ASN A 1 80  ? -4.43596  7.66790   -11.80094 1.000 16.02326 ? 80  ASN A CG  1 
ATOM   643  O OD1 . ASN A 1 80  ? -5.50687  8.00307   -12.30672 1.000 19.61523 ? 80  ASN A OD1 1 
ATOM   644  N ND2 . ASN A 1 80  ? -3.98000  6.42620   -11.85506 1.000 15.94122 ? 80  ASN A ND2 1 
ATOM   645  N N   . MET A 1 81  ? -6.61863  9.30833   -9.62070  1.000 14.79527 ? 81  MET A N   1 
ATOM   646  C CA  . MET A 1 81  ? -7.56077  9.06170   -8.52660  1.000 15.52797 ? 81  MET A CA  1 
ATOM   647  C C   . MET A 1 81  ? -8.64708  8.10865   -9.02595  1.000 16.40147 ? 81  MET A C   1 
ATOM   648  O O   . MET A 1 81  ? -9.78882  8.51591   -9.27558  1.000 18.60121 ? 81  MET A O   1 
ATOM   649  C CB  . MET A 1 81  ? -8.17097  10.38505  -8.05343  1.000 18.09605 ? 81  MET A CB  1 
ATOM   650  C CG  . MET A 1 81  ? -8.94906  10.35303  -6.73923  1.000 17.61779 ? 81  MET A CG  1 
ATOM   651  S SD  . MET A 1 81  ? -8.28947  9.27387   -5.44075  1.000 15.51214 ? 81  MET A SD  1 
ATOM   652  C CE  . MET A 1 81  ? -6.74898  10.09380  -5.08787  1.000 18.50010 ? 81  MET A CE  1 
ATOM   653  N N   . PRO A 1 82  ? -8.32558  6.82213   -9.19318  1.000 13.84715 ? 82  PRO A N   1 
ATOM   654  C CA  . PRO A 1 82  ? -9.35206  5.87106   -9.65318  1.000 14.02498 ? 82  PRO A CA  1 
ATOM   655  C C   . PRO A 1 82  ? -10.35024 5.47302   -8.58370  1.000 17.21300 ? 82  PRO A C   1 
ATOM   656  O O   . PRO A 1 82  ? -11.38441 4.88485   -8.93009  1.000 17.98874 ? 82  PRO A O   1 
ATOM   657  C CB  . PRO A 1 82  ? -8.54541  4.63837   -10.08774 1.000 15.06722 ? 82  PRO A CB  1 
ATOM   658  C CG  . PRO A 1 82  ? -7.18969  4.80992   -9.54035  1.000 15.85051 ? 82  PRO A CG  1 
ATOM   659  C CD  . PRO A 1 82  ? -7.01717  6.17080   -8.97078  1.000 13.33390 ? 82  PRO A CD  1 
ATOM   660  N N   . PHE A 1 83  ? -10.05722 5.72436   -7.30710  1.000 16.38231 ? 83  PHE A N   1 
ATOM   661  C CA  . PHE A 1 83  ? -10.99947 5.38569   -6.25052  1.000 15.93893 ? 83  PHE A CA  1 
ATOM   662  C C   . PHE A 1 83  ? -12.25448 6.22695   -6.40567  1.000 15.96061 ? 83  PHE A C   1 
ATOM   663  O O   . PHE A 1 83  ? -12.18492 7.40489   -6.75649  1.000 14.70550 ? 83  PHE A O   1 
ATOM   664  C CB  . PHE A 1 83  ? -10.38422 5.62637   -4.86651  1.000 13.02499 ? 83  PHE A CB  1 
ATOM   665  C CG  . PHE A 1 83  ? -9.09991  4.88982   -4.63281  1.000 12.40157 ? 83  PHE A CG  1 
ATOM   666  C CD1 . PHE A 1 83  ? -7.89054  5.47421   -4.97120  1.000 12.31675 ? 83  PHE A CD1 1 
ATOM   667  C CD2 . PHE A 1 83  ? -9.10104  3.62728   -4.05242  1.000 11.69790 ? 83  PHE A CD2 1 
ATOM   668  C CE1 . PHE A 1 83  ? -6.68977  4.79552   -4.75107  1.000 11.89483 ? 83  PHE A CE1 1 
ATOM   669  C CE2 . PHE A 1 83  ? -7.91281  2.93740   -3.83133  1.000 12.56912 ? 83  PHE A CE2 1 
ATOM   670  C CZ  . PHE A 1 83  ? -6.70445  3.51898   -4.17937  1.000 13.76159 ? 83  PHE A CZ  1 
ATOM   671  N N   . GLN A 1 84  ? -13.40188 5.61714   -6.12196  1.000 16.37328 ? 84  GLN A N   1 
ATOM   672  C CA  . GLN A 1 84  ? -14.70782 6.22559   -6.32710  1.000 14.76218 ? 84  GLN A CA  1 
ATOM   673  C C   . GLN A 1 84  ? -15.32836 6.55890   -4.97822  1.000 13.74803 ? 84  GLN A C   1 
ATOM   674  O O   . GLN A 1 84  ? -15.27831 5.74764   -4.04574  1.000 15.07932 ? 84  GLN A O   1 
ATOM   675  C CB  . GLN A 1 84  ? -15.63075 5.27293   -7.09166  1.000 16.79979 ? 84  GLN A CB  1 
ATOM   676  C CG  . GLN A 1 84  ? -15.23945 5.00965   -8.55510  1.000 25.20582 ? 84  GLN A CG  1 
ATOM   677  C CD  . GLN A 1 84  ? -15.00810 6.27995   -9.34968  1.000 29.09413 ? 84  GLN A CD  1 
ATOM   678  O OE1 . GLN A 1 84  ? -15.95241 7.01389   -9.64811  1.000 29.02687 ? 84  GLN A OE1 1 
ATOM   679  N NE2 . GLN A 1 84  ? -13.76053 6.53214   -9.72451  1.000 26.06330 ? 84  GLN A NE2 1 
ATOM   680  N N   . ASP A 1 85  ? -15.92902 7.74403   -4.90151  1.000 14.07047 ? 85  ASP A N   1 
ATOM   681  C CA  . ASP A 1 85  ? -16.52892 8.24720   -3.66908  1.000 13.79382 ? 85  ASP A CA  1 
ATOM   682  C C   . ASP A 1 85  ? -17.60621 7.29818   -3.15507  1.000 17.44139 ? 85  ASP A C   1 
ATOM   683  O O   . ASP A 1 85  ? -18.51774 6.91208   -3.89676  1.000 17.97327 ? 85  ASP A O   1 
ATOM   684  C CB  . ASP A 1 85  ? -17.11589 9.62911   -3.94495  1.000 14.66202 ? 85  ASP A CB  1 
ATOM   685  C CG  . ASP A 1 85  ? -17.43101 10.42401  -2.68080  1.000 16.38049 ? 85  ASP A CG  1 
ATOM   686  O OD1 . ASP A 1 85  ? -17.31990 9.90975   -1.54630  1.000 14.96756 ? 85  ASP A OD1 1 
ATOM   687  O OD2 . ASP A 1 85  ? -17.80859 11.59951  -2.84793  1.000 20.33041 ? 85  ASP A OD2 1 
ATOM   688  N N   . GLY A 1 86  ? -17.47931 6.90365   -1.88435  1.000 14.87408 ? 86  GLY A N   1 
ATOM   689  C CA  . GLY A 1 86  ? -18.44616 6.06305   -1.20749  1.000 14.36554 ? 86  GLY A CA  1 
ATOM   690  C C   . GLY A 1 86  ? -18.39909 4.59025   -1.55026  1.000 20.53384 ? 86  GLY A C   1 
ATOM   691  O O   . GLY A 1 86  ? -19.23870 3.82857   -1.05429  1.000 21.72711 ? 86  GLY A O   1 
ATOM   692  N N   . GLN A 1 87  ? -17.44215 4.14937   -2.35693  1.000 12.91090 ? 87  GLN A N   1 
ATOM   693  C CA  . GLN A 1 87  ? -17.44652 2.79044   -2.88187  1.000 15.78541 ? 87  GLN A CA  1 
ATOM   694  C C   . GLN A 1 87  ? -16.37444 1.93191   -2.23176  1.000 14.91556 ? 87  GLN A C   1 
ATOM   695  O O   . GLN A 1 87  ? -15.33158 2.42535   -1.79318  1.000 14.38889 ? 87  GLN A O   1 
ATOM   696  C CB  . GLN A 1 87  ? -17.23368 2.77671   -4.40065  1.000 15.90694 ? 87  GLN A CB  1 
ATOM   697  C CG  . GLN A 1 87  ? -18.20287 3.65796   -5.16286  1.000 20.05896 ? 87  GLN A CG  1 
ATOM   698  C CD  . GLN A 1 87  ? -19.63499 3.33345   -4.84312  1.000 24.27469 ? 87  GLN A CD  1 
ATOM   699  O OE1 . GLN A 1 87  ? -20.03628 2.16818   -4.85724  1.000 32.31026 ? 87  GLN A OE1 1 
ATOM   700  N NE2 . GLN A 1 87  ? -20.41784 4.36016   -4.52152  1.000 29.63261 ? 87  GLN A NE2 1 
ATOM   701  N N   . GLU A 1 88  ? -16.64021 0.63013   -2.20599  1.000 15.84407 ? 88  GLU A N   1 
ATOM   702  C CA  . GLU A 1 88  ? -15.62016 -0.34464  -1.86105  1.000 15.60589 ? 88  GLU A CA  1 
ATOM   703  C C   . GLU A 1 88  ? -14.55391 -0.36231  -2.94972  1.000 19.12351 ? 88  GLU A C   1 
ATOM   704  O O   . GLU A 1 88  ? -14.84971 -0.15904  -4.12932  1.000 19.27826 ? 88  GLU A O   1 
ATOM   705  C CB  . GLU A 1 88  ? -16.27222 -1.71705  -1.69226  1.000 20.47528 ? 88  GLU A CB  1 
ATOM   706  C CG  . GLU A 1 88  ? -15.39128 -2.78691  -1.09909  1.000 32.04580 ? 88  GLU A CG  1 
ATOM   707  C CD  . GLU A 1 88  ? -16.14640 -4.07613  -0.86650  1.000 44.67325 ? 88  GLU A CD  1 
ATOM   708  O OE1 . GLU A 1 88  ? -16.54130 -4.71701  -1.86174  1.000 46.21706 ? 88  GLU A OE1 1 
ATOM   709  O OE2 . GLU A 1 88  ? -16.34434 -4.44542  0.31271   1.000 42.09830 ? 88  GLU A OE2 1 
ATOM   710  N N   . PHE A 1 89  ? -13.30216 -0.56427  -2.55580  1.000 12.66846 ? 89  PHE A N   1 
ATOM   711  C CA  . PHE A 1 89  ? -12.22392 -0.65233  -3.53189  1.000 15.84114 ? 89  PHE A CA  1 
ATOM   712  C C   . PHE A 1 89  ? -11.50057 -1.97651  -3.37961  1.000 14.84704 ? 89  PHE A C   1 
ATOM   713  O O   . PHE A 1 89  ? -11.53507 -2.60832  -2.32359  1.000 13.19589 ? 89  PHE A O   1 
ATOM   714  C CB  . PHE A 1 89  ? -11.21709 0.50561   -3.38667  1.000 12.91972 ? 89  PHE A CB  1 
ATOM   715  C CG  . PHE A 1 89  ? -10.61228 0.61979   -2.00607  1.000 14.11650 ? 89  PHE A CG  1 
ATOM   716  C CD1 . PHE A 1 89  ? -9.57606  -0.21417  -1.61084  1.000 13.47399 ? 89  PHE A CD1 1 
ATOM   717  C CD2 . PHE A 1 89  ? -11.09776 1.55310   -1.09844  1.000 13.60257 ? 89  PHE A CD2 1 
ATOM   718  C CE1 . PHE A 1 89  ? -9.02589  -0.12379  -0.33399  1.000 14.92685 ? 89  PHE A CE1 1 
ATOM   719  C CE2 . PHE A 1 89  ? -10.54564 1.65123   0.17516   1.000 14.03828 ? 89  PHE A CE2 1 
ATOM   720  C CZ  . PHE A 1 89  ? -9.51878  0.81603   0.55833   1.000 13.95579 ? 89  PHE A CZ  1 
ATOM   721  N N   . GLU A 1 90  ? -10.83656 -2.39659  -4.44871  1.000 12.84641 ? 90  GLU A N   1 
ATOM   722  C CA  . GLU A 1 90  ? -9.90798  -3.51425  -4.36007  1.000 12.96105 ? 90  GLU A CA  1 
ATOM   723  C C   . GLU A 1 90  ? -8.55378  -3.03716  -4.86183  1.000 13.61008 ? 90  GLU A C   1 
ATOM   724  O O   . GLU A 1 90  ? -8.44635  -2.50835  -5.97409  1.000 15.67229 ? 90  GLU A O   1 
ATOM   725  C CB  . GLU A 1 90  ? -10.42639 -4.72954  -5.12659  1.000 21.63892 ? 90  GLU A CB  1 
ATOM   726  C CG  . GLU A 1 90  ? -9.44734  -5.88489  -5.15591  1.000 25.10833 ? 90  GLU A CG  1 
ATOM   727  C CD  . GLU A 1 90  ? -10.05641 -7.12965  -5.75738  1.000 42.87713 ? 90  GLU A CD  1 
ATOM   728  O OE1 . GLU A 1 90  ? -11.21509 -7.06348  -6.23105  1.000 47.50723 ? 90  GLU A OE1 1 
ATOM   729  O OE2 . GLU A 1 90  ? -9.37686  -8.17349  -5.74831  1.000 36.57082 ? 90  GLU A OE2 1 
ATOM   730  N N   . LEU A 1 91  ? -7.53186  -3.19354  -4.02490  1.000 12.38311 ? 91  LEU A N   1 
ATOM   731  C CA  . LEU A 1 91  ? -6.19368  -2.67527  -4.27337  1.000 13.85184 ? 91  LEU A CA  1 
ATOM   732  C C   . LEU A 1 91  ? -5.25641  -3.86438  -4.39180  1.000 16.82692 ? 91  LEU A C   1 
ATOM   733  O O   . LEU A 1 91  ? -5.24451  -4.72460  -3.50787  1.000 18.69736 ? 91  LEU A O   1 
ATOM   734  C CB  . LEU A 1 91  ? -5.76921  -1.73970  -3.12780  1.000 18.86979 ? 91  LEU A CB  1 
ATOM   735  C CG  . LEU A 1 91  ? -4.45633  -0.96364  -3.10806  1.000 25.85545 ? 91  LEU A CG  1 
ATOM   736  C CD1 . LEU A 1 91  ? -4.52394  0.15604   -4.12034  1.000 29.35283 ? 91  LEU A CD1 1 
ATOM   737  C CD2 . LEU A 1 91  ? -4.24306  -0.39439  -1.70154  1.000 19.48284 ? 91  LEU A CD2 1 
ATOM   738  N N   . SER A 1 92  ? -4.49708  -3.92365  -5.49139  1.000 11.76289 ? 92  SER A N   1 
ATOM   739  C CA  . SER A 1 92  ? -3.56214  -5.00594  -5.77201  1.000 16.92737 ? 92  SER A CA  1 
ATOM   740  C C   . SER A 1 92  ? -2.17129  -4.40548  -5.91788  1.000 18.30379 ? 92  SER A C   1 
ATOM   741  O O   . SER A 1 92  ? -1.96429  -3.51560  -6.74887  1.000 22.51152 ? 92  SER A O   1 
ATOM   742  C CB  . SER A 1 92  ? -3.95964  -5.74283  -7.05702  1.000 19.45233 ? 92  SER A CB  1 
ATOM   743  O OG  . SER A 1 92  ? -3.32638  -6.99840  -7.15390  1.000 34.87280 ? 92  SER A OG  1 
ATOM   744  N N   . ILE A 1 93  ? -1.22905  -4.86903  -5.10951  1.000 11.10793 ? 93  ILE A N   1 
ATOM   745  C CA  . ILE A 1 93  ? 0.15607   -4.41234  -5.18054  1.000 9.93180  ? 93  ILE A CA  1 
ATOM   746  C C   . ILE A 1 93  ? 0.99959   -5.61514  -5.56575  1.000 11.29960 ? 93  ILE A C   1 
ATOM   747  O O   . ILE A 1 93  ? 1.13168   -6.56249  -4.77989  1.000 14.28646 ? 93  ILE A O   1 
ATOM   748  C CB  . ILE A 1 93  ? 0.63798   -3.80998  -3.85492  1.000 10.34241 ? 93  ILE A CB  1 
ATOM   749  C CG1 . ILE A 1 93  ? -0.25068  -2.62799  -3.44328  1.000 10.43691 ? 93  ILE A CG1 1 
ATOM   750  C CG2 . ILE A 1 93  ? 2.10207   -3.38760  -3.97829  1.000 11.29958 ? 93  ILE A CG2 1 
ATOM   751  C CD1 . ILE A 1 93  ? -0.07630  -2.22023  -1.98057  1.000 16.33069 ? 93  ILE A CD1 1 
ATOM   752  N N   . SER A 1 94  ? 1.59324   -5.57808  -6.75512  1.000 11.39146 ? 94  SER A N   1 
ATOM   753  C CA  A SER A 1 94  ? 2.36590   -6.69489  -7.28072  0.531 13.72675 ? 94  SER A CA  1 
ATOM   754  C CA  B SER A 1 94  ? 2.36600   -6.69710  -7.27080  0.469 13.73037 ? 94  SER A CA  1 
ATOM   755  C C   . SER A 1 94  ? 3.84586   -6.34489  -7.29091  1.000 10.25378 ? 94  SER A C   1 
ATOM   756  O O   . SER A 1 94  ? 4.22599   -5.20709  -7.58138  1.000 11.55447 ? 94  SER A O   1 
ATOM   757  C CB  A SER A 1 94  ? 1.90645   -7.07543  -8.69119  0.531 15.05512 ? 94  SER A CB  1 
ATOM   758  C CB  B SER A 1 94  ? 1.88129   -7.10395  -8.66677  0.469 15.07470 ? 94  SER A CB  1 
ATOM   759  O OG  A SER A 1 94  ? 0.55968   -7.52534  -8.68976  0.531 19.16579 ? 94  SER A OG  1 
ATOM   760  O OG  B SER A 1 94  ? 2.01361   -6.05222  -9.60311  0.469 15.43597 ? 94  SER A OG  1 
ATOM   761  N N   . VAL A 1 95  ? 4.67567   -7.32463  -6.95502  1.000 10.21663 ? 95  VAL A N   1 
ATOM   762  C CA  . VAL A 1 95  ? 6.11921   -7.14573  -6.89447  1.000 9.42943  ? 95  VAL A CA  1 
ATOM   763  C C   . VAL A 1 95  ? 6.69213   -7.64470  -8.21011  1.000 10.21427 ? 95  VAL A C   1 
ATOM   764  O O   . VAL A 1 95  ? 6.67263   -8.84571  -8.49584  1.000 14.87684 ? 95  VAL A O   1 
ATOM   765  C CB  . VAL A 1 95  ? 6.72625   -7.88915  -5.69874  1.000 11.12780 ? 95  VAL A CB  1 
ATOM   766  C CG1 . VAL A 1 95  ? 8.18990   -7.54182  -5.54646  1.000 13.68506 ? 95  VAL A CG1 1 
ATOM   767  C CG2 . VAL A 1 95  ? 5.94495   -7.51642  -4.41679  1.000 13.47341 ? 95  VAL A CG2 1 
ATOM   768  N N   . LEU A 1 96  ? 7.17378   -6.72810  -9.01267  1.000 14.18886 ? 96  LEU A N   1 
ATOM   769  C CA  . LEU A 1 96  ? 7.92004   -7.05824  -10.21005 1.000 12.64723 ? 96  LEU A CA  1 
ATOM   770  C C   . LEU A 1 96  ? 9.40669   -6.91755  -9.95997  1.000 11.93805 ? 96  LEU A C   1 
ATOM   771  O O   . LEU A 1 96  ? 9.84003   -6.45548  -8.89895  1.000 12.68660 ? 96  LEU A O   1 
ATOM   772  C CB  . LEU A 1 96  ? 7.44651   -6.18831  -11.38249 1.000 11.60688 ? 96  LEU A CB  1 
ATOM   773  C CG  . LEU A 1 96  ? 5.94725   -5.94219  -11.47896 1.000 16.13505 ? 96  LEU A CG  1 
ATOM   774  C CD1 . LEU A 1 96  ? 5.62133   -4.87872  -12.53592 1.000 20.14303 ? 96  LEU A CD1 1 
ATOM   775  C CD2 . LEU A 1 96  ? 5.22952   -7.24423  -11.77599 1.000 25.29293 ? 96  LEU A CD2 1 
ATOM   776  N N   . PRO A 1 97  ? 10.24295  -7.37961  -10.89824 1.000 12.66440 ? 97  PRO A N   1 
ATOM   777  C CA  . PRO A 1 97  ? 11.69095  -7.30129  -10.65797 1.000 12.16921 ? 97  PRO A CA  1 
ATOM   778  C C   . PRO A 1 97  ? 12.18292  -5.89670  -10.38144 1.000 13.75405 ? 97  PRO A C   1 
ATOM   779  O O   . PRO A 1 97  ? 13.08519  -5.70916  -9.55372  1.000 17.46660 ? 97  PRO A O   1 
ATOM   780  C CB  . PRO A 1 97  ? 12.27646  -7.86721  -11.96447 1.000 15.11902 ? 97  PRO A CB  1 
ATOM   781  C CG  . PRO A 1 97  ? 11.23391  -8.82382  -12.40588 1.000 18.31718 ? 97  PRO A CG  1 
ATOM   782  C CD  . PRO A 1 97  ? 9.94047   -8.13258  -12.12647 1.000 16.77524 ? 97  PRO A CD  1 
ATOM   783  N N   . ASP A 1 98  ? 11.58932  -4.89825  -11.03351 1.000 12.30986 ? 98  ASP A N   1 
ATOM   784  C CA  . ASP A 1 98  ? 12.07808  -3.53409  -10.98504 1.000 11.61430 ? 98  ASP A CA  1 
ATOM   785  C C   . ASP A 1 98  ? 11.21970  -2.57779  -10.16311 1.000 11.96045 ? 98  ASP A C   1 
ATOM   786  O O   . ASP A 1 98  ? 11.71005  -1.50260  -9.80096  1.000 11.31905 ? 98  ASP A O   1 
ATOM   787  C CB  . ASP A 1 98  ? 12.22716  -2.99471  -12.41928 1.000 17.24219 ? 98  ASP A CB  1 
ATOM   788  C CG  . ASP A 1 98  ? 10.92975  -3.07130  -13.21803 1.000 30.30598 ? 98  ASP A CG  1 
ATOM   789  O OD1 . ASP A 1 98  ? 10.66130  -2.14030  -14.01513 1.000 35.70559 ? 98  ASP A OD1 1 
ATOM   790  O OD2 . ASP A 1 98  ? 10.18867  -4.07485  -13.07343 1.000 34.22749 ? 98  ASP A OD2 1 
ATOM   791  N N   . LYS A 1 99  ? 9.98309   -2.94291  -9.82588  1.000 11.08086 ? 99  LYS A N   1 
ATOM   792  C CA  . LYS A 1 99  ? 9.07703   -1.97123  -9.22447  1.000 9.25654  ? 99  LYS A CA  1 
ATOM   793  C C   . LYS A 1 99  ? 7.88163   -2.68657  -8.60711  1.000 7.68572  ? 99  LYS A C   1 
ATOM   794  O O   . LYS A 1 99  ? 7.64361   -3.87354  -8.84330  1.000 10.28548 ? 99  LYS A O   1 
ATOM   795  C CB  . LYS A 1 99  ? 8.58260   -0.95939  -10.26320 1.000 13.97403 ? 99  LYS A CB  1 
ATOM   796  C CG  . LYS A 1 99  ? 7.82229   -1.59250  -11.40213 1.000 15.76979 ? 99  LYS A CG  1 
ATOM   797  C CD  . LYS A 1 99  ? 7.86212   -0.66409  -12.60215 1.000 22.77099 ? 99  LYS A CD  1 
ATOM   798  C CE  . LYS A 1 99  ? 7.29813   -1.30770  -13.82768 1.000 32.84332 ? 99  LYS A CE  1 
ATOM   799  N NZ  . LYS A 1 99  ? 7.99572   -0.77311  -15.02500 1.000 22.36475 ? 99  LYS A NZ  1 
ATOM   800  N N   . TYR A 1 100 ? 7.11551   -1.93069  -7.82014  1.000 9.96236  ? 100 TYR A N   1 
ATOM   801  C CA  . TYR A 1 100 ? 5.77217   -2.33160  -7.44221  1.000 9.38881  ? 100 TYR A CA  1 
ATOM   802  C C   . TYR A 1 100 ? 4.80068   -1.78639  -8.47729  1.000 10.56976 ? 100 TYR A C   1 
ATOM   803  O O   . TYR A 1 100 ? 4.94042   -0.65097  -8.93096  1.000 11.70577 ? 100 TYR A O   1 
ATOM   804  C CB  . TYR A 1 100 ? 5.39647   -1.77111  -6.06654  1.000 9.54575  ? 100 TYR A CB  1 
ATOM   805  C CG  . TYR A 1 100 ? 6.25849   -2.26969  -4.94088  1.000 6.40572  ? 100 TYR A CG  1 
ATOM   806  C CD1 . TYR A 1 100 ? 6.06092   -3.53772  -4.39278  1.000 10.57662 ? 100 TYR A CD1 1 
ATOM   807  C CD2 . TYR A 1 100 ? 7.27069   -1.47522  -4.42378  1.000 8.45071  ? 100 TYR A CD2 1 
ATOM   808  C CE1 . TYR A 1 100 ? 6.86054   -3.98714  -3.34682  1.000 7.67421  ? 100 TYR A CE1 1 
ATOM   809  C CE2 . TYR A 1 100 ? 8.07258   -1.91440  -3.37715  1.000 8.39733  ? 100 TYR A CE2 1 
ATOM   810  C CZ  . TYR A 1 100 ? 7.86827   -3.17890  -2.86441  1.000 9.43647  ? 100 TYR A CZ  1 
ATOM   811  O OH  . TYR A 1 100 ? 8.66822   -3.61012  -1.83550  1.000 12.67451 ? 100 TYR A OH  1 
ATOM   812  N N   . GLN A 1 101 ? 3.81681   -2.58972  -8.83956  1.000 11.45094 ? 101 GLN A N   1 
ATOM   813  C CA  . GLN A 1 101 ? 2.70677   -2.11817  -9.65402  1.000 10.95716 ? 101 GLN A CA  1 
ATOM   814  C C   . GLN A 1 101 ? 1.43694   -2.15896  -8.82521  1.000 11.56865 ? 101 GLN A C   1 
ATOM   815  O O   . GLN A 1 101 ? 1.13334   -3.18786  -8.21696  1.000 10.85770 ? 101 GLN A O   1 
ATOM   816  C CB  . GLN A 1 101 ? 2.54776   -2.97812  -10.89787 1.000 12.93313 ? 101 GLN A CB  1 
ATOM   817  C CG  . GLN A 1 101 ? 1.37913   -2.54630  -11.74795 1.000 18.66637 ? 101 GLN A CG  1 
ATOM   818  C CD  . GLN A 1 101 ? 1.47339   -3.08784  -13.15260 1.000 19.55028 ? 101 GLN A CD  1 
ATOM   819  O OE1 . GLN A 1 101 ? 1.84964   -4.23775  -13.36229 1.000 22.45088 ? 101 GLN A OE1 1 
ATOM   820  N NE2 . GLN A 1 101 ? 1.11923   -2.26314  -14.12196 1.000 15.89417 ? 101 GLN A NE2 1 
ATOM   821  N N   . VAL A 1 102 ? 0.69526   -1.05305  -8.81557  1.000 10.50584 ? 102 VAL A N   1 
ATOM   822  C CA  . VAL A 1 102 ? -0.49787  -0.90638  -7.99427  1.000 9.12705  ? 102 VAL A CA  1 
ATOM   823  C C   . VAL A 1 102 ? -1.70436  -0.84983  -8.91279  1.000 10.74257 ? 102 VAL A C   1 
ATOM   824  O O   . VAL A 1 102 ? -1.82289  0.06490   -9.73511  1.000 13.21376 ? 102 VAL A O   1 
ATOM   825  C CB  . VAL A 1 102 ? -0.43086  0.34638   -7.10847  1.000 10.45821 ? 102 VAL A CB  1 
ATOM   826  C CG1 . VAL A 1 102 ? -1.66663  0.43486   -6.23811  1.000 12.32551 ? 102 VAL A CG1 1 
ATOM   827  C CG2 . VAL A 1 102 ? 0.81578   0.31021   -6.22841  1.000 11.15919 ? 102 VAL A CG2 1 
ATOM   828  N N   . MET A 1 103 ? -2.58272  -1.83529  -8.78034  1.000 11.73651 ? 103 MET A N   1 
ATOM   829  C CA  A MET A 1 103 ? -3.84901  -1.86633  -9.49478  0.640 11.45636 ? 103 MET A CA  1 
ATOM   830  C CA  B MET A 1 103 ? -3.84977  -1.86569  -9.49281  0.360 11.54199 ? 103 MET A CA  1 
ATOM   831  C C   . MET A 1 103 ? -4.96513  -1.45381  -8.54857  1.000 13.51490 ? 103 MET A C   1 
ATOM   832  O O   . MET A 1 103 ? -4.96915  -1.84079  -7.37396  1.000 12.22613 ? 103 MET A O   1 
ATOM   833  C CB  A MET A 1 103 ? -4.14602  -3.25932  -10.05439 0.640 13.33742 ? 103 MET A CB  1 
ATOM   834  C CB  B MET A 1 103 ? -4.15252  -3.25703  -10.04660 0.360 13.39725 ? 103 MET A CB  1 
ATOM   835  C CG  A MET A 1 103 ? -2.94466  -3.99515  -10.63987 0.640 18.72000 ? 103 MET A CG  1 
ATOM   836  C CG  B MET A 1 103 ? -2.99452  -3.94577  -10.73324 0.360 18.68170 ? 103 MET A CG  1 
ATOM   837  S SD  A MET A 1 103 ? -2.41902  -3.34428  -12.23564 0.640 16.51608 ? 103 MET A SD  1 
ATOM   838  S SD  B MET A 1 103 ? -3.61195  -5.05330  -12.00722 0.360 28.63216 ? 103 MET A SD  1 
ATOM   839  C CE  A MET A 1 103 ? -3.73682  -3.92362  -13.29824 0.640 18.95736 ? 103 MET A CE  1 
ATOM   840  C CE  B MET A 1 103 ? -3.60747  -3.96212  -13.42758 0.360 18.79661 ? 103 MET A CE  1 
ATOM   841  N N   . VAL A 1 104 ? -5.90410  -0.66271  -9.06313  1.000 11.00180 ? 104 VAL A N   1 
ATOM   842  C CA  . VAL A 1 104 ? -7.08532  -0.25186  -8.31068  1.000 10.96564 ? 104 VAL A CA  1 
ATOM   843  C C   . VAL A 1 104 ? -8.30073  -0.65921  -9.12904  1.000 12.18715 ? 104 VAL A C   1 
ATOM   844  O O   . VAL A 1 104 ? -8.49532  -0.17147  -10.25312 1.000 12.88807 ? 104 VAL A O   1 
ATOM   845  C CB  . VAL A 1 104 ? -7.09177  1.25586   -8.01752  1.000 11.34787 ? 104 VAL A CB  1 
ATOM   846  C CG1 . VAL A 1 104 ? -8.32862  1.63171   -7.23242  1.000 13.75892 ? 104 VAL A CG1 1 
ATOM   847  C CG2 . VAL A 1 104 ? -5.82685  1.66007   -7.27416  1.000 12.04375 ? 104 VAL A CG2 1 
ATOM   848  N N   . ASN A 1 105 ? -9.11184  -1.55785  -8.56635  1.000 12.15409 ? 105 ASN A N   1 
ATOM   849  C CA  . ASN A 1 105 ? -10.29404 -2.07602  -9.24642  1.000 14.26700 ? 105 ASN A CA  1 
ATOM   850  C C   . ASN A 1 105 ? -9.93921  -2.59294  -10.64048 1.000 17.73279 ? 105 ASN A C   1 
ATOM   851  O O   . ASN A 1 105 ? -10.67996 -2.40035  -11.60483 1.000 22.57569 ? 105 ASN A O   1 
ATOM   852  C CB  . ASN A 1 105 ? -11.39181 -1.01313  -9.30345  1.000 13.43225 ? 105 ASN A CB  1 
ATOM   853  C CG  . ASN A 1 105 ? -11.77767 -0.51534  -7.92567  1.000 15.86430 ? 105 ASN A CG  1 
ATOM   854  O OD1 . ASN A 1 105 ? -11.81915 -1.29258  -6.97144  1.000 16.67034 ? 105 ASN A OD1 1 
ATOM   855  N ND2 . ASN A 1 105 ? -12.04343 0.77987   -7.81357  1.000 18.32142 ? 105 ASN A ND2 1 
ATOM   856  N N   . GLY A 1 106 ? -8.78501  -3.25184  -10.74249 1.000 15.90125 ? 106 GLY A N   1 
ATOM   857  C CA  . GLY A 1 106 ? -8.35619  -3.89057  -11.97247 1.000 15.79716 ? 106 GLY A CA  1 
ATOM   858  C C   . GLY A 1 106 ? -7.57958  -3.02053  -12.93939 1.000 18.43376 ? 106 GLY A C   1 
ATOM   859  O O   . GLY A 1 106 ? -7.14950  -3.52089  -13.98956 1.000 20.05888 ? 106 GLY A O   1 
ATOM   860  N N   . GLN A 1 107 ? -7.38003  -1.74342  -12.63627 1.000 18.88490 ? 107 GLN A N   1 
ATOM   861  C CA  . GLN A 1 107 ? -6.71955  -0.83237  -13.56029 1.000 19.82152 ? 107 GLN A CA  1 
ATOM   862  C C   . GLN A 1 107 ? -5.36145  -0.43138  -12.99543 1.000 16.03821 ? 107 GLN A C   1 
ATOM   863  O O   . GLN A 1 107 ? -5.26077  -0.05285  -11.82633 1.000 13.33285 ? 107 GLN A O   1 
ATOM   864  C CB  . GLN A 1 107 ? -7.61056  0.38549   -13.82081 1.000 24.72726 ? 107 GLN A CB  1 
ATOM   865  C CG  . GLN A 1 107 ? -6.90388  1.68211   -14.12557 1.000 27.06916 ? 107 GLN A CG  1 
ATOM   866  C CD  . GLN A 1 107 ? -7.87635  2.86223   -14.15803 1.000 40.86241 ? 107 GLN A CD  1 
ATOM   867  O OE1 . GLN A 1 107 ? -9.09974  2.67734   -14.12766 1.000 36.30317 ? 107 GLN A OE1 1 
ATOM   868  N NE2 . GLN A 1 107 ? -7.33707  4.07457   -14.23007 1.000 35.21167 ? 107 GLN A NE2 1 
ATOM   869  N N   . SER A 1 108 ? -4.30993  -0.55993  -13.81064 1.000 14.83044 ? 108 SER A N   1 
ATOM   870  C CA  . SER A 1 108 ? -2.97850  -0.11296  -13.40676 1.000 11.00561 ? 108 SER A CA  1 
ATOM   871  C C   . SER A 1 108 ? -3.00640  1.37370   -13.09287 1.000 14.90469 ? 108 SER A C   1 
ATOM   872  O O   . SER A 1 108 ? -3.40372  2.18116   -13.93841 1.000 16.73136 ? 108 SER A O   1 
ATOM   873  C CB  . SER A 1 108 ? -1.96191  -0.39263  -14.52029 1.000 15.34340 ? 108 SER A CB  1 
ATOM   874  O OG  . SER A 1 108 ? -0.66615  0.02544   -14.12682 1.000 19.34363 ? 108 SER A OG  1 
ATOM   875  N N   . SER A 1 109 ? -2.58533  1.74023   -11.87948 1.000 11.74975 ? 109 SER A N   1 
ATOM   876  C CA  . SER A 1 109 ? -2.78542  3.10831   -11.42409 1.000 8.56431  ? 109 SER A CA  1 
ATOM   877  C C   . SER A 1 109 ? -1.53181  3.81199   -10.91571 1.000 8.81665  ? 109 SER A C   1 
ATOM   878  O O   . SER A 1 109 ? -1.43793  5.04191   -11.00971 1.000 11.14051 ? 109 SER A O   1 
ATOM   879  C CB  . SER A 1 109 ? -3.86664  3.13357   -10.33615 1.000 13.05408 ? 109 SER A CB  1 
ATOM   880  O OG  . SER A 1 109 ? -5.06292  2.55978   -10.82772 1.000 13.08349 ? 109 SER A OG  1 
ATOM   881  N N   . TYR A 1 110 ? -0.58816  3.06469   -10.33835 1.000 10.06175 ? 110 TYR A N   1 
ATOM   882  C CA  . TYR A 1 110 ? 0.64756   3.63218   -9.81216  1.000 11.62286 ? 110 TYR A CA  1 
ATOM   883  C C   . TYR A 1 110 ? 1.74302   2.59065   -9.96987  1.000 10.29209 ? 110 TYR A C   1 
ATOM   884  O O   . TYR A 1 110 ? 1.46418   1.38845   -9.99623  1.000 11.06114 ? 110 TYR A O   1 
ATOM   885  C CB  . TYR A 1 110 ? 0.52622   4.04048   -8.31471  1.000 13.25583 ? 110 TYR A CB  1 
ATOM   886  C CG  . TYR A 1 110 ? -0.78159  4.73966   -7.99992  1.000 11.60143 ? 110 TYR A CG  1 
ATOM   887  C CD1 . TYR A 1 110 ? -0.92247  6.11181   -8.19044  1.000 13.19264 ? 110 TYR A CD1 1 
ATOM   888  C CD2 . TYR A 1 110 ? -1.89129  4.01514   -7.55562  1.000 9.77590  ? 110 TYR A CD2 1 
ATOM   889  C CE1 . TYR A 1 110 ? -2.12156  6.74929   -7.94323  1.000 11.68922 ? 110 TYR A CE1 1 
ATOM   890  C CE2 . TYR A 1 110 ? -3.09745  4.64309   -7.29238  1.000 8.35593  ? 110 TYR A CE2 1 
ATOM   891  C CZ  . TYR A 1 110 ? -3.20795  6.01304   -7.48934  1.000 11.76745 ? 110 TYR A CZ  1 
ATOM   892  O OH  . TYR A 1 110 ? -4.40393  6.63654   -7.25902  1.000 11.98073 ? 110 TYR A OH  1 
ATOM   893  N N   . THR A 1 111 ? 2.98560   3.05782   -10.09372 1.000 12.20652 ? 111 THR A N   1 
ATOM   894  C CA  . THR A 1 111 ? 4.14287   2.18598   -9.92813  1.000 10.02345 ? 111 THR A CA  1 
ATOM   895  C C   . THR A 1 111 ? 5.20026   2.92206   -9.12321  1.000 11.19899 ? 111 THR A C   1 
ATOM   896  O O   . THR A 1 111 ? 5.16672   4.14471   -8.98264  1.000 14.15165 ? 111 THR A O   1 
ATOM   897  C CB  . THR A 1 111 ? 4.77595   1.69675   -11.25157 1.000 18.17693 ? 111 THR A CB  1 
ATOM   898  O OG1 . THR A 1 111 ? 5.34641   2.80171   -11.96262 1.000 20.99049 ? 111 THR A OG1 1 
ATOM   899  C CG2 . THR A 1 111 ? 3.76122   0.95630   -12.12699 1.000 17.69304 ? 111 THR A CG2 1 
ATOM   900  N N   . PHE A 1 112 ? 6.15573   2.15523   -8.59641  1.000 10.58006 ? 112 PHE A N   1 
ATOM   901  C CA  . PHE A 1 112 ? 7.16937   2.70228   -7.70362  1.000 12.02314 ? 112 PHE A CA  1 
ATOM   902  C C   . PHE A 1 112 ? 8.38845   1.80028   -7.80486  1.000 9.37166  ? 112 PHE A C   1 
ATOM   903  O O   . PHE A 1 112 ? 8.31613   0.62285   -7.43659  1.000 10.67794 ? 112 PHE A O   1 
ATOM   904  C CB  . PHE A 1 112 ? 6.62830   2.76297   -6.27085  1.000 9.19612  ? 112 PHE A CB  1 
ATOM   905  C CG  . PHE A 1 112 ? 7.55766   3.37964   -5.26094  1.000 9.68304  ? 112 PHE A CG  1 
ATOM   906  C CD1 . PHE A 1 112 ? 7.54144   4.74248   -5.02496  1.000 9.75573  ? 112 PHE A CD1 1 
ATOM   907  C CD2 . PHE A 1 112 ? 8.38882   2.58385   -4.48464  1.000 8.99092  ? 112 PHE A CD2 1 
ATOM   908  C CE1 . PHE A 1 112 ? 8.35577   5.31104   -4.05823  1.000 11.06603 ? 112 PHE A CE1 1 
ATOM   909  C CE2 . PHE A 1 112 ? 9.20227   3.15217   -3.49774  1.000 10.68997 ? 112 PHE A CE2 1 
ATOM   910  C CZ  . PHE A 1 112 ? 9.18510   4.50985   -3.29341  1.000 10.43826 ? 112 PHE A CZ  1 
ATOM   911  N N   . ASP A 1 113 ? 9.50150   2.33903   -8.29816  1.000 10.80592 ? 113 ASP A N   1 
ATOM   912  C CA  . ASP A 1 113 ? 10.70746  1.53414   -8.46653  1.000 11.91653 ? 113 ASP A CA  1 
ATOM   913  C C   . ASP A 1 113 ? 11.29341  1.13610   -7.11479  1.000 9.94392  ? 113 ASP A C   1 
ATOM   914  O O   . ASP A 1 113 ? 11.26256  1.90115   -6.15144  1.000 11.20755 ? 113 ASP A O   1 
ATOM   915  C CB  . ASP A 1 113 ? 11.77711  2.30272   -9.24743  1.000 14.06456 ? 113 ASP A CB  1 
ATOM   916  C CG  . ASP A 1 113 ? 11.42227  2.50594   -10.70960 1.000 22.19683 ? 113 ASP A CG  1 
ATOM   917  O OD1 . ASP A 1 113 ? 10.45941  1.88864   -11.20785 1.000 16.58142 ? 113 ASP A OD1 1 
ATOM   918  O OD2 . ASP A 1 113 ? 12.13666  3.29475   -11.36346 1.000 24.67142 ? 113 ASP A OD2 1 
ATOM   919  N N   . HIS A 1 114 ? 11.86461  -0.06835  -7.05115  1.000 11.21518 ? 114 HIS A N   1 
ATOM   920  C CA  . HIS A 1 114 ? 12.42092  -0.53279  -5.78404  1.000 10.11014 ? 114 HIS A CA  1 
ATOM   921  C C   . HIS A 1 114 ? 13.59320  0.33382   -5.35451  1.000 13.61284 ? 114 HIS A C   1 
ATOM   922  O O   . HIS A 1 114 ? 14.51550  0.59041   -6.13733  1.000 15.41873 ? 114 HIS A O   1 
ATOM   923  C CB  . HIS A 1 114 ? 12.87154  -1.99245  -5.88928  1.000 8.09295  ? 114 HIS A CB  1 
ATOM   924  C CG  . HIS A 1 114 ? 11.75393  -2.94479  -6.14547  1.000 9.76543  ? 114 HIS A CG  1 
ATOM   925  N ND1 . HIS A 1 114 ? 10.62809  -3.00540  -5.34267  1.000 10.37782 ? 114 HIS A ND1 1 
ATOM   926  C CD2 . HIS A 1 114 ? 11.58085  -3.87789  -7.10779  1.000 9.36208  ? 114 HIS A CD2 1 
ATOM   927  C CE1 . HIS A 1 114 ? 9.80306   -3.91911  -5.81838  1.000 9.93772  ? 114 HIS A CE1 1 
ATOM   928  N NE2 . HIS A 1 114 ? 10.36163  -4.47127  -6.88331  1.000 12.55581 ? 114 HIS A NE2 1 
ATOM   929  N N   . ARG A 1 115 ? 13.55515  0.78404   -4.10194  1.000 11.40628 ? 115 ARG A N   1 
ATOM   930  C CA  . ARG A 1 115 ? 14.66175  1.50288   -3.48186  1.000 10.95248 ? 115 ARG A CA  1 
ATOM   931  C C   . ARG A 1 115 ? 15.44422  0.62736   -2.51996  1.000 14.42072 ? 115 ARG A C   1 
ATOM   932  O O   . ARG A 1 115 ? 16.66716  0.77821   -2.39800  1.000 16.65782 ? 115 ARG A O   1 
ATOM   933  C CB  . ARG A 1 115 ? 14.13017  2.72972   -2.73710  1.000 12.27061 ? 115 ARG A CB  1 
ATOM   934  C CG  . ARG A 1 115 ? 13.44996  3.71672   -3.66102  1.000 10.87414 ? 115 ARG A CG  1 
ATOM   935  C CD  . ARG A 1 115 ? 12.87500  4.86289   -2.86748  1.000 12.12604 ? 115 ARG A CD  1 
ATOM   936  N NE  . ARG A 1 115 ? 12.17315  5.81965   -3.71158  1.000 13.67990 ? 115 ARG A NE  1 
ATOM   937  C CZ  . ARG A 1 115 ? 11.61801  6.92710   -3.24217  1.000 11.62076 ? 115 ARG A CZ  1 
ATOM   938  N NH1 . ARG A 1 115 ? 11.63591  7.20962   -1.94862  1.000 11.37383 ? 115 ARG A NH1 1 
ATOM   939  N NH2 . ARG A 1 115 ? 11.04732  7.78076   -4.09109  1.000 14.14112 ? 115 ARG A NH2 1 
ATOM   940  N N   . ILE A 1 116 ? 14.73851  -0.28667  -1.86094  1.000 14.60343 ? 116 ILE A N   1 
ATOM   941  C CA  . ILE A 1 116 ? 15.27778  -1.35102  -1.02845  1.000 12.06931 ? 116 ILE A CA  1 
ATOM   942  C C   . ILE A 1 116 ? 14.70615  -2.64733  -1.57273  1.000 13.95576 ? 116 ILE A C   1 
ATOM   943  O O   . ILE A 1 116 ? 13.57118  -2.66112  -2.06036  1.000 13.76941 ? 116 ILE A O   1 
ATOM   944  C CB  . ILE A 1 116 ? 14.86691  -1.13362  0.44481   1.000 11.20524 ? 116 ILE A CB  1 
ATOM   945  C CG1 . ILE A 1 116 ? 15.43844  0.18491   0.95966   1.000 14.92078 ? 116 ILE A CG1 1 
ATOM   946  C CG2 . ILE A 1 116 ? 15.29839  -2.31624  1.30734   1.000 13.42994 ? 116 ILE A CG2 1 
ATOM   947  C CD1 . ILE A 1 116 ? 14.86247  0.59856   2.28648   1.000 17.88965 ? 116 ILE A CD1 1 
ATOM   948  N N   . LYS A 1 117 ? 15.49467  -3.72707  -1.54400  1.000 13.11398 ? 117 LYS A N   1 
ATOM   949  C CA  . LYS A 1 117 ? 14.99659  -4.97478  -2.09809  1.000 13.90975 ? 117 LYS A CA  1 
ATOM   950  C C   . LYS A 1 117 ? 13.72468  -5.40180  -1.37057  1.000 13.59792 ? 117 LYS A C   1 
ATOM   951  O O   . LYS A 1 117 ? 13.63640  -5.25390  -0.14343  1.000 13.35600 ? 117 LYS A O   1 
ATOM   952  C CB  . LYS A 1 117 ? 16.04369  -6.07762  -1.97834  1.000 15.50729 ? 117 LYS A CB  1 
ATOM   953  C CG  . LYS A 1 117 ? 16.56891  -6.26212  -0.56914  1.000 15.57181 ? 117 LYS A CG  1 
ATOM   954  C CD  . LYS A 1 117 ? 17.62703  -7.35767  -0.50039  1.000 25.15406 ? 117 LYS A CD  1 
ATOM   955  C CE  . LYS A 1 117 ? 17.97799  -7.65760  0.95192   1.000 23.26476 ? 117 LYS A CE  1 
ATOM   956  N NZ  . LYS A 1 117 ? 19.26951  -8.40741  1.06221   1.000 36.26995 ? 117 LYS A NZ  1 
ATOM   957  N N   . PRO A 1 118 ? 12.73459  -5.95062  -2.08337  1.000 13.15864 ? 118 PRO A N   1 
ATOM   958  C CA  . PRO A 1 118 ? 11.50197  -6.39189  -1.39987  1.000 12.65530 ? 118 PRO A CA  1 
ATOM   959  C C   . PRO A 1 118 ? 11.75118  -7.46932  -0.36297  1.000 13.79275 ? 118 PRO A C   1 
ATOM   960  O O   . PRO A 1 118 ? 10.94819  -7.61257  0.56729   1.000 11.02394 ? 118 PRO A O   1 
ATOM   961  C CB  . PRO A 1 118 ? 10.60433  -6.92234  -2.53078  1.000 16.12694 ? 118 PRO A CB  1 
ATOM   962  C CG  . PRO A 1 118 ? 11.34404  -6.71001  -3.81095  1.000 19.94906 ? 118 PRO A CG  1 
ATOM   963  C CD  . PRO A 1 118 ? 12.70176  -6.14006  -3.54397  1.000 14.93920 ? 118 PRO A CD  1 
ATOM   964  N N   . GLU A 1 119 ? 12.83048  -8.24360  -0.50236  1.000 12.80519 ? 119 GLU A N   1 
ATOM   965  C CA  . GLU A 1 119 ? 13.15009  -9.27535  0.47731   1.000 13.63232 ? 119 GLU A CA  1 
ATOM   966  C C   . GLU A 1 119 ? 13.43448  -8.70327  1.85871   1.000 14.48118 ? 119 GLU A C   1 
ATOM   967  O O   . GLU A 1 119 ? 13.50040  -9.47073  2.82754   1.000 15.43504 ? 119 GLU A O   1 
ATOM   968  C CB  . GLU A 1 119 ? 14.35032  -10.10074 -0.01047  1.000 14.85469 ? 119 GLU A CB  1 
ATOM   969  C CG  . GLU A 1 119 ? 14.00202  -11.04570 -1.15263  1.000 19.54763 ? 119 GLU A CG  1 
ATOM   970  C CD  . GLU A 1 119 ? 14.06765  -10.38684 -2.52389  1.000 22.61789 ? 119 GLU A CD  1 
ATOM   971  O OE1 . GLU A 1 119 ? 14.40435  -9.19031  -2.60948  1.000 17.57367 ? 119 GLU A OE1 1 
ATOM   972  O OE2 . GLU A 1 119 ? 13.78922  -11.07772 -3.52948  1.000 25.76732 ? 119 GLU A OE2 1 
ATOM   973  N N   . ALA A 1 120 ? 13.58826  -7.37969  1.98489   1.000 12.13674 ? 120 ALA A N   1 
ATOM   974  C CA  . ALA A 1 120 ? 13.77296  -6.75256  3.28868   1.000 12.47612 ? 120 ALA A CA  1 
ATOM   975  C C   . ALA A 1 120 ? 12.47257  -6.60887  4.06959   1.000 12.29832 ? 120 ALA A C   1 
ATOM   976  O O   . ALA A 1 120 ? 12.52270  -6.35165  5.28063   1.000 12.61231 ? 120 ALA A O   1 
ATOM   977  C CB  . ALA A 1 120 ? 14.42075  -5.37206  3.13027   1.000 12.03179 ? 120 ALA A CB  1 
ATOM   978  N N   . VAL A 1 121 ? 11.32384  -6.77437  3.41147   1.000 9.22121  ? 121 VAL A N   1 
ATOM   979  C CA  . VAL A 1 121 ? 10.03368  -6.60651  4.07230   1.000 11.42261 ? 121 VAL A CA  1 
ATOM   980  C C   . VAL A 1 121 ? 9.78657   -7.76221  5.03676   1.000 11.65812 ? 121 VAL A C   1 
ATOM   981  O O   . VAL A 1 121 ? 9.96851   -8.94009  4.69240   1.000 10.98247 ? 121 VAL A O   1 
ATOM   982  C CB  . VAL A 1 121 ? 8.90968   -6.50701  3.02873   1.000 11.92127 ? 121 VAL A CB  1 
ATOM   983  C CG1 . VAL A 1 121 ? 7.53969   -6.49752  3.70122   1.000 10.89253 ? 121 VAL A CG1 1 
ATOM   984  C CG2 . VAL A 1 121 ? 9.08320   -5.23810  2.19195   1.000 8.60192  ? 121 VAL A CG2 1 
ATOM   985  N N   . LYS A 1 122 ? 9.33005   -7.43263  6.24434   1.000 10.97159 ? 122 LYS A N   1 
ATOM   986  C CA  . LYS A 1 122 ? 8.86442   -8.43708  7.19011   1.000 12.25728 ? 122 LYS A CA  1 
ATOM   987  C C   . LYS A 1 122 ? 7.44285   -8.20397  7.67475   1.000 11.14551 ? 122 LYS A C   1 
ATOM   988  O O   . LYS A 1 122 ? 6.90230   -9.06515  8.37806   1.000 11.50588 ? 122 LYS A O   1 
ATOM   989  C CB  . LYS A 1 122 ? 9.78766   -8.52983  8.42032   1.000 10.19378 ? 122 LYS A CB  1 
ATOM   990  C CG  . LYS A 1 122 ? 11.22998  -8.91178  8.10219   1.000 15.46988 ? 122 LYS A CG  1 
ATOM   991  C CD  . LYS A 1 122 ? 12.09388  -8.77821  9.33961   1.000 16.18594 ? 122 LYS A CD  1 
ATOM   992  C CE  . LYS A 1 122 ? 13.44566  -9.40197  9.14504   1.000 23.78126 ? 122 LYS A CE  1 
ATOM   993  N NZ  . LYS A 1 122 ? 14.28799  -9.17982  10.35470  1.000 36.77941 ? 122 LYS A NZ  1 
ATOM   994  N N   . MET A 1 123 ? 6.81073   -7.08661  7.30836   1.000 10.03953 ? 123 MET A N   1 
ATOM   995  C CA  . MET A 1 123 ? 5.51023   -6.75726  7.87136   1.000 8.77026  ? 123 MET A CA  1 
ATOM   996  C C   . MET A 1 123 ? 4.79821   -5.80397  6.92658   1.000 8.97128  ? 123 MET A C   1 
ATOM   997  O O   . MET A 1 123 ? 5.43862   -4.98321  6.26981   1.000 9.27362  ? 123 MET A O   1 
ATOM   998  C CB  . MET A 1 123 ? 5.65543   -6.11120  9.25914   1.000 11.19152 ? 123 MET A CB  1 
ATOM   999  C CG  . MET A 1 123 ? 4.33260   -5.73913  9.86739   1.000 10.66790 ? 123 MET A CG  1 
ATOM   1000 S SD  . MET A 1 123 ? 3.98510   -3.97551  9.61294   1.000 12.58121 ? 123 MET A SD  1 
ATOM   1001 C CE  . MET A 1 123 ? 4.93278   -3.22181  10.93958  1.000 10.78688 ? 123 MET A CE  1 
ATOM   1002 N N   . VAL A 1 124 ? 3.46712   -5.89500  6.89005   1.000 8.80195  ? 124 VAL A N   1 
ATOM   1003 C CA  . VAL A 1 124 ? 2.63701   -4.94802  6.14605   1.000 8.20501  ? 124 VAL A CA  1 
ATOM   1004 C C   . VAL A 1 124 ? 1.62525   -4.35007  7.11196   1.000 9.31619  ? 124 VAL A C   1 
ATOM   1005 O O   . VAL A 1 124 ? 0.97379   -5.09119  7.85021   1.000 8.39446  ? 124 VAL A O   1 
ATOM   1006 C CB  . VAL A 1 124 ? 1.91115   -5.62566  4.97352   1.000 9.58813  ? 124 VAL A CB  1 
ATOM   1007 C CG1 . VAL A 1 124 ? 1.00963   -4.61455  4.26229   1.000 7.76726  ? 124 VAL A CG1 1 
ATOM   1008 C CG2 . VAL A 1 124 ? 2.90565   -6.19239  4.01358   1.000 9.67614  ? 124 VAL A CG2 1 
ATOM   1009 N N   . GLN A 1 125 ? 1.49292   -3.02160  7.11869   1.000 8.52352  ? 125 GLN A N   1 
ATOM   1010 C CA  . GLN A 1 125 ? 0.46656   -2.37274  7.92352   1.000 9.17601  ? 125 GLN A CA  1 
ATOM   1011 C C   . GLN A 1 125 ? -0.48666  -1.59754  7.02035   1.000 11.06230 ? 125 GLN A C   1 
ATOM   1012 O O   . GLN A 1 125 ? -0.04098  -0.88317  6.11629   1.000 10.43668 ? 125 GLN A O   1 
ATOM   1013 C CB  . GLN A 1 125 ? 1.07968   -1.44472  8.97270   1.000 8.99564  ? 125 GLN A CB  1 
ATOM   1014 C CG  . GLN A 1 125 ? 0.00149   -0.92781  9.93641   1.000 8.58928  ? 125 GLN A CG  1 
ATOM   1015 C CD  . GLN A 1 125 ? 0.54695   -0.08858  11.05830  1.000 21.70101 ? 125 GLN A CD  1 
ATOM   1016 O OE1 . GLN A 1 125 ? 1.34511   0.82914   10.83965  1.000 18.58837 ? 125 GLN A OE1 1 
ATOM   1017 N NE2 . GLN A 1 125 ? 0.08610   -0.36895  12.27913  1.000 31.07197 ? 125 GLN A NE2 1 
ATOM   1018 N N   . VAL A 1 126 ? -1.79316  -1.75129  7.25712   1.000 7.45391  ? 126 VAL A N   1 
ATOM   1019 C CA  . VAL A 1 126 ? -2.84502  -1.05153  6.51513   1.000 7.71180  ? 126 VAL A CA  1 
ATOM   1020 C C   . VAL A 1 126 ? -3.63906  -0.24782  7.53292   1.000 10.11603 ? 126 VAL A C   1 
ATOM   1021 O O   . VAL A 1 126 ? -4.19914  -0.82141  8.47771   1.000 8.54572  ? 126 VAL A O   1 
ATOM   1022 C CB  . VAL A 1 126 ? -3.76798  -2.01847  5.74189   1.000 7.40049  ? 126 VAL A CB  1 
ATOM   1023 C CG1 . VAL A 1 126 ? -4.82221  -1.23465  4.94022   1.000 10.72079 ? 126 VAL A CG1 1 
ATOM   1024 C CG2 . VAL A 1 126 ? -2.96894  -2.98850  4.82347   1.000 9.31652  ? 126 VAL A CG2 1 
ATOM   1025 N N   . TRP A 1 127 ? -3.70022  1.06826   7.35118   1.000 8.84339  ? 127 TRP A N   1 
ATOM   1026 C CA  . TRP A 1 127 ? -4.34036  1.87144   8.38859   1.000 6.15972  ? 127 TRP A CA  1 
ATOM   1027 C C   . TRP A 1 127 ? -4.85194  3.18497   7.80440   1.000 7.85562  ? 127 TRP A C   1 
ATOM   1028 O O   . TRP A 1 127 ? -4.90495  3.36863   6.58302   1.000 9.79286  ? 127 TRP A O   1 
ATOM   1029 C CB  . TRP A 1 127 ? -3.38858  2.08836   9.56733   1.000 8.00855  ? 127 TRP A CB  1 
ATOM   1030 C CG  . TRP A 1 127 ? -2.09605  2.82928   9.28153   1.000 9.98143  ? 127 TRP A CG  1 
ATOM   1031 C CD1 . TRP A 1 127 ? -1.10843  2.50225   8.36843   1.000 9.27165  ? 127 TRP A CD1 1 
ATOM   1032 C CD2 . TRP A 1 127 ? -1.65955  4.01011   9.94597   1.000 9.31357  ? 127 TRP A CD2 1 
ATOM   1033 N NE1 . TRP A 1 127 ? -0.08327  3.42481   8.44377   1.000 10.71755 ? 127 TRP A NE1 1 
ATOM   1034 C CE2 . TRP A 1 127 ? -0.40342  4.36629   9.39683   1.000 7.93557  ? 127 TRP A CE2 1 
ATOM   1035 C CE3 . TRP A 1 127 ? -2.22419  4.82146   10.94706  1.000 12.17924 ? 127 TRP A CE3 1 
ATOM   1036 C CZ2 . TRP A 1 127 ? 0.30919   5.47974   9.84090   1.000 10.61653 ? 127 TRP A CZ2 1 
ATOM   1037 C CZ3 . TRP A 1 127 ? -1.52148  5.92786   11.39065  1.000 11.09750 ? 127 TRP A CZ3 1 
ATOM   1038 C CH2 . TRP A 1 127 ? -0.26139  6.25278   10.83016  1.000 11.47629 ? 127 TRP A CH2 1 
ATOM   1039 N N   . ARG A 1 128 ? -5.25910  4.08354   8.70787   1.000 7.61328  ? 128 ARG A N   1 
ATOM   1040 C CA  . ARG A 1 128 ? -6.01599  5.31848   8.46382   1.000 9.05303  ? 128 ARG A CA  1 
ATOM   1041 C C   . ARG A 1 128 ? -7.49645  5.01791   8.22554   1.000 10.93636 ? 128 ARG A C   1 
ATOM   1042 O O   . ARG A 1 128 ? -8.04126  4.07588   8.82066   1.000 10.17498 ? 128 ARG A O   1 
ATOM   1043 C CB  . ARG A 1 128 ? -5.39487  6.18292   7.35196   1.000 10.88969 ? 128 ARG A CB  1 
ATOM   1044 C CG  . ARG A 1 128 ? -3.87512  6.28202   7.47971   1.000 15.19639 ? 128 ARG A CG  1 
ATOM   1045 C CD  . ARG A 1 128 ? -3.43561  7.61619   7.96979   1.000 14.59301 ? 128 ARG A CD  1 
ATOM   1046 N NE  . ARG A 1 128 ? -1.99411  7.85892   7.91974   1.000 10.28539 ? 128 ARG A NE  1 
ATOM   1047 C CZ  . ARG A 1 128 ? -1.38756  8.68504   8.76133   1.000 10.69733 ? 128 ARG A CZ  1 
ATOM   1048 N NH1 . ARG A 1 128 ? -2.05178  9.25937   9.75206   1.000 10.40202 ? 128 ARG A NH1 1 
ATOM   1049 N NH2 . ARG A 1 128 ? -0.08502  8.93759   8.61390   1.000 8.78239  ? 128 ARG A NH2 1 
ATOM   1050 N N   . ASP A 1 129 ? -8.17050  5.82140   7.40512   1.000 8.93892  ? 129 ASP A N   1 
ATOM   1051 C CA  . ASP A 1 129 ? -9.63680  5.95431   7.47891   1.000 8.64850  ? 129 ASP A CA  1 
ATOM   1052 C C   . ASP A 1 129 ? -10.37359 4.99132   6.55030   1.000 11.18209 ? 129 ASP A C   1 
ATOM   1053 O O   . ASP A 1 129 ? -11.15882 5.40061   5.69698   1.000 9.18890  ? 129 ASP A O   1 
ATOM   1054 C CB  . ASP A 1 129 ? -10.05021 7.38522   7.17137   1.000 8.28227  ? 129 ASP A CB  1 
ATOM   1055 C CG  . ASP A 1 129 ? -9.25954  8.37822   7.95694   1.000 10.85461 ? 129 ASP A CG  1 
ATOM   1056 O OD1 . ASP A 1 129 ? -9.38261  8.33338   9.20126   1.000 11.99798 ? 129 ASP A OD1 1 
ATOM   1057 O OD2 . ASP A 1 129 ? -8.53707  9.20122   7.35096   1.000 11.64153 ? 129 ASP A OD2 1 
ATOM   1058 N N   . ILE A 1 130 ? -10.12522 3.69017   6.72562   1.000 9.58521  ? 130 ILE A N   1 
ATOM   1059 C CA  A ILE A 1 130 ? -10.82968 2.67019   5.96279   0.318 9.69376  ? 130 ILE A CA  1 
ATOM   1060 C CA  B ILE A 1 130 ? -10.81966 2.66215   5.95764   0.682 9.65033  ? 130 ILE A CA  1 
ATOM   1061 C C   . ILE A 1 130 ? -11.27847 1.54528   6.88271   1.000 9.01141  ? 130 ILE A C   1 
ATOM   1062 O O   . ILE A 1 130 ? -10.73656 1.33988   7.97099   1.000 11.70496 ? 130 ILE A O   1 
ATOM   1063 C CB  A ILE A 1 130 ? -9.96725  2.08342   4.82699   0.318 9.42905  ? 130 ILE A CB  1 
ATOM   1064 C CB  B ILE A 1 130 ? -9.95846  2.04911   4.82566   0.682 9.36780  ? 130 ILE A CB  1 
ATOM   1065 C CG1 A ILE A 1 130 ? -8.69174  1.47850   5.40963   0.318 11.92649 ? 130 ILE A CG1 1 
ATOM   1066 C CG1 B ILE A 1 130 ? -8.95324  1.03929   5.39139   0.682 11.68918 ? 130 ILE A CG1 1 
ATOM   1067 C CG2 A ILE A 1 130 ? -9.65348  3.15241   3.77850   0.318 10.33495 ? 130 ILE A CG2 1 
ATOM   1068 C CG2 B ILE A 1 130 ? -9.26752  3.14542   3.99996   0.682 10.40039 ? 130 ILE A CG2 1 
ATOM   1069 C CD1 A ILE A 1 130 ? -8.22315  0.26933   4.68142   0.318 11.79310 ? 130 ILE A CD1 1 
ATOM   1070 C CD1 B ILE A 1 130 ? -7.74012  1.67214   6.03438   0.682 12.12406 ? 130 ILE A CD1 1 
ATOM   1071 N N   . SER A 1 131 ? -12.28901 0.81900   6.42009   1.000 9.43167  ? 131 SER A N   1 
ATOM   1072 C CA  . SER A 1 131 ? -12.58323 -0.51056  6.92548   1.000 11.53988 ? 131 SER A CA  1 
ATOM   1073 C C   . SER A 1 131 ? -12.03735 -1.51344  5.91332   1.000 12.08330 ? 131 SER A C   1 
ATOM   1074 O O   . SER A 1 131 ? -11.86738 -1.20401  4.73085   1.000 13.84673 ? 131 SER A O   1 
ATOM   1075 C CB  . SER A 1 131 ? -14.09024 -0.72288  7.12192   1.000 12.10308 ? 131 SER A CB  1 
ATOM   1076 O OG  . SER A 1 131 ? -14.79340 -0.50716  5.91090   1.000 14.22995 ? 131 SER A OG  1 
ATOM   1077 N N   . LEU A 1 132 ? -11.76729 -2.72355  6.38757   1.000 10.08875 ? 132 LEU A N   1 
ATOM   1078 C CA  . LEU A 1 132 ? -11.10179 -3.75728  5.61059   1.000 13.87013 ? 132 LEU A CA  1 
ATOM   1079 C C   . LEU A 1 132 ? -11.94566 -5.02361  5.64097   1.000 16.34745 ? 132 LEU A C   1 
ATOM   1080 O O   . LEU A 1 132 ? -12.36156 -5.45396  6.72049   1.000 16.64472 ? 132 LEU A O   1 
ATOM   1081 C CB  . LEU A 1 132 ? -9.73661  -4.05450  6.22301   1.000 18.13963 ? 132 LEU A CB  1 
ATOM   1082 C CG  . LEU A 1 132 ? -8.47921  -3.30981  5.82568   1.000 30.48484 ? 132 LEU A CG  1 
ATOM   1083 C CD1 . LEU A 1 132 ? -7.31216  -4.13895  6.30897   1.000 22.25907 ? 132 LEU A CD1 1 
ATOM   1084 C CD2 . LEU A 1 132 ? -8.45198  -3.15626  4.32916   1.000 30.51030 ? 132 LEU A CD2 1 
ATOM   1085 N N   . THR A 1 133 ? -12.16331 -5.65028  4.48003   1.000 13.61312 ? 133 THR A N   1 
ATOM   1086 C CA  . THR A 1 133 ? -12.80680 -6.96084  4.46060   1.000 15.39802 ? 133 THR A CA  1 
ATOM   1087 C C   . THR A 1 133 ? -11.92281 -8.07396  3.92015   1.000 17.02077 ? 133 THR A C   1 
ATOM   1088 O O   . THR A 1 133 ? -12.30493 -9.24212  4.03432   1.000 20.24072 ? 133 THR A O   1 
ATOM   1089 C CB  . THR A 1 133 ? -14.09912 -6.94699  3.63037   1.000 14.39140 ? 133 THR A CB  1 
ATOM   1090 O OG1 . THR A 1 133 ? -13.81120 -6.48921  2.30611   1.000 19.20506 ? 133 THR A OG1 1 
ATOM   1091 C CG2 . THR A 1 133 ? -15.16680 -6.04537  4.28855   1.000 14.97319 ? 133 THR A CG2 1 
ATOM   1092 N N   . LYS A 1 134 ? -10.76754 -7.76053  3.33078   1.000 14.94359 ? 134 LYS A N   1 
ATOM   1093 C CA  . LYS A 1 134 ? -9.89581  -8.80556  2.82192   1.000 15.52299 ? 134 LYS A CA  1 
ATOM   1094 C C   . LYS A 1 134 ? -8.46428  -8.29987  2.79093   1.000 15.45539 ? 134 LYS A C   1 
ATOM   1095 O O   . LYS A 1 134 ? -8.20460  -7.16419  2.37725   1.000 12.59438 ? 134 LYS A O   1 
ATOM   1096 C CB  . LYS A 1 134 ? -10.32967 -9.25452  1.42307   1.000 18.60374 ? 134 LYS A CB  1 
ATOM   1097 C CG  . LYS A 1 134 ? -9.51246  -10.41460 0.84196   1.000 23.61307 ? 134 LYS A CG  1 
ATOM   1098 C CD  . LYS A 1 134 ? -8.55980  -9.93071  -0.24440  1.000 26.54614 ? 134 LYS A CD  1 
ATOM   1099 C CE  . LYS A 1 134 ? -7.94690  -11.09398 -0.98611  1.000 34.09752 ? 134 LYS A CE  1 
ATOM   1100 N NZ  . LYS A 1 134 ? -8.96014  -12.14209 -1.28093  1.000 45.08856 ? 134 LYS A NZ  1 
ATOM   1101 N N   . PHE A 1 135 ? -7.54410  -9.15174  3.23701   1.000 11.79064 ? 135 PHE A N   1 
ATOM   1102 C CA  . PHE A 1 135 ? -6.11629  -8.89941  3.11062   1.000 11.18601 ? 135 PHE A CA  1 
ATOM   1103 C C   . PHE A 1 135 ? -5.45419  -10.22224 2.78348   1.000 14.93954 ? 135 PHE A C   1 
ATOM   1104 O O   . PHE A 1 135 ? -5.59666  -11.18638 3.53775   1.000 14.27578 ? 135 PHE A O   1 
ATOM   1105 C CB  . PHE A 1 135 ? -5.51004  -8.30519  4.38837   1.000 13.64370 ? 135 PHE A CB  1 
ATOM   1106 C CG  . PHE A 1 135 ? -4.03039  -8.01494  4.27438   1.000 13.46320 ? 135 PHE A CG  1 
ATOM   1107 C CD1 . PHE A 1 135 ? -3.08394  -9.01285  4.49832   1.000 12.43280 ? 135 PHE A CD1 1 
ATOM   1108 C CD2 . PHE A 1 135 ? -3.58321  -6.74381  3.94077   1.000 12.44352 ? 135 PHE A CD2 1 
ATOM   1109 C CE1 . PHE A 1 135 ? -1.72083  -8.74610  4.38773   1.000 11.41430 ? 135 PHE A CE1 1 
ATOM   1110 C CE2 . PHE A 1 135 ? -2.21806  -6.47747  3.83557   1.000 13.31713 ? 135 PHE A CE2 1 
ATOM   1111 C CZ  . PHE A 1 135 ? -1.29234  -7.48314  4.05403   1.000 13.20522 ? 135 PHE A CZ  1 
ATOM   1112 N N   . ASN A 1 136 ? -4.73283  -10.26801 1.67120   1.000 12.08370 ? 136 ASN A N   1 
ATOM   1113 C CA  . ASN A 1 136 ? -4.07884  -11.49936 1.24551   1.000 12.81151 ? 136 ASN A CA  1 
ATOM   1114 C C   . ASN A 1 136 ? -2.70204  -11.20467 0.67352   1.000 16.96914 ? 136 ASN A C   1 
ATOM   1115 O O   . ASN A 1 136 ? -2.54052  -10.26063 -0.10012  1.000 14.22987 ? 136 ASN A O   1 
ATOM   1116 C CB  . ASN A 1 136 ? -4.90200  -12.21114 0.17995   1.000 12.76654 ? 136 ASN A CB  1 
ATOM   1117 C CG  . ASN A 1 136 ? -4.30195  -13.52022 -0.21642  1.000 32.53756 ? 136 ASN A CG  1 
ATOM   1118 O OD1 . ASN A 1 136 ? -3.83041  -13.67322 -1.34514  1.000 31.37663 ? 136 ASN A OD1 1 
ATOM   1119 N ND2 . ASN A 1 136 ? -4.30846  -14.48279 0.70188   1.000 29.58224 ? 136 ASN A ND2 1 
ATOM   1120 N N   . VAL A 1 137 ? -1.71855  -12.03751 1.02087   1.000 13.97322 ? 137 VAL A N   1 
ATOM   1121 C CA  . VAL A 1 137 ? -0.41489  -12.04302 0.36352   1.000 12.31156 ? 137 VAL A CA  1 
ATOM   1122 C C   . VAL A 1 137 ? -0.29765  -13.37758 -0.35976  1.000 17.68581 ? 137 VAL A C   1 
ATOM   1123 O O   . VAL A 1 137 ? -0.42498  -14.43509 0.26684   1.000 17.93847 ? 137 VAL A O   1 
ATOM   1124 C CB  . VAL A 1 137 ? 0.73167   -11.84241 1.36643   1.000 14.16258 ? 137 VAL A CB  1 
ATOM   1125 C CG1 . VAL A 1 137 ? 2.07500   -11.86896 0.65887   1.000 17.99968 ? 137 VAL A CG1 1 
ATOM   1126 C CG2 . VAL A 1 137 ? 0.56396   -10.52761 2.13201   1.000 16.90935 ? 137 VAL A CG2 1 
ATOM   1127 N N   . SER A 1 138 ? -0.10533  -13.33953 -1.67948  1.000 12.42291 ? 138 SER A N   1 
ATOM   1128 C CA  A SER A 1 138 ? -0.03113  -14.55363 -2.48645  0.407 17.41798 ? 138 SER A CA  1 
ATOM   1129 C CA  B SER A 1 138 ? -0.03340  -14.55310 -2.48642  0.593 17.34338 ? 138 SER A CA  1 
ATOM   1130 C C   . SER A 1 138 ? 1.23549   -14.53219 -3.32217  1.000 25.07756 ? 138 SER A C   1 
ATOM   1131 O O   . SER A 1 138 ? 1.67647   -13.47547 -3.77432  1.000 20.27516 ? 138 SER A O   1 
ATOM   1132 C CB  A SER A 1 138 ? -1.23615  -14.71475 -3.42809  0.407 27.05314 ? 138 SER A CB  1 
ATOM   1133 C CB  B SER A 1 138 ? -1.25675  -14.69854 -3.41125  0.593 27.13151 ? 138 SER A CB  1 
ATOM   1134 O OG  A SER A 1 138 ? -1.51937  -13.51251 -4.12338  0.407 24.26899 ? 138 SER A OG  1 
ATOM   1135 O OG  B SER A 1 138 ? -2.36591  -15.27107 -2.73011  0.593 27.40351 ? 138 SER A OG  1 
ATOM   1136 N N   . TYR A 1 139 ? 1.80137   -15.72176 -3.54654  1.000 25.75198 ? 139 TYR A N   1 
ATOM   1137 C CA  . TYR A 1 139 ? 3.08738   -15.87671 -4.22045  1.000 22.68234 ? 139 TYR A CA  1 
ATOM   1138 C C   . TYR A 1 139 ? 2.96025   -16.79035 -5.43496  1.000 32.20561 ? 139 TYR A C   1 
ATOM   1139 O O   . TYR A 1 139 ? 2.59119   -17.96393 -5.29996  1.000 26.41215 ? 139 TYR A O   1 
ATOM   1140 C CB  . TYR A 1 139 ? 4.12284   -16.45720 -3.25557  1.000 24.95619 ? 139 TYR A CB  1 
ATOM   1141 C CG  . TYR A 1 139 ? 5.49210   -16.59889 -3.86421  1.000 22.55013 ? 139 TYR A CG  1 
ATOM   1142 C CD1 . TYR A 1 139 ? 6.12896   -15.50895 -4.45460  1.000 21.99603 ? 139 TYR A CD1 1 
ATOM   1143 C CD2 . TYR A 1 139 ? 6.12699   -17.84471 -3.91124  1.000 24.57489 ? 139 TYR A CD2 1 
ATOM   1144 C CE1 . TYR A 1 139 ? 7.39481   -15.65229 -5.03511  1.000 27.98642 ? 139 TYR A CE1 1 
ATOM   1145 C CE2 . TYR A 1 139 ? 7.38811   -17.99746 -4.49161  1.000 20.92271 ? 139 TYR A CE2 1 
ATOM   1146 C CZ  . TYR A 1 139 ? 8.01088   -16.89843 -5.04936  1.000 29.66871 ? 139 TYR A CZ  1 
ATOM   1147 O OH  . TYR A 1 139 ? 9.25021   -17.04708 -5.62498  1.000 26.68536 ? 139 TYR A OH  1 
ATOM   1148 N N   . LEU A 1 140 ? 3.32483   -16.27180 -6.60582  1.000 24.15484 ? 140 LEU A N   1 
ATOM   1149 C CA  . LEU A 1 140 ? 3.35547   -17.03289 -7.85794  1.000 31.83897 ? 140 LEU A CA  1 
ATOM   1150 C C   . LEU A 1 140 ? 4.75968   -16.92511 -8.45477  1.000 27.36521 ? 140 LEU A C   1 
ATOM   1151 O O   . LEU A 1 140 ? 5.07900   -15.96951 -9.16494  1.000 28.42333 ? 140 LEU A O   1 
ATOM   1152 C CB  . LEU A 1 140 ? 2.28436   -16.52444 -8.82993  1.000 35.18766 ? 140 LEU A CB  1 
ATOM   1153 C CG  . LEU A 1 140 ? 2.07467   -17.30229 -10.12953 1.000 35.87488 ? 140 LEU A CG  1 
ATOM   1154 C CD1 . LEU A 1 140 ? 2.20375   -18.80289 -9.89483  1.000 30.13141 ? 140 LEU A CD1 1 
ATOM   1155 C CD2 . LEU A 1 140 ? 0.71455   -16.95999 -10.72845 1.000 37.38887 ? 140 LEU A CD2 1 
ATOM   1156 N N   . LYS A 1 141 ? 5.59936   -17.91139 -8.16081  1.000 28.60263 ? 141 LYS A N   1 
ATOM   1157 C CA  . LYS A 1 141 ? 6.94842   -17.94227 -8.71118  1.000 36.21351 ? 141 LYS A CA  1 
ATOM   1158 C C   . LYS A 1 141 ? 6.90842   -17.99377 -10.23681 1.000 44.91404 ? 141 LYS A C   1 
ATOM   1159 O O   . LYS A 1 141 ? 6.12770   -18.74500 -10.83038 1.000 42.35077 ? 141 LYS A O   1 
ATOM   1160 C CB  . LYS A 1 141 ? 7.70121   -19.15986 -8.16285  1.000 39.70758 ? 141 LYS A CB  1 
ATOM   1161 C CG  . LYS A 1 141 ? 8.92512   -19.57828 -8.97137  1.000 39.33122 ? 141 LYS A CG  1 
ATOM   1162 C CD  . LYS A 1 141 ? 9.81303   -20.53367 -8.18420  1.000 43.34826 ? 141 LYS A CD  1 
ATOM   1163 C CE  . LYS A 1 141 ? 10.65639  -19.82286 -7.13396  1.000 51.86760 ? 141 LYS A CE  1 
ATOM   1164 N NZ  . LYS A 1 141 ? 11.71351  -20.72954 -6.58160  1.000 48.69737 ? 141 LYS A NZ  1 
ATOM   1165 N N   . ARG A 1 142 ? 7.75420   -17.18860 -10.87607 1.000 44.54806 ? 142 ARG A N   1 
ATOM   1166 C CA  . ARG A 1 142 ? 7.84745   -17.20869 -12.33682 1.000 50.39428 ? 142 ARG A CA  1 
ATOM   1167 C C   . ARG A 1 142 ? 8.63215   -18.42162 -12.83845 1.000 43.37427 ? 142 ARG A C   1 
ATOM   1168 O O   . ARG A 1 142 ? 9.56986   -18.88155 -12.18694 1.000 46.58151 ? 142 ARG A O   1 
ATOM   1169 C CB  . ARG A 1 142 ? 8.48942   -15.92285 -12.86763 1.000 44.38693 ? 142 ARG A CB  1 
ATOM   1170 C CG  . ARG A 1 142 ? 7.64149   -14.67576 -12.67798 1.000 48.32601 ? 142 ARG A CG  1 
ATOM   1171 C CD  . ARG A 1 142 ? 8.31019   -13.46368 -13.30742 1.000 50.18350 ? 142 ARG A CD  1 
ATOM   1172 N NE  . ARG A 1 142 ? 7.54577   -12.23855 -13.09915 1.000 47.84472 ? 142 ARG A NE  1 
ATOM   1173 C CZ  . ARG A 1 142 ? 7.95413   -11.03188 -13.46711 1.000 43.63060 ? 142 ARG A CZ  1 
ATOM   1174 N NH1 . ARG A 1 142 ? 9.11800   -10.85148 -14.07096 1.000 41.37057 ? 142 ARG A NH1 1 
ATOM   1175 N NH2 . ARG A 1 142 ? 7.16751   -9.98131  -13.23962 1.000 34.20301 ? 142 ARG A NH2 1 
HETATM 1176 C C1  . FRU B 2 .   ? -7.13682  22.45212  0.96087   1.000 31.82176 ? 1   FRU B C1  1 
HETATM 1177 C C2  . FRU B 2 .   ? -7.61220  21.36716  1.72963   1.000 25.97252 ? 1   FRU B C2  1 
HETATM 1178 C C3  . FRU B 2 .   ? -6.76666  20.06825  1.48411   1.000 27.79501 ? 1   FRU B C3  1 
HETATM 1179 C C4  . FRU B 2 .   ? -7.58626  19.16834  1.72306   1.000 26.73628 ? 1   FRU B C4  1 
HETATM 1180 C C5  . FRU B 2 .   ? -8.95622  19.72961  0.99882   1.000 30.31627 ? 1   FRU B C5  1 
HETATM 1181 C C6  . FRU B 2 .   ? -10.14927 19.05550  1.62386   1.000 26.79295 ? 1   FRU B C6  1 
HETATM 1182 O O1  . FRU B 2 .   ? -7.03762  22.05290  -0.35120  1.000 37.26519 ? 1   FRU B O1  1 
HETATM 1183 O O2  . FRU B 2 .   ? -7.60776  21.68945  3.15786   1.000 19.17332 ? 1   FRU B O2  1 
HETATM 1184 O O3  . FRU B 2 .   ? -5.61371  19.93082  2.47519   1.000 30.34348 ? 1   FRU B O3  1 
HETATM 1185 O O4  . FRU B 2 .   ? -7.15977  17.87078  1.15168   1.000 31.92383 ? 1   FRU B O4  1 
HETATM 1186 O O5  . FRU B 2 .   ? -8.99838  20.98212  1.21726   1.000 28.93061 ? 1   FRU B O5  1 
HETATM 1187 O O6  . FRU B 2 .   ? -11.26837 19.51577  0.93822   1.000 35.04510 ? 1   FRU B O6  1 
HETATM 1188 C C1  . GLC B 2 .   ? -8.85220  22.13219  3.65724   1.000 16.89395 ? 2   GLC B C1  1 
HETATM 1189 C C2  . GLC B 2 .   ? -8.63263  23.20633  4.66460   1.000 16.02371 ? 2   GLC B C2  1 
HETATM 1190 C C3  . GLC B 2 .   ? -7.89518  22.72176  5.81209   1.000 16.97207 ? 2   GLC B C3  1 
HETATM 1191 C C4  . GLC B 2 .   ? -8.54715  21.53056  6.45598   1.000 13.51685 ? 2   GLC B C4  1 
HETATM 1192 C C5  . GLC B 2 .   ? -8.76637  20.39114  5.44691   1.000 14.63371 ? 2   GLC B C5  1 
HETATM 1193 C C6  . GLC B 2 .   ? -9.55533  19.32526  6.05583   1.000 16.53780 ? 2   GLC B C6  1 
HETATM 1194 O O2  . GLC B 2 .   ? -7.88673  24.32472  3.98328   1.000 18.36951 ? 2   GLC B O2  1 
HETATM 1195 O O3  . GLC B 2 .   ? -7.83110  23.79900  6.85276   1.000 15.59645 ? 2   GLC B O3  1 
HETATM 1196 O O4  . GLC B 2 .   ? -7.70055  20.99827  7.49113   1.000 12.48692 ? 2   GLC B O4  1 
HETATM 1197 O O5  . GLC B 2 .   ? -9.54105  20.98853  4.28447   1.000 17.77683 ? 2   GLC B O5  1 
HETATM 1198 O O6  . GLC B 2 .   ? -9.55850  18.24287  5.12592   1.000 16.41181 ? 2   GLC B O6  1 
HETATM 1199 C C1  . GLC B 2 .   ? -4.49272  20.27318  1.90552   1.000 33.52248 ? 3   GLC B C1  1 
HETATM 1200 C C2  . GLC B 2 .   ? -3.34007  19.48304  2.58429   1.000 37.97333 ? 3   GLC B C2  1 
HETATM 1201 C C3  . GLC B 2 .   ? -3.25850  19.76224  4.03646   1.000 39.03811 ? 3   GLC B C3  1 
HETATM 1202 C C4  . GLC B 2 .   ? -3.19620  21.19309  4.35846   1.000 34.20376 ? 3   GLC B C4  1 
HETATM 1203 C C5  . GLC B 2 .   ? -4.21918  22.00252  3.64019   1.000 32.58413 ? 3   GLC B C5  1 
HETATM 1204 C C6  . GLC B 2 .   ? -3.93516  23.50194  3.86953   1.000 32.99055 ? 3   GLC B C6  1 
HETATM 1205 O O2  . GLC B 2 .   ? -3.59155  18.08535  2.40765   1.000 36.34057 ? 3   GLC B O2  1 
HETATM 1206 O O3  . GLC B 2 .   ? -2.04867  19.08685  4.54390   1.000 45.41047 ? 3   GLC B O3  1 
HETATM 1207 O O4  . GLC B 2 .   ? -3.42314  21.38445  5.83369   1.000 37.24516 ? 3   GLC B O4  1 
HETATM 1208 O O5  . GLC B 2 .   ? -4.24558  21.75248  2.18963   1.000 30.11290 ? 3   GLC B O5  1 
HETATM 1209 O O6  . GLC B 2 .   ? -5.09741  24.22434  3.37688   1.000 32.52773 ? 3   GLC B O6  1 
HETATM 1210 O O   . HOH C 3 .   ? -3.34979  -12.90280 -5.40769  1.000 32.92353 ? 201 HOH A O   1 
HETATM 1211 O O   . HOH C 3 .   ? -5.09268  4.74768   -13.92136 1.000 29.50900 ? 202 HOH A O   1 
HETATM 1212 O O   . HOH C 3 .   ? -6.70061  -5.88550  -14.18556 1.000 29.31895 ? 203 HOH A O   1 
HETATM 1213 O O   . HOH C 3 .   ? -0.05482  1.55072   14.60536  1.000 24.78129 ? 204 HOH A O   1 
HETATM 1214 O O   . HOH C 3 .   ? -1.25860  -16.72592 0.49587   1.000 30.35442 ? 205 HOH A O   1 
HETATM 1215 O O   . HOH C 3 .   ? 12.71630  -10.66615 -5.70849  1.000 26.25344 ? 206 HOH A O   1 
HETATM 1216 O O   . HOH C 3 .   ? -0.56168  -9.58573  -9.45818  1.000 33.85382 ? 207 HOH A O   1 
HETATM 1217 O O   . HOH C 3 .   ? 2.16243   -5.55283  -15.42956 1.000 21.37391 ? 208 HOH A O   1 
HETATM 1218 O O   . HOH C 3 .   ? -14.64394 -3.93862  2.03445   1.000 25.38151 ? 209 HOH A O   1 
HETATM 1219 O O   . HOH C 3 .   ? -12.26096 -3.14366  9.19973   1.000 16.95866 ? 210 HOH A O   1 
HETATM 1220 O O   . HOH C 3 .   ? 1.81235   -6.80334  -11.99533 1.000 27.64115 ? 211 HOH A O   1 
HETATM 1221 O O   . HOH C 3 .   ? 5.08726   -13.48025 -0.96235  1.000 16.99738 ? 212 HOH A O   1 
HETATM 1222 O O   . HOH C 3 .   ? -17.41276 13.02472  -4.90183  1.000 40.21285 ? 213 HOH A O   1 
HETATM 1223 O O   . HOH C 3 .   ? 3.69268   -4.92787  15.00805  1.000 34.97274 ? 214 HOH A O   1 
HETATM 1224 O O   . HOH C 3 .   ? -5.84685  -14.16050 2.70502   1.000 24.41589 ? 215 HOH A O   1 
HETATM 1225 O O   . HOH C 3 .   ? 21.13729  -8.10850  -0.65316  1.000 38.00701 ? 216 HOH A O   1 
HETATM 1226 O O   . HOH C 3 .   ? -0.14029  7.21246   -11.38938 1.000 26.02515 ? 217 HOH A O   1 
HETATM 1227 O O   . HOH C 3 .   ? -2.85249  -11.56715 -3.11680  1.000 16.54472 ? 218 HOH A O   1 
HETATM 1228 O O   . HOH C 3 .   ? -1.72888  14.06865  0.57073   1.000 34.70199 ? 219 HOH A O   1 
HETATM 1229 O O   . HOH C 3 .   ? 15.32383  -2.23917  9.25116   1.000 22.20473 ? 220 HOH A O   1 
HETATM 1230 O O   . HOH C 3 .   ? 15.91176  6.11247   -1.49055  1.000 30.15698 ? 221 HOH A O   1 
HETATM 1231 O O   . HOH C 3 .   ? -1.87821  -7.30700  -9.50207  1.000 29.00546 ? 222 HOH A O   1 
HETATM 1232 O O   . HOH C 3 .   ? -7.37034  -8.59032  -7.32088  1.000 37.86583 ? 223 HOH A O   1 
HETATM 1233 O O   . HOH C 3 .   ? -13.60759 -3.16471  -7.11316  1.000 35.14635 ? 224 HOH A O   1 
HETATM 1234 O O   . HOH C 3 .   ? 3.07802   1.97463   9.28233   1.000 14.18523 ? 225 HOH A O   1 
HETATM 1235 O O   . HOH C 3 .   ? 1.09247   -13.00671 -7.54621  1.000 31.03825 ? 226 HOH A O   1 
HETATM 1236 O O   . HOH C 3 .   ? -0.69826  -5.26123  -8.90839  1.000 27.70766 ? 227 HOH A O   1 
HETATM 1237 O O   . HOH C 3 .   ? -6.70039  14.28733  -8.08357  1.000 27.20193 ? 228 HOH A O   1 
HETATM 1238 O O   . HOH C 3 .   ? 11.02017  -2.55017  -2.59690  1.000 10.71561 ? 229 HOH A O   1 
HETATM 1239 O O   . HOH C 3 .   ? -2.12682  -3.20278  13.87083  1.000 26.72645 ? 230 HOH A O   1 
HETATM 1240 O O   . HOH C 3 .   ? -13.54024 3.88907   -3.02842  1.000 22.36427 ? 231 HOH A O   1 
HETATM 1241 O O   . HOH C 3 .   ? -11.19971 -10.10445 11.98879  1.000 29.32700 ? 232 HOH A O   1 
HETATM 1242 O O   . HOH C 3 .   ? -15.19965 -2.66802  4.46686   1.000 22.54257 ? 233 HOH A O   1 
HETATM 1243 O O   . HOH C 3 .   ? 14.43373  -6.59751  7.09297   1.000 23.84978 ? 234 HOH A O   1 
HETATM 1244 O O   . HOH C 3 .   ? -10.10180 1.50818   -11.52392 1.000 25.33585 ? 235 HOH A O   1 
HETATM 1245 O O   . HOH C 3 .   ? 10.94332  13.46084  2.58692   1.000 31.56115 ? 236 HOH A O   1 
HETATM 1246 O O   . HOH C 3 .   ? 19.11007  2.65673   1.29946   1.000 34.91735 ? 237 HOH A O   1 
HETATM 1247 O O   . HOH C 3 .   ? -18.12714 13.53406  -1.06061  1.000 17.62442 ? 238 HOH A O   1 
HETATM 1248 O O   . HOH C 3 .   ? 8.91711   -5.60617  -14.83290 1.000 27.87947 ? 239 HOH A O   1 
HETATM 1249 O O   . HOH C 3 .   ? -12.81454 9.66829   -8.00082  1.000 25.85469 ? 240 HOH A O   1 
HETATM 1250 O O   . HOH C 3 .   ? 4.80939   2.13626   18.89354  1.000 32.58249 ? 241 HOH A O   1 
HETATM 1251 O O   . HOH C 3 .   ? 18.68248  7.67658   5.93645   1.000 31.72042 ? 242 HOH A O   1 
HETATM 1252 O O   . HOH C 3 .   ? -8.72980  0.85608   15.77685  1.000 28.53404 ? 243 HOH A O   1 
HETATM 1253 O O   . HOH C 3 .   ? 1.48015   -12.46739 5.06075   1.000 23.52586 ? 244 HOH A O   1 
HETATM 1254 O O   . HOH C 3 .   ? -5.05357  -9.44418  -6.64006  1.000 23.83291 ? 245 HOH A O   1 
HETATM 1255 O O   . HOH C 3 .   ? -11.51020 16.64392  6.61275   1.000 15.59447 ? 246 HOH A O   1 
HETATM 1256 O O   . HOH C 3 .   ? 10.35564  -11.52044 5.47062   1.000 22.47307 ? 247 HOH A O   1 
HETATM 1257 O O   . HOH C 3 .   ? -17.12436 0.72369   6.39480   1.000 28.12902 ? 248 HOH A O   1 
HETATM 1258 O O   . HOH C 3 .   ? 7.87144   4.98292   19.46249  1.000 33.18068 ? 249 HOH A O   1 
HETATM 1259 O O   . HOH C 3 .   ? 13.42938  -10.63156 -9.83143  1.000 28.41387 ? 250 HOH A O   1 
HETATM 1260 O O   . HOH C 3 .   ? 10.53771  -14.75367 -6.20497  1.000 24.19125 ? 251 HOH A O   1 
HETATM 1261 O O   . HOH C 3 .   ? 12.30047  -0.58270  -15.49156 1.000 22.06996 ? 252 HOH A O   1 
HETATM 1262 O O   . HOH C 3 .   ? 10.31611  -9.74595  2.13201   1.000 12.92690 ? 253 HOH A O   1 
HETATM 1263 O O   . HOH C 3 .   ? -5.91885  -2.68659  15.38536  1.000 24.49715 ? 254 HOH A O   1 
HETATM 1264 O O   . HOH C 3 .   ? 15.71420  -8.38643  -4.84791  1.000 30.44623 ? 255 HOH A O   1 
HETATM 1265 O O   . HOH C 3 .   ? 8.84825   -15.10225 -9.52547  1.000 33.50036 ? 256 HOH A O   1 
HETATM 1266 O O   . HOH C 3 .   ? -14.40483 19.65513  1.93128   1.000 16.93031 ? 257 HOH A O   1 
HETATM 1267 O O   . HOH C 3 .   ? 11.38040  10.32292  10.16952  1.000 23.39284 ? 258 HOH A O   1 
HETATM 1268 O O   . HOH C 3 .   ? 12.78457  4.18351   14.06753  1.000 32.20946 ? 259 HOH A O   1 
HETATM 1269 O O   . HOH C 3 .   ? -12.12897 2.54831   -10.11418 1.000 22.70787 ? 260 HOH A O   1 
HETATM 1270 O O   . HOH C 3 .   ? 1.46519   3.15245   12.26317  1.000 20.13799 ? 261 HOH A O   1 
HETATM 1271 O O   . HOH C 3 .   ? 12.43052  -11.97877 2.91950   1.000 23.97914 ? 262 HOH A O   1 
HETATM 1272 O O   . HOH C 3 .   ? -17.66628 5.75723   9.12384   1.000 28.64936 ? 263 HOH A O   1 
HETATM 1273 O O   . HOH C 3 .   ? -19.08910 7.51016   -6.50309  1.000 26.14816 ? 264 HOH A O   1 
HETATM 1274 O O   . HOH C 3 .   ? -8.43935  3.75782   11.51066  1.000 15.04777 ? 265 HOH A O   1 
HETATM 1275 O O   . HOH C 3 .   ? 7.93851   3.26348   -11.21149 1.000 22.90499 ? 266 HOH A O   1 
HETATM 1276 O O   . HOH C 3 .   ? -4.20169  -17.05379 -0.24069  1.000 34.95461 ? 267 HOH A O   1 
HETATM 1277 O O   . HOH C 3 .   ? 4.00052   -14.17249 -10.94141 1.000 28.25929 ? 268 HOH A O   1 
HETATM 1278 O O   . HOH C 3 .   ? 10.66880  -7.93955  13.26625  1.000 19.06231 ? 269 HOH A O   1 
HETATM 1279 O O   . HOH C 3 .   ? 11.75022  -7.81201  -7.02004  1.000 25.08955 ? 270 HOH A O   1 
HETATM 1280 O O   . HOH C 3 .   ? 14.04042  -0.21422  -10.52918 1.000 25.40824 ? 271 HOH A O   1 
HETATM 1281 O O   . HOH C 3 .   ? 11.23547  -12.63473 0.60813   1.000 22.91477 ? 272 HOH A O   1 
HETATM 1282 O O   . HOH C 3 .   ? -10.24126 1.64156   12.47791  1.000 16.07489 ? 273 HOH A O   1 
HETATM 1283 O O   . HOH C 3 .   ? 11.57446  0.18441   -2.16242  1.000 12.99097 ? 274 HOH A O   1 
HETATM 1284 O O   . HOH C 3 .   ? 11.36659  4.66695   -6.31107  1.000 12.09928 ? 275 HOH A O   1 
HETATM 1285 O O   . HOH C 3 .   ? -11.40447 7.68594   10.98842  1.000 11.24398 ? 276 HOH A O   1 
HETATM 1286 O O   . HOH C 3 .   ? 17.77559  2.91299   -3.78976  1.000 40.37449 ? 277 HOH A O   1 
HETATM 1287 O O   . HOH C 3 .   ? -16.05517 7.35184   0.52150   1.000 18.06957 ? 278 HOH A O   1 
HETATM 1288 O O   . HOH C 3 .   ? 7.91299   -11.24902 9.78595   1.000 25.24665 ? 279 HOH A O   1 
HETATM 1289 O O   . HOH C 3 .   ? -8.09373  6.54805   10.92256  0.50  22.04550 ? 280 HOH A O   1 
HETATM 1290 O O   . HOH C 3 .   ? -11.79078 0.78610   10.50656  1.000 16.73955 ? 281 HOH A O   1 
HETATM 1291 O O   . HOH C 3 .   ? -17.17906 5.22192   1.86420   1.000 23.92937 ? 282 HOH A O   1 
HETATM 1292 O O   . HOH C 3 .   ? -1.68692  11.45280  0.63655   1.000 22.44229 ? 283 HOH A O   1 
HETATM 1293 O O   . HOH C 3 .   ? 7.04615   6.19058   -8.58671  1.000 21.71000 ? 284 HOH A O   1 
HETATM 1294 O O   . HOH C 3 .   ? -12.37507 18.07610  4.01654   1.000 25.74177 ? 285 HOH A O   1 
HETATM 1295 O O   . HOH C 3 .   ? 12.18709  4.08919   10.39503  1.000 13.13769 ? 286 HOH A O   1 
HETATM 1296 O O   . HOH C 3 .   ? -4.66319  -1.15214  -16.55463 1.000 23.18363 ? 287 HOH A O   1 
HETATM 1297 O O   . HOH C 3 .   ? -19.02184 -0.19807  -3.49531  1.000 28.62792 ? 288 HOH A O   1 
HETATM 1298 O O   . HOH C 3 .   ? -10.79965 -2.04917  13.82677  1.000 31.10916 ? 289 HOH A O   1 
HETATM 1299 O O   . HOH C 3 .   ? 13.61900  8.83071   12.89132  1.000 27.08116 ? 290 HOH A O   1 
HETATM 1300 O O   . HOH C 3 .   ? -15.56204 9.65629   -6.99641  1.000 23.60102 ? 291 HOH A O   1 
HETATM 1301 O O   . HOH C 3 .   ? 11.84398  8.23059   -6.80662  1.000 23.28833 ? 292 HOH A O   1 
HETATM 1302 O O   . HOH C 3 .   ? -12.13251 9.13072   -10.81648 1.000 42.64929 ? 293 HOH A O   1 
HETATM 1303 O O   . HOH C 3 .   ? 0.01197   13.33847  -11.28404 1.000 19.30458 ? 294 HOH A O   1 
HETATM 1304 O O   . HOH C 3 .   ? -7.99637  10.37664  -11.92511 1.000 22.88098 ? 295 HOH A O   1 
HETATM 1305 O O   . HOH C 3 .   ? -19.82941 9.29735   -0.24670  1.000 27.76920 ? 296 HOH A O   1 
HETATM 1306 O O   . HOH C 3 .   ? -2.22917  -13.55278 3.43367   1.000 18.56990 ? 297 HOH A O   1 
HETATM 1307 O O   . HOH C 3 .   ? 0.09628   2.30770   -15.74573 1.000 22.63131 ? 298 HOH A O   1 
HETATM 1308 O O   . HOH C 3 .   ? 10.06041  14.44016  -0.42765  1.000 30.15602 ? 299 HOH A O   1 
HETATM 1309 O O   . HOH C 3 .   ? -17.71951 3.08090   5.41073   1.000 27.81931 ? 300 HOH A O   1 
HETATM 1310 O O   . HOH C 3 .   ? -3.76418  -6.64606  12.92446  1.000 26.51994 ? 301 HOH A O   1 
HETATM 1311 O O   . HOH C 3 .   ? 19.62860  8.16593   8.51880   1.000 20.69789 ? 302 HOH A O   1 
HETATM 1312 O O   . HOH C 3 .   ? 16.99157  9.38033   10.62883  1.000 36.91798 ? 303 HOH A O   1 
HETATM 1313 O O   . HOH C 3 .   ? 9.65169   5.27552   -8.41170  1.000 17.89184 ? 304 HOH A O   1 
HETATM 1314 O O   . HOH C 3 .   ? 13.97550  -9.64903  5.73408   1.000 28.76602 ? 305 HOH A O   1 
HETATM 1315 O O   . HOH C 3 .   ? -13.31523 2.70233   -5.64260  1.000 21.87035 ? 306 HOH A O   1 
HETATM 1316 O O   . HOH C 3 .   ? 6.26261   13.44454  -7.96715  1.000 26.63262 ? 307 HOH A O   1 
HETATM 1317 O O   . HOH C 3 .   ? -7.21093  -4.11138  -8.35287  1.000 19.17265 ? 308 HOH A O   1 
HETATM 1318 O O   . HOH C 3 .   ? -2.28373  -10.66608 11.12759  1.000 22.99481 ? 309 HOH A O   1 
HETATM 1319 O O   . HOH C 3 .   ? 12.13752  12.08700  7.96388   1.000 19.23589 ? 310 HOH A O   1 
HETATM 1320 O O   . HOH C 3 .   ? 9.29857   12.59350  -7.35561  1.000 32.14279 ? 311 HOH A O   1 
HETATM 1321 O O   . HOH C 3 .   ? -6.15676  9.46347   9.16495   0.50  14.74026 ? 312 HOH A O   1 
HETATM 1322 O O   . HOH C 3 .   ? 5.68330   15.78608  -4.07086  1.000 33.67534 ? 313 HOH A O   1 
HETATM 1323 O O   . HOH C 3 .   ? 14.27212  -0.22455  10.97198  1.000 21.65468 ? 314 HOH A O   1 
HETATM 1324 O O   . HOH C 3 .   ? 4.93120   -1.82921  16.90411  1.000 24.08072 ? 315 HOH A O   1 
HETATM 1325 O O   . HOH C 3 .   ? 13.87837  -14.06543 -3.04365  1.000 29.06035 ? 316 HOH A O   1 
HETATM 1326 O O   . HOH C 3 .   ? 14.54900  9.03680   -2.70798  1.000 28.36623 ? 317 HOH A O   1 
HETATM 1327 O O   . HOH C 3 .   ? -11.16189 -11.62654 5.59129   1.000 32.53182 ? 318 HOH A O   1 
HETATM 1328 O O   . HOH C 3 .   ? 2.19307   12.71088  3.21749   1.000 23.89325 ? 319 HOH A O   1 
HETATM 1329 O O   . HOH C 3 .   ? -12.58838 15.37011  -3.51843  1.000 33.71833 ? 320 HOH A O   1 
HETATM 1330 O O   . HOH C 3 .   ? 2.87792   6.21819   -10.39286 1.000 25.49221 ? 321 HOH A O   1 
HETATM 1331 O O   . HOH C 3 .   ? 13.55206  -0.93886  13.45268  1.000 35.68219 ? 322 HOH A O   1 
HETATM 1332 O O   . HOH C 3 .   ? 1.48613   12.03031  6.54425   1.000 23.92526 ? 323 HOH A O   1 
HETATM 1333 O O   . HOH C 3 .   ? 0.73658   2.16119   18.68959  1.000 34.23025 ? 324 HOH A O   1 
HETATM 1334 O O   . HOH C 3 .   ? 0.12919   -18.18013 -2.06914  1.000 34.07822 ? 325 HOH A O   1 
HETATM 1335 O O   . HOH C 3 .   ? 14.19147  -7.15904  -6.77711  1.000 31.98756 ? 326 HOH A O   1 
HETATM 1336 O O   . HOH C 3 .   ? 10.49445  -6.08709  15.45072  1.000 24.48640 ? 327 HOH A O   1 
HETATM 1337 O O   . HOH C 3 .   ? -3.03376  -18.57777 -2.00155  1.000 30.59937 ? 328 HOH A O   1 
HETATM 1338 O O   . HOH C 3 .   ? 7.83189   -14.74320 -0.88279  1.000 31.65863 ? 329 HOH A O   1 
HETATM 1339 O O   . HOH C 3 .   ? -14.40058 16.38910  -2.57653  1.000 32.68804 ? 330 HOH A O   1 
HETATM 1340 O O   . HOH C 3 .   ? -9.77026  13.73961  -8.48783  1.000 33.85415 ? 331 HOH A O   1 
HETATM 1341 O O   . HOH C 3 .   ? 17.56942  -11.07624 -0.56317  1.000 37.10510 ? 332 HOH A O   1 
HETATM 1342 O O   . HOH C 3 .   ? -18.98519 4.96076   6.86753   1.000 35.88540 ? 333 HOH A O   1 
HETATM 1343 O O   . HOH C 3 .   ? 1.58326   15.23388  -9.88975  1.000 31.90466 ? 334 HOH A O   1 
HETATM 1344 O O   . HOH C 3 .   ? -11.87756 12.23320  -6.91468  1.000 29.83902 ? 335 HOH A O   1 
HETATM 1345 O O   . HOH C 3 .   ? 14.41300  8.44835   -5.32354  1.000 31.07091 ? 336 HOH A O   1 
HETATM 1346 O O   . HOH C 3 .   ? -1.40688  -1.33921  15.51708  1.000 34.48564 ? 337 HOH A O   1 
HETATM 1347 O O   . HOH C 3 .   ? -14.57376 1.69979   -10.34576 1.000 36.77500 ? 338 HOH A O   1 
HETATM 1348 O O   . HOH C 3 .   ? 16.36731  10.80215  -1.78158  1.000 35.05941 ? 339 HOH A O   1 
HETATM 1349 O O   . HOH C 3 .   ? -16.97493 15.39317  -3.01634  1.000 30.93562 ? 340 HOH A O   1 
HETATM 1350 O O   . HOH C 3 .   ? 16.78763  -2.19428  -4.75557  1.000 36.65828 ? 341 HOH A O   1 
HETATM 1351 O O   . HOH C 3 .   ? 1.93956   -12.94782 -10.33411 1.000 32.23484 ? 342 HOH A O   1 
HETATM 1352 O O   . HOH C 3 .   ? 12.86815  -5.25186  15.65333  1.000 37.16430 ? 343 HOH A O   1 
HETATM 1353 O O   . HOH C 3 .   ? -20.07957 8.14422   1.74763   1.000 37.85787 ? 344 HOH A O   1 
HETATM 1354 O O   . HOH C 3 .   ? 15.35662  6.51716   -6.07781  1.000 39.88416 ? 345 HOH A O   1 
HETATM 1355 O O   . HOH C 3 .   ? 12.48806  -14.76572 -0.99739  1.000 32.94125 ? 346 HOH A O   1 
HETATM 1356 O O   . HOH C 3 .   ? 10.77009  -7.42403  -15.61230 1.000 31.43989 ? 347 HOH A O   1 
HETATM 1357 O O   . HOH C 3 .   ? 13.86133  4.91342   -7.35872  1.000 26.02149 ? 348 HOH A O   1 
HETATM 1358 O O   . HOH C 3 .   ? -13.68761 13.68171  -5.42697  1.000 41.26831 ? 349 HOH A O   1 
HETATM 1359 O O   . HOH C 3 .   ? 19.25059  -4.65473  -3.36422  1.000 34.99499 ? 350 HOH A O   1 
HETATM 1360 O O   . HOH C 3 .   ? 23.30604  -9.20111  2.57562   1.000 35.89201 ? 351 HOH A O   1 
HETATM 1361 O O   . HOH C 3 .   ? -15.75160 12.58013  -6.77140  1.000 36.64615 ? 352 HOH A O   1 
HETATM 1362 O O   . HOH C 3 .   ? 16.99599  4.98934   -4.22886  1.000 37.37474 ? 353 HOH A O   1 
HETATM 1363 O O   . HOH C 3 .   ? 10.20936  13.82075  7.81474   1.000 38.76951 ? 354 HOH A O   1 
HETATM 1364 O O   . HOH C 3 .   ? -5.03963  -0.64339  17.27420  1.000 31.94424 ? 355 HOH A O   1 
HETATM 1365 O O   . HOH C 3 .   ? -9.50171  1.14794   17.85517  1.000 31.37491 ? 356 HOH A O   1 
# 
